data_4CL0
# 
_entry.id   4CL0 
# 
_audit_conform.dict_name       mmcif_pdbx.dic 
_audit_conform.dict_version    5.383 
_audit_conform.dict_location   http://mmcif.pdb.org/dictionaries/ascii/mmcif_pdbx.dic 
# 
loop_
_database_2.database_id 
_database_2.database_code 
_database_2.pdbx_database_accession 
_database_2.pdbx_DOI 
PDB   4CL0         pdb_00004cl0 10.2210/pdb4cl0/pdb 
PDBE  EBI-59208    ?            ?                   
WWPDB D_1290059208 ?            ?                   
# 
loop_
_pdbx_database_related.db_name 
_pdbx_database_related.db_id 
_pdbx_database_related.content_type 
_pdbx_database_related.details 
PDB 4CKW unspecified 'STRUCTURE OF THE MYCOBACTERIUM TUBERCULOSIS TYPE II DEHYDROQUINASE N12S MUTANT (CRYSTAL FORM 1)' 
PDB 4CKX unspecified 'STRUCTURE OF THE MYCOBACTERIUM TUBERCULOSIS TYPE II DEHYDROQUINASE N12S MUTANT (CRYSTAL FORM 2)' 
PDB 4CKY unspecified 
'STRUCTURE OF THE MYCOBACTERIUM TUBERCULOSIS TYPE II DEHYDROQUINASE INHIBITED BY A 3-DEHYDROQUINIC ACID DERIVATIVE' 
PDB 4CKZ unspecified 'STRUCTURE OF THE MYCOBACTERIUM TUBERCULOSIS TYPE II DEHYDROQUINASE D88N MUTANT' 
# 
_pdbx_database_status.status_code                     REL 
_pdbx_database_status.entry_id                        4CL0 
_pdbx_database_status.deposit_site                    PDBE 
_pdbx_database_status.process_site                    PDBE 
_pdbx_database_status.SG_entry                        . 
_pdbx_database_status.recvd_initial_deposition_date   2014-01-10 
_pdbx_database_status.pdb_format_compatible           Y 
_pdbx_database_status.status_code_sf                  REL 
_pdbx_database_status.status_code_mr                  ? 
_pdbx_database_status.status_code_cs                  ? 
_pdbx_database_status.methods_development_category    ? 
_pdbx_database_status.status_code_nmr_data            ? 
# 
loop_
_audit_author.name 
_audit_author.pdbx_ordinal 
_audit_author.identifier_ORCID 
'Otero, J.M.'        1 ? 
'Llamas-Saiz, A.L.'  2 ? 
'Maneiro, M.'        3 ? 
'Peon, A.'           4 ? 
'Sedes, A.'          5 ? 
'Lamb, H.'           6 ? 
'Hawkins, A.R.'      7 ? 
'Gonzalez-Bello, C.' 8 ? 
'van Raaij, M.J.'    9 ? 
# 
_citation.id                        primary 
_citation.title                     'Investigation of the Dehydratation Mechanism Catalyzed by the Type II Dehydroquinase' 
_citation.journal_abbrev            'To be Published' 
_citation.journal_volume            ? 
_citation.page_first                ? 
_citation.page_last                 ? 
_citation.year                      ? 
_citation.journal_id_ASTM           ? 
_citation.country                   ? 
_citation.journal_id_ISSN           ? 
_citation.journal_id_CSD            0353 
_citation.book_publisher            ? 
_citation.pdbx_database_id_PubMed   ? 
_citation.pdbx_database_id_DOI      ? 
# 
loop_
_citation_author.citation_id 
_citation_author.name 
_citation_author.ordinal 
_citation_author.identifier_ORCID 
primary 'Maneiro, M.'        1 ? 
primary 'Otero, J.M.'        2 ? 
primary 'Peon, A.'           3 ? 
primary 'Sedes, A.'          4 ? 
primary 'Llamas-Saiz, A.L.'  5 ? 
primary 'Lamb, H.'           6 ? 
primary 'Hawkins, A.R.'      7 ? 
primary 'van Raaij, M.J.'    8 ? 
primary 'Gonzalez-Bello, C.' 9 ? 
# 
_cell.entry_id           4CL0 
_cell.length_a           126.003 
_cell.length_b           126.003 
_cell.length_c           126.003 
_cell.angle_alpha        90.00 
_cell.angle_beta         90.00 
_cell.angle_gamma        90.00 
_cell.Z_PDB              48 
_cell.pdbx_unique_axis   ? 
# 
_symmetry.entry_id                         4CL0 
_symmetry.space_group_name_H-M             'F 2 3' 
_symmetry.pdbx_full_space_group_name_H-M   ? 
_symmetry.cell_setting                     ? 
_symmetry.Int_Tables_number                196 
# 
loop_
_entity.id 
_entity.type 
_entity.src_method 
_entity.pdbx_description 
_entity.formula_weight 
_entity.pdbx_number_of_molecules 
_entity.pdbx_ec 
_entity.pdbx_mutation 
_entity.pdbx_fragment 
_entity.details 
1 polymer     man '3-DEHYDROQUINATE DEHYDRATASE'       15676.737 1  4.2.1.10 ? ? ? 
2 non-polymer syn '(2R)-2-METHYL-3-DEHYDROQUINIC ACID' 204.177   1  ?        ? ? ? 
3 water       nat water                                18.015    13 ?        ? ? ? 
# 
_entity_name_com.entity_id   1 
_entity_name_com.name        '3-DEHYDROQUINASE, TYPE II DHQASE' 
# 
_entity_poly.entity_id                      1 
_entity_poly.type                           'polypeptide(L)' 
_entity_poly.nstd_linkage                   no 
_entity_poly.nstd_monomer                   no 
_entity_poly.pdbx_seq_one_letter_code       
;SELIVNVINGPNLGRLGRREPAVYGGTTHDELVALIEREAAELGLKAVVRQSDSEAQLLDWIHQAADAAEPVILNAGGLT
HTSVALRDACAELSAPLIEVHISNVHAREEFRRHSYLSPIATGVIVGLGIQGYLLALRYLAEHVGT
;
_entity_poly.pdbx_seq_one_letter_code_can   
;SELIVNVINGPNLGRLGRREPAVYGGTTHDELVALIEREAAELGLKAVVRQSDSEAQLLDWIHQAADAAEPVILNAGGLT
HTSVALRDACAELSAPLIEVHISNVHAREEFRRHSYLSPIATGVIVGLGIQGYLLALRYLAEHVGT
;
_entity_poly.pdbx_strand_id                 A 
_entity_poly.pdbx_target_identifier         ? 
# 
loop_
_entity_poly_seq.entity_id 
_entity_poly_seq.num 
_entity_poly_seq.mon_id 
_entity_poly_seq.hetero 
1 1   SER n 
1 2   GLU n 
1 3   LEU n 
1 4   ILE n 
1 5   VAL n 
1 6   ASN n 
1 7   VAL n 
1 8   ILE n 
1 9   ASN n 
1 10  GLY n 
1 11  PRO n 
1 12  ASN n 
1 13  LEU n 
1 14  GLY n 
1 15  ARG n 
1 16  LEU n 
1 17  GLY n 
1 18  ARG n 
1 19  ARG n 
1 20  GLU n 
1 21  PRO n 
1 22  ALA n 
1 23  VAL n 
1 24  TYR n 
1 25  GLY n 
1 26  GLY n 
1 27  THR n 
1 28  THR n 
1 29  HIS n 
1 30  ASP n 
1 31  GLU n 
1 32  LEU n 
1 33  VAL n 
1 34  ALA n 
1 35  LEU n 
1 36  ILE n 
1 37  GLU n 
1 38  ARG n 
1 39  GLU n 
1 40  ALA n 
1 41  ALA n 
1 42  GLU n 
1 43  LEU n 
1 44  GLY n 
1 45  LEU n 
1 46  LYS n 
1 47  ALA n 
1 48  VAL n 
1 49  VAL n 
1 50  ARG n 
1 51  GLN n 
1 52  SER n 
1 53  ASP n 
1 54  SER n 
1 55  GLU n 
1 56  ALA n 
1 57  GLN n 
1 58  LEU n 
1 59  LEU n 
1 60  ASP n 
1 61  TRP n 
1 62  ILE n 
1 63  HIS n 
1 64  GLN n 
1 65  ALA n 
1 66  ALA n 
1 67  ASP n 
1 68  ALA n 
1 69  ALA n 
1 70  GLU n 
1 71  PRO n 
1 72  VAL n 
1 73  ILE n 
1 74  LEU n 
1 75  ASN n 
1 76  ALA n 
1 77  GLY n 
1 78  GLY n 
1 79  LEU n 
1 80  THR n 
1 81  HIS n 
1 82  THR n 
1 83  SER n 
1 84  VAL n 
1 85  ALA n 
1 86  LEU n 
1 87  ARG n 
1 88  ASP n 
1 89  ALA n 
1 90  CYS n 
1 91  ALA n 
1 92  GLU n 
1 93  LEU n 
1 94  SER n 
1 95  ALA n 
1 96  PRO n 
1 97  LEU n 
1 98  ILE n 
1 99  GLU n 
1 100 VAL n 
1 101 HIS n 
1 102 ILE n 
1 103 SER n 
1 104 ASN n 
1 105 VAL n 
1 106 HIS n 
1 107 ALA n 
1 108 ARG n 
1 109 GLU n 
1 110 GLU n 
1 111 PHE n 
1 112 ARG n 
1 113 ARG n 
1 114 HIS n 
1 115 SER n 
1 116 TYR n 
1 117 LEU n 
1 118 SER n 
1 119 PRO n 
1 120 ILE n 
1 121 ALA n 
1 122 THR n 
1 123 GLY n 
1 124 VAL n 
1 125 ILE n 
1 126 VAL n 
1 127 GLY n 
1 128 LEU n 
1 129 GLY n 
1 130 ILE n 
1 131 GLN n 
1 132 GLY n 
1 133 TYR n 
1 134 LEU n 
1 135 LEU n 
1 136 ALA n 
1 137 LEU n 
1 138 ARG n 
1 139 TYR n 
1 140 LEU n 
1 141 ALA n 
1 142 GLU n 
1 143 HIS n 
1 144 VAL n 
1 145 GLY n 
1 146 THR n 
# 
_entity_src_gen.entity_id                          1 
_entity_src_gen.pdbx_src_id                        1 
_entity_src_gen.pdbx_alt_source_flag               sample 
_entity_src_gen.pdbx_seq_type                      ? 
_entity_src_gen.pdbx_beg_seq_num                   ? 
_entity_src_gen.pdbx_end_seq_num                   ? 
_entity_src_gen.gene_src_common_name               ? 
_entity_src_gen.gene_src_genus                     ? 
_entity_src_gen.pdbx_gene_src_gene                 ? 
_entity_src_gen.gene_src_species                   ? 
_entity_src_gen.gene_src_strain                    ? 
_entity_src_gen.gene_src_tissue                    ? 
_entity_src_gen.gene_src_tissue_fraction           ? 
_entity_src_gen.gene_src_details                   ? 
_entity_src_gen.pdbx_gene_src_fragment             ? 
_entity_src_gen.pdbx_gene_src_scientific_name      'MYCOBACTERIUM TUBERCULOSIS' 
_entity_src_gen.pdbx_gene_src_ncbi_taxonomy_id     1773 
_entity_src_gen.pdbx_gene_src_variant              ? 
_entity_src_gen.pdbx_gene_src_cell_line            ? 
_entity_src_gen.pdbx_gene_src_atcc                 27294 
_entity_src_gen.pdbx_gene_src_organ                ? 
_entity_src_gen.pdbx_gene_src_organelle            ? 
_entity_src_gen.pdbx_gene_src_cell                 ? 
_entity_src_gen.pdbx_gene_src_cellular_location    ? 
_entity_src_gen.host_org_common_name               ? 
_entity_src_gen.pdbx_host_org_scientific_name      'ESCHERICHIA COLI' 
_entity_src_gen.pdbx_host_org_ncbi_taxonomy_id     511693 
_entity_src_gen.host_org_genus                     ? 
_entity_src_gen.pdbx_host_org_gene                 ? 
_entity_src_gen.pdbx_host_org_organ                ? 
_entity_src_gen.host_org_species                   ? 
_entity_src_gen.pdbx_host_org_tissue               ? 
_entity_src_gen.pdbx_host_org_tissue_fraction      ? 
_entity_src_gen.pdbx_host_org_strain               BL21 
_entity_src_gen.pdbx_host_org_variant              SK3430 
_entity_src_gen.pdbx_host_org_cell_line            ? 
_entity_src_gen.pdbx_host_org_atcc                 ? 
_entity_src_gen.pdbx_host_org_culture_collection   ? 
_entity_src_gen.pdbx_host_org_cell                 ? 
_entity_src_gen.pdbx_host_org_organelle            ? 
_entity_src_gen.pdbx_host_org_cellular_location    ? 
_entity_src_gen.pdbx_host_org_vector_type          PLASMID 
_entity_src_gen.pdbx_host_org_vector               ? 
_entity_src_gen.host_org_details                   ? 
_entity_src_gen.expression_system_id               ? 
_entity_src_gen.plasmid_name                       PKK233-2 
_entity_src_gen.plasmid_details                    ? 
_entity_src_gen.pdbx_description                   ? 
# 
_struct_ref.id                         1 
_struct_ref.db_name                    UNP 
_struct_ref.db_code                    AROQ_MYCTU 
_struct_ref.entity_id                  1 
_struct_ref.pdbx_seq_one_letter_code   ? 
_struct_ref.pdbx_align_begin           ? 
_struct_ref.pdbx_db_accession          P0A4Z6 
_struct_ref.pdbx_db_isoform            ? 
# 
_struct_ref_seq.align_id                      1 
_struct_ref_seq.ref_id                        1 
_struct_ref_seq.pdbx_PDB_id_code              4CL0 
_struct_ref_seq.pdbx_strand_id                A 
_struct_ref_seq.seq_align_beg                 1 
_struct_ref_seq.pdbx_seq_align_beg_ins_code   ? 
_struct_ref_seq.seq_align_end                 146 
_struct_ref_seq.pdbx_seq_align_end_ins_code   ? 
_struct_ref_seq.pdbx_db_accession             P0A4Z6 
_struct_ref_seq.db_align_beg                  2 
_struct_ref_seq.pdbx_db_align_beg_ins_code    ? 
_struct_ref_seq.db_align_end                  147 
_struct_ref_seq.pdbx_db_align_end_ins_code    ? 
_struct_ref_seq.pdbx_auth_seq_align_beg       1 
_struct_ref_seq.pdbx_auth_seq_align_end       146 
# 
loop_
_chem_comp.id 
_chem_comp.type 
_chem_comp.mon_nstd_flag 
_chem_comp.name 
_chem_comp.pdbx_synonyms 
_chem_comp.formula 
_chem_comp.formula_weight 
9PY non-polymer         . '(2R)-2-METHYL-3-DEHYDROQUINIC ACID' ? 'C8 H12 O6'      204.177 
ALA 'L-peptide linking' y ALANINE                              ? 'C3 H7 N O2'     89.093  
ARG 'L-peptide linking' y ARGININE                             ? 'C6 H15 N4 O2 1' 175.209 
ASN 'L-peptide linking' y ASPARAGINE                           ? 'C4 H8 N2 O3'    132.118 
ASP 'L-peptide linking' y 'ASPARTIC ACID'                      ? 'C4 H7 N O4'     133.103 
CYS 'L-peptide linking' y CYSTEINE                             ? 'C3 H7 N O2 S'   121.158 
GLN 'L-peptide linking' y GLUTAMINE                            ? 'C5 H10 N2 O3'   146.144 
GLU 'L-peptide linking' y 'GLUTAMIC ACID'                      ? 'C5 H9 N O4'     147.129 
GLY 'peptide linking'   y GLYCINE                              ? 'C2 H5 N O2'     75.067  
HIS 'L-peptide linking' y HISTIDINE                            ? 'C6 H10 N3 O2 1' 156.162 
HOH non-polymer         . WATER                                ? 'H2 O'           18.015  
ILE 'L-peptide linking' y ISOLEUCINE                           ? 'C6 H13 N O2'    131.173 
LEU 'L-peptide linking' y LEUCINE                              ? 'C6 H13 N O2'    131.173 
LYS 'L-peptide linking' y LYSINE                               ? 'C6 H15 N2 O2 1' 147.195 
PHE 'L-peptide linking' y PHENYLALANINE                        ? 'C9 H11 N O2'    165.189 
PRO 'L-peptide linking' y PROLINE                              ? 'C5 H9 N O2'     115.130 
SER 'L-peptide linking' y SERINE                               ? 'C3 H7 N O3'     105.093 
THR 'L-peptide linking' y THREONINE                            ? 'C4 H9 N O3'     119.119 
TRP 'L-peptide linking' y TRYPTOPHAN                           ? 'C11 H12 N2 O2'  204.225 
TYR 'L-peptide linking' y TYROSINE                             ? 'C9 H11 N O3'    181.189 
VAL 'L-peptide linking' y VALINE                               ? 'C5 H11 N O2'    117.146 
# 
_exptl.entry_id          4CL0 
_exptl.method            'X-RAY DIFFRACTION' 
_exptl.crystals_number   1 
# 
_exptl_crystal.id                    1 
_exptl_crystal.density_meas          ? 
_exptl_crystal.density_Matthews      2.8 
_exptl_crystal.density_percent_sol   55.7 
_exptl_crystal.description           NONE 
# 
_exptl_crystal_grow.crystal_id      1 
_exptl_crystal_grow.method          ? 
_exptl_crystal_grow.temp            ? 
_exptl_crystal_grow.temp_details    ? 
_exptl_crystal_grow.pH              7.5 
_exptl_crystal_grow.pdbx_pH_range   ? 
_exptl_crystal_grow.pdbx_details    
;32% (V/V) 2-METHYL-2,4-PENTANEDIOL, 0.3 M AMMONIUM SULFATE, 0.1 M 4-(2-HYDROXYETHYL)-PIPERAZINE- 1-ETHANESULFONIC ACID SODIUM SALT (HEPES) PH 7.5
;
# 
_diffrn.id                     1 
_diffrn.ambient_temp           100 
_diffrn.ambient_temp_details   ? 
_diffrn.crystal_id             1 
# 
_diffrn_detector.diffrn_id              1 
_diffrn_detector.detector               PIXEL 
_diffrn_detector.type                   'DECTRIS PILATUS 6M' 
_diffrn_detector.pdbx_collection_date   2013-05-07 
_diffrn_detector.details                'CYLINDRICAL GRAZING INCIDENCE MIRROR' 
# 
_diffrn_radiation.diffrn_id                        1 
_diffrn_radiation.wavelength_id                    1 
_diffrn_radiation.pdbx_monochromatic_or_laue_m_l   M 
_diffrn_radiation.monochromator                    'CHANNEL-CUT DOUBLE CRYSTAL MONOCHROMATOR' 
_diffrn_radiation.pdbx_diffrn_protocol             'SINGLE WAVELENGTH' 
_diffrn_radiation.pdbx_scattering_type             x-ray 
# 
_diffrn_radiation_wavelength.id           1 
_diffrn_radiation_wavelength.wavelength   0.97908 
_diffrn_radiation_wavelength.wt           1.0 
# 
_diffrn_source.diffrn_id                   1 
_diffrn_source.source                      SYNCHROTRON 
_diffrn_source.type                        'ESRF BEAMLINE ID29' 
_diffrn_source.pdbx_synchrotron_site       ESRF 
_diffrn_source.pdbx_synchrotron_beamline   ID29 
_diffrn_source.pdbx_wavelength             0.97908 
_diffrn_source.pdbx_wavelength_list        ? 
# 
_reflns.pdbx_diffrn_id               1 
_reflns.pdbx_ordinal                 1 
_reflns.entry_id                     4CL0 
_reflns.observed_criterion_sigma_I   -3.0 
_reflns.observed_criterion_sigma_F   ? 
_reflns.d_resolution_low             44.55 
_reflns.d_resolution_high            3.10 
_reflns.number_obs                   3177 
_reflns.number_all                   ? 
_reflns.percent_possible_obs         100.0 
_reflns.pdbx_Rmerge_I_obs            0.11 
_reflns.pdbx_Rsym_value              ? 
_reflns.pdbx_netI_over_sigmaI        19.90 
_reflns.B_iso_Wilson_estimate        39.0 
_reflns.pdbx_redundancy              9.8 
# 
_reflns_shell.pdbx_diffrn_id         1 
_reflns_shell.pdbx_ordinal           1 
_reflns_shell.d_res_high             3.10 
_reflns_shell.d_res_low              3.27 
_reflns_shell.percent_possible_all   100.0 
_reflns_shell.Rmerge_I_obs           0.35 
_reflns_shell.pdbx_Rsym_value        ? 
_reflns_shell.meanI_over_sigI_obs    7.60 
_reflns_shell.pdbx_redundancy        9.7 
# 
_refine.pdbx_refine_id                           'X-RAY DIFFRACTION' 
_refine.entry_id                                 4CL0 
_refine.pdbx_diffrn_id                           1 
_refine.pdbx_TLS_residual_ADP_flag               ? 
_refine.ls_number_reflns_obs                     2970 
_refine.ls_number_reflns_all                     ? 
_refine.pdbx_ls_sigma_I                          ? 
_refine.pdbx_ls_sigma_F                          . 
_refine.pdbx_data_cutoff_high_absF               ? 
_refine.pdbx_data_cutoff_low_absF                ? 
_refine.pdbx_data_cutoff_high_rms_absF           ? 
_refine.ls_d_res_low                             44.59 
_refine.ls_d_res_high                            3.10 
_refine.ls_percent_reflns_obs                    99.90 
_refine.ls_R_factor_obs                          0.13607 
_refine.ls_R_factor_all                          ? 
_refine.ls_R_factor_R_work                       0.13199 
_refine.ls_R_factor_R_free                       0.22814 
_refine.ls_R_factor_R_free_error                 ? 
_refine.ls_R_factor_R_free_error_details         ? 
_refine.ls_percent_reflns_R_free                 4.4 
_refine.ls_number_reflns_R_free                  137 
_refine.ls_number_parameters                     ? 
_refine.ls_number_restraints                     ? 
_refine.occupancy_min                            ? 
_refine.occupancy_max                            ? 
_refine.correlation_coeff_Fo_to_Fc               0.959 
_refine.correlation_coeff_Fo_to_Fc_free          0.862 
_refine.B_iso_mean                               47.750 
_refine.aniso_B[1][1]                            0.00 
_refine.aniso_B[2][2]                            0.00 
_refine.aniso_B[3][3]                            0.00 
_refine.aniso_B[1][2]                            0.00 
_refine.aniso_B[1][3]                            0.00 
_refine.aniso_B[2][3]                            0.00 
_refine.solvent_model_details                    MASK 
_refine.solvent_model_param_ksol                 ? 
_refine.solvent_model_param_bsol                 ? 
_refine.pdbx_solvent_vdw_probe_radii             1.20 
_refine.pdbx_solvent_ion_probe_radii             0.80 
_refine.pdbx_solvent_shrinkage_radii             0.80 
_refine.pdbx_ls_cross_valid_method               THROUGHOUT 
_refine.details                                  
;HYDROGENS HAVE BEEN ADDED IN THE RIDING POSITIONS. U VALUES ARE REFINED INDIVIDUALLY. ARG-18 AND GLU-42 SIDE CHAINS ARE MISSING BY DISORDER IN THE STRUCTURE. INHIBITOR INCLUDED IN ENZYME ACTIVE SITE BY SOAKING OF APO-CRYSTALS IN INHIBITOR SOLUTION
;
_refine.pdbx_starting_model                      'PDB ENTRY 2Y71' 
_refine.pdbx_method_to_determine_struct          'MOLECULAR REPLACEMENT' 
_refine.pdbx_isotropic_thermal_model             ? 
_refine.pdbx_stereochemistry_target_values       'MAXIMUM LIKELIHOOD' 
_refine.pdbx_stereochem_target_val_spec_case     ? 
_refine.pdbx_R_Free_selection_details            RANDOM 
_refine.pdbx_overall_ESU_R                       ? 
_refine.pdbx_overall_ESU_R_Free                  0.434 
_refine.overall_SU_ML                            0.267 
_refine.pdbx_overall_phase_error                 ? 
_refine.overall_SU_B                             15.610 
_refine.overall_SU_R_Cruickshank_DPI             ? 
_refine.pdbx_overall_SU_R_free_Cruickshank_DPI   ? 
_refine.pdbx_overall_SU_R_Blow_DPI               ? 
_refine.pdbx_overall_SU_R_free_Blow_DPI          ? 
# 
_refine_hist.pdbx_refine_id                   'X-RAY DIFFRACTION' 
_refine_hist.cycle_id                         LAST 
_refine_hist.pdbx_number_atoms_protein        1051 
_refine_hist.pdbx_number_atoms_nucleic_acid   0 
_refine_hist.pdbx_number_atoms_ligand         14 
_refine_hist.number_atoms_solvent             13 
_refine_hist.number_atoms_total               1078 
_refine_hist.d_res_high                       3.10 
_refine_hist.d_res_low                        44.59 
# 
loop_
_refine_ls_restr.type 
_refine_ls_restr.dev_ideal 
_refine_ls_restr.dev_ideal_target 
_refine_ls_restr.weight 
_refine_ls_restr.number 
_refine_ls_restr.pdbx_refine_id 
_refine_ls_restr.pdbx_restraint_function 
r_bond_refined_d             0.011  0.019  ? 1089 'X-RAY DIFFRACTION' ? 
r_bond_other_d               0.001  0.020  ? 1064 'X-RAY DIFFRACTION' ? 
r_angle_refined_deg          1.393  1.978  ? 1489 'X-RAY DIFFRACTION' ? 
r_angle_other_deg            0.785  3.003  ? 2430 'X-RAY DIFFRACTION' ? 
r_dihedral_angle_1_deg       6.560  5.000  ? 141  'X-RAY DIFFRACTION' ? 
r_dihedral_angle_2_deg       34.295 23.617 ? 47   'X-RAY DIFFRACTION' ? 
r_dihedral_angle_3_deg       12.865 15.000 ? 170  'X-RAY DIFFRACTION' ? 
r_dihedral_angle_4_deg       13.305 15.000 ? 9    'X-RAY DIFFRACTION' ? 
r_chiral_restr               0.067  0.200  ? 180  'X-RAY DIFFRACTION' ? 
r_gen_planes_refined         0.004  0.021  ? 1245 'X-RAY DIFFRACTION' ? 
r_gen_planes_other           0.001  0.020  ? 240  'X-RAY DIFFRACTION' ? 
r_nbd_refined                0.214  0.200  ? 259  'X-RAY DIFFRACTION' ? 
r_nbd_other                  0.175  0.200  ? 1060 'X-RAY DIFFRACTION' ? 
r_nbtor_refined              0.172  0.200  ? 542  'X-RAY DIFFRACTION' ? 
r_nbtor_other                0.085  0.200  ? 680  'X-RAY DIFFRACTION' ? 
r_xyhbond_nbd_refined        0.226  0.200  ? 11   'X-RAY DIFFRACTION' ? 
r_xyhbond_nbd_other          0.035  0.200  ? 1    'X-RAY DIFFRACTION' ? 
r_metal_ion_refined          ?      ?      ? ?    'X-RAY DIFFRACTION' ? 
r_metal_ion_other            ?      ?      ? ?    'X-RAY DIFFRACTION' ? 
r_symmetry_vdw_refined       0.096  0.200  ? 9    'X-RAY DIFFRACTION' ? 
r_symmetry_vdw_other         0.189  0.200  ? 41   'X-RAY DIFFRACTION' ? 
r_symmetry_hbond_refined     0.257  0.200  ? 5    'X-RAY DIFFRACTION' ? 
r_symmetry_hbond_other       ?      ?      ? ?    'X-RAY DIFFRACTION' ? 
r_symmetry_metal_ion_refined ?      ?      ? ?    'X-RAY DIFFRACTION' ? 
r_symmetry_metal_ion_other   ?      ?      ? ?    'X-RAY DIFFRACTION' ? 
r_mcbond_it                  2.938  4.823  ? 1089 'X-RAY DIFFRACTION' ? 
r_mcbond_other               0.553  4.879  ? 1064 'X-RAY DIFFRACTION' ? 
r_mcangle_it                 4.858  7.175  ? 1488 'X-RAY DIFFRACTION' ? 
r_mcangle_other              ?      ?      ? ?    'X-RAY DIFFRACTION' ? 
r_scbond_it                  6.425  47.988 ? 1970 'X-RAY DIFFRACTION' ? 
r_scbond_other               ?      ?      ? ?    'X-RAY DIFFRACTION' ? 
r_scangle_it                 2.440  7.298  ? 2430 'X-RAY DIFFRACTION' ? 
r_scangle_other              ?      ?      ? ?    'X-RAY DIFFRACTION' ? 
r_long_range_B_refined       ?      ?      ? ?    'X-RAY DIFFRACTION' ? 
r_long_range_B_other         ?      ?      ? ?    'X-RAY DIFFRACTION' ? 
r_rigid_bond_restr           ?      ?      ? ?    'X-RAY DIFFRACTION' ? 
r_sphericity_free            ?      ?      ? ?    'X-RAY DIFFRACTION' ? 
r_sphericity_bonded          ?      ?      ? ?    'X-RAY DIFFRACTION' ? 
# 
_refine_ls_shell.pdbx_refine_id                   'X-RAY DIFFRACTION' 
_refine_ls_shell.pdbx_total_number_of_bins_used   5 
_refine_ls_shell.d_res_high                       3.100 
_refine_ls_shell.d_res_low                        3.465 
_refine_ls_shell.number_reflns_R_work             823 
_refine_ls_shell.R_factor_R_work                  0.173 
_refine_ls_shell.percent_reflns_obs               100.00 
_refine_ls_shell.R_factor_R_free                  0.289 
_refine_ls_shell.R_factor_R_free_error            ? 
_refine_ls_shell.percent_reflns_R_free            ? 
_refine_ls_shell.number_reflns_R_free             42 
_refine_ls_shell.number_reflns_all                ? 
_refine_ls_shell.R_factor_all                     ? 
# 
_struct.entry_id                  4CL0 
_struct.title                     
'Structure of the Mycobacterium tuberculosis Type II Dehydroquinase inhibited by a 3-dehydroquinic acid derivative' 
_struct.pdbx_model_details        ? 
_struct.pdbx_CASP_flag            ? 
_struct.pdbx_model_type_details   ? 
# 
_struct_keywords.entry_id        4CL0 
_struct_keywords.pdbx_keywords   LYASE 
_struct_keywords.text            
'BACTERIAL PROTEINS, TYPE 2 DEHYDROQUINASE, LYASE, INHIBITOR, PROTEIN BINDING, SHIKIMIS ACID PATHWAY, SUBSTRATE SPECIFICITY' 
# 
loop_
_struct_asym.id 
_struct_asym.pdbx_blank_PDB_chainid_flag 
_struct_asym.pdbx_modified 
_struct_asym.entity_id 
_struct_asym.details 
A N N 1 ? 
B N N 2 ? 
C N N 3 ? 
# 
loop_
_struct_conf.conf_type_id 
_struct_conf.id 
_struct_conf.pdbx_PDB_helix_id 
_struct_conf.beg_label_comp_id 
_struct_conf.beg_label_asym_id 
_struct_conf.beg_label_seq_id 
_struct_conf.pdbx_beg_PDB_ins_code 
_struct_conf.end_label_comp_id 
_struct_conf.end_label_asym_id 
_struct_conf.end_label_seq_id 
_struct_conf.pdbx_end_PDB_ins_code 
_struct_conf.beg_auth_comp_id 
_struct_conf.beg_auth_asym_id 
_struct_conf.beg_auth_seq_id 
_struct_conf.end_auth_comp_id 
_struct_conf.end_auth_asym_id 
_struct_conf.end_auth_seq_id 
_struct_conf.pdbx_PDB_helix_class 
_struct_conf.details 
_struct_conf.pdbx_PDB_helix_length 
HELX_P HELX_P1  1  ASN A 12  ? LEU A 16  ? ASN A 12  LEU A 16  5 ? 5  
HELX_P HELX_P2  2  GLU A 20  ? GLY A 25  ? GLU A 20  GLY A 25  1 ? 6  
HELX_P HELX_P3  3  THR A 28  ? GLY A 44  ? THR A 28  GLY A 44  1 ? 17 
HELX_P HELX_P4  4  SER A 54  ? ALA A 69  ? SER A 54  ALA A 69  1 ? 16 
HELX_P HELX_P5  5  ALA A 76  ? THR A 82  ? ALA A 76  THR A 82  5 ? 7  
HELX_P HELX_P6  6  SER A 83  ? ALA A 91  ? SER A 83  ALA A 91  1 ? 9  
HELX_P HELX_P7  7  ASN A 104 ? ARG A 108 ? ASN A 104 ARG A 108 5 ? 5  
HELX_P HELX_P8  8  GLU A 109 ? HIS A 114 ? GLU A 109 HIS A 114 5 ? 6  
HELX_P HELX_P9  9  LEU A 117 ? ALA A 121 ? LEU A 117 ALA A 121 5 ? 5  
HELX_P HELX_P10 10 ILE A 130 ? GLU A 142 ? ILE A 130 GLU A 142 1 ? 13 
# 
_struct_conf_type.id          HELX_P 
_struct_conf_type.criteria    ? 
_struct_conf_type.reference   ? 
# 
_struct_sheet.id               AA 
_struct_sheet.type             ? 
_struct_sheet.number_strands   5 
_struct_sheet.details          ? 
# 
loop_
_struct_sheet_order.sheet_id 
_struct_sheet_order.range_id_1 
_struct_sheet_order.range_id_2 
_struct_sheet_order.offset 
_struct_sheet_order.sense 
AA 1 2 ? parallel 
AA 2 3 ? parallel 
AA 3 4 ? parallel 
AA 4 5 ? parallel 
# 
loop_
_struct_sheet_range.sheet_id 
_struct_sheet_range.id 
_struct_sheet_range.beg_label_comp_id 
_struct_sheet_range.beg_label_asym_id 
_struct_sheet_range.beg_label_seq_id 
_struct_sheet_range.pdbx_beg_PDB_ins_code 
_struct_sheet_range.end_label_comp_id 
_struct_sheet_range.end_label_asym_id 
_struct_sheet_range.end_label_seq_id 
_struct_sheet_range.pdbx_end_PDB_ins_code 
_struct_sheet_range.beg_auth_comp_id 
_struct_sheet_range.beg_auth_asym_id 
_struct_sheet_range.beg_auth_seq_id 
_struct_sheet_range.end_auth_comp_id 
_struct_sheet_range.end_auth_asym_id 
_struct_sheet_range.end_auth_seq_id 
AA 1 LYS A 46  ? GLN A 51  ? LYS A 46  GLN A 51  
AA 2 ILE A 4   ? ASN A 9   ? ILE A 4   ASN A 9   
AA 3 VAL A 72  ? ASN A 75  ? VAL A 72  ASN A 75  
AA 4 LEU A 97  ? HIS A 101 ? LEU A 97  HIS A 101 
AA 5 GLY A 123 ? VAL A 126 ? GLY A 123 VAL A 126 
# 
loop_
_pdbx_struct_sheet_hbond.sheet_id 
_pdbx_struct_sheet_hbond.range_id_1 
_pdbx_struct_sheet_hbond.range_id_2 
_pdbx_struct_sheet_hbond.range_1_label_atom_id 
_pdbx_struct_sheet_hbond.range_1_label_comp_id 
_pdbx_struct_sheet_hbond.range_1_label_asym_id 
_pdbx_struct_sheet_hbond.range_1_label_seq_id 
_pdbx_struct_sheet_hbond.range_1_PDB_ins_code 
_pdbx_struct_sheet_hbond.range_1_auth_atom_id 
_pdbx_struct_sheet_hbond.range_1_auth_comp_id 
_pdbx_struct_sheet_hbond.range_1_auth_asym_id 
_pdbx_struct_sheet_hbond.range_1_auth_seq_id 
_pdbx_struct_sheet_hbond.range_2_label_atom_id 
_pdbx_struct_sheet_hbond.range_2_label_comp_id 
_pdbx_struct_sheet_hbond.range_2_label_asym_id 
_pdbx_struct_sheet_hbond.range_2_label_seq_id 
_pdbx_struct_sheet_hbond.range_2_PDB_ins_code 
_pdbx_struct_sheet_hbond.range_2_auth_atom_id 
_pdbx_struct_sheet_hbond.range_2_auth_comp_id 
_pdbx_struct_sheet_hbond.range_2_auth_asym_id 
_pdbx_struct_sheet_hbond.range_2_auth_seq_id 
AA 1 2 N VAL A 48 ? N VAL A 48 O VAL A 5   ? O VAL A 5   
AA 2 3 N ILE A 8  ? N ILE A 8  O ILE A 73  ? O ILE A 73  
AA 3 4 N LEU A 74 ? N LEU A 74 O ILE A 98  ? O ILE A 98  
AA 4 5 N GLU A 99 ? N GLU A 99 O GLY A 123 ? O GLY A 123 
# 
_struct_site.id                   AC1 
_struct_site.pdbx_evidence_code   Software 
_struct_site.pdbx_auth_asym_id    A 
_struct_site.pdbx_auth_comp_id    9PY 
_struct_site.pdbx_auth_seq_id     1143 
_struct_site.pdbx_auth_ins_code   ? 
_struct_site.pdbx_num_residues    13 
_struct_site.details              'BINDING SITE FOR RESIDUE 9PY A 1143' 
# 
loop_
_struct_site_gen.id 
_struct_site_gen.site_id 
_struct_site_gen.pdbx_num_res 
_struct_site_gen.label_comp_id 
_struct_site_gen.label_asym_id 
_struct_site_gen.label_seq_id 
_struct_site_gen.pdbx_auth_ins_code 
_struct_site_gen.auth_comp_id 
_struct_site_gen.auth_asym_id 
_struct_site_gen.auth_seq_id 
_struct_site_gen.label_atom_id 
_struct_site_gen.label_alt_id 
_struct_site_gen.symmetry 
_struct_site_gen.details 
1  AC1 13 LEU A 13  ? LEU A 13  . ? 1_555 ? 
2  AC1 13 ARG A 19  ? ARG A 19  . ? 1_555 ? 
3  AC1 13 TYR A 24  ? TYR A 24  . ? 1_555 ? 
4  AC1 13 ASN A 75  ? ASN A 75  . ? 1_555 ? 
5  AC1 13 GLY A 77  ? GLY A 77  . ? 1_555 ? 
6  AC1 13 GLY A 78  ? GLY A 78  . ? 1_555 ? 
7  AC1 13 HIS A 81  ? HIS A 81  . ? 1_555 ? 
8  AC1 13 ASP A 88  ? ASP A 88  . ? 9_555 ? 
9  AC1 13 HIS A 101 ? HIS A 101 . ? 1_555 ? 
10 AC1 13 ILE A 102 ? ILE A 102 . ? 1_555 ? 
11 AC1 13 SER A 103 ? SER A 103 . ? 1_555 ? 
12 AC1 13 VAL A 105 ? VAL A 105 . ? 1_555 ? 
13 AC1 13 ARG A 112 ? ARG A 112 . ? 1_555 ? 
# 
_atom_sites.entry_id                    4CL0 
_atom_sites.fract_transf_matrix[1][1]   -0.00686279 
_atom_sites.fract_transf_matrix[1][2]   0.00300166 
_atom_sites.fract_transf_matrix[1][3]   -0.00262150 
_atom_sites.fract_transf_matrix[2][1]   -0.00396936 
_atom_sites.fract_transf_matrix[2][2]   -0.00468262 
_atom_sites.fract_transf_matrix[2][3]   0.00502964 
_atom_sites.fract_transf_matrix[3][1]   0.00035557 
_atom_sites.fract_transf_matrix[3][2]   0.00566067 
_atom_sites.fract_transf_matrix[3][3]   0.00555072 
_atom_sites.fract_transf_vector[1]      0.066749 
_atom_sites.fract_transf_vector[2]      0.065117 
_atom_sites.fract_transf_vector[3]      0.237782 
# 
loop_
_atom_type.symbol 
C 
N 
O 
S 
# 
loop_
_atom_site.group_PDB 
_atom_site.id 
_atom_site.type_symbol 
_atom_site.label_atom_id 
_atom_site.label_alt_id 
_atom_site.label_comp_id 
_atom_site.label_asym_id 
_atom_site.label_entity_id 
_atom_site.label_seq_id 
_atom_site.pdbx_PDB_ins_code 
_atom_site.Cartn_x 
_atom_site.Cartn_y 
_atom_site.Cartn_z 
_atom_site.occupancy 
_atom_site.B_iso_or_equiv 
_atom_site.pdbx_formal_charge 
_atom_site.auth_seq_id 
_atom_site.auth_comp_id 
_atom_site.auth_asym_id 
_atom_site.auth_atom_id 
_atom_site.pdbx_PDB_model_num 
ATOM   1    N N   . LEU A 1 3   ? -2.004  17.236  0.972   1.00 48.88 ? 3    LEU A N   1 
ATOM   2    C CA  . LEU A 1 3   ? -2.640  17.299  2.334   1.00 53.39 ? 3    LEU A CA  1 
ATOM   3    C C   . LEU A 1 3   ? -3.323  16.014  2.875   1.00 52.95 ? 3    LEU A C   1 
ATOM   4    O O   . LEU A 1 3   ? -3.267  15.728  4.077   1.00 48.48 ? 3    LEU A O   1 
ATOM   5    C CB  . LEU A 1 3   ? -3.651  18.428  2.357   1.00 59.79 ? 3    LEU A CB  1 
ATOM   6    C CG  . LEU A 1 3   ? -4.505  18.599  3.630   1.00 67.85 ? 3    LEU A CG  1 
ATOM   7    C CD1 . LEU A 1 3   ? -3.769  18.511  4.982   1.00 62.57 ? 3    LEU A CD1 1 
ATOM   8    C CD2 . LEU A 1 3   ? -5.225  19.941  3.490   1.00 73.26 ? 3    LEU A CD2 1 
ATOM   9    N N   . ILE A 1 4   ? -4.005  15.273  2.003   1.00 53.37 ? 4    ILE A N   1 
ATOM   10   C CA  . ILE A 1 4   ? -4.581  13.963  2.349   1.00 49.14 ? 4    ILE A CA  1 
ATOM   11   C C   . ILE A 1 4   ? -3.959  12.854  1.512   1.00 49.37 ? 4    ILE A C   1 
ATOM   12   O O   . ILE A 1 4   ? -3.857  12.973  0.272   1.00 48.10 ? 4    ILE A O   1 
ATOM   13   C CB  . ILE A 1 4   ? -6.089  13.916  2.056   1.00 46.68 ? 4    ILE A CB  1 
ATOM   14   C CG1 . ILE A 1 4   ? -6.812  14.925  2.936   1.00 47.35 ? 4    ILE A CG1 1 
ATOM   15   C CG2 . ILE A 1 4   ? -6.646  12.500  2.233   1.00 43.84 ? 4    ILE A CG2 1 
ATOM   16   C CD1 . ILE A 1 4   ? -8.193  15.275  2.428   1.00 49.61 ? 4    ILE A CD1 1 
ATOM   17   N N   . VAL A 1 5   ? -3.597  11.767  2.192   1.00 48.23 ? 5    VAL A N   1 
ATOM   18   C CA  . VAL A 1 5   ? -3.076  10.560  1.551   1.00 47.91 ? 5    VAL A CA  1 
ATOM   19   C C   . VAL A 1 5   ? -3.933  9.352   1.907   1.00 44.88 ? 5    VAL A C   1 
ATOM   20   O O   . VAL A 1 5   ? -4.363  9.167   3.061   1.00 44.35 ? 5    VAL A O   1 
ATOM   21   C CB  . VAL A 1 5   ? -1.621  10.259  1.985   1.00 51.34 ? 5    VAL A CB  1 
ATOM   22   C CG1 . VAL A 1 5   ? -1.082  9.012   1.280   1.00 51.85 ? 5    VAL A CG1 1 
ATOM   23   C CG2 . VAL A 1 5   ? -0.726  11.464  1.716   1.00 52.88 ? 5    VAL A CG2 1 
ATOM   24   N N   . ASN A 1 6   ? -4.160  8.517   0.908   1.00 40.73 ? 6    ASN A N   1 
ATOM   25   C CA  . ASN A 1 6   ? -4.854  7.282   1.134   1.00 38.67 ? 6    ASN A CA  1 
ATOM   26   C C   . ASN A 1 6   ? -3.852  6.186   1.207   1.00 35.40 ? 6    ASN A C   1 
ATOM   27   O O   . ASN A 1 6   ? -3.045  6.026   0.311   1.00 34.14 ? 6    ASN A O   1 
ATOM   28   C CB  . ASN A 1 6   ? -5.838  7.028   0.016   1.00 39.63 ? 6    ASN A CB  1 
ATOM   29   C CG  . ASN A 1 6   ? -6.954  8.021   0.041   1.00 41.39 ? 6    ASN A CG  1 
ATOM   30   O OD1 . ASN A 1 6   ? -7.713  8.074   1.005   1.00 43.20 ? 6    ASN A OD1 1 
ATOM   31   N ND2 . ASN A 1 6   ? -7.028  8.861   -0.980  1.00 43.50 ? 6    ASN A ND2 1 
ATOM   32   N N   . VAL A 1 7   ? -3.890  5.445   2.294   1.00 33.52 ? 7    VAL A N   1 
ATOM   33   C CA  . VAL A 1 7   ? -3.126  4.236   2.368   1.00 34.52 ? 7    VAL A CA  1 
ATOM   34   C C   . VAL A 1 7   ? -4.073  3.052   2.208   1.00 35.40 ? 7    VAL A C   1 
ATOM   35   O O   . VAL A 1 7   ? -5.059  2.905   2.937   1.00 32.53 ? 7    VAL A O   1 
ATOM   36   C CB  . VAL A 1 7   ? -2.332  4.155   3.670   1.00 35.04 ? 7    VAL A CB  1 
ATOM   37   C CG1 . VAL A 1 7   ? -1.470  2.899   3.675   1.00 35.11 ? 7    VAL A CG1 1 
ATOM   38   C CG2 . VAL A 1 7   ? -1.496  5.422   3.839   1.00 34.85 ? 7    VAL A CG2 1 
ATOM   39   N N   . ILE A 1 8   ? -3.777  2.218   1.219   1.00 38.09 ? 8    ILE A N   1 
ATOM   40   C CA  . ILE A 1 8   ? -4.684  1.148   0.859   1.00 39.82 ? 8    ILE A CA  1 
ATOM   41   C C   . ILE A 1 8   ? -3.976  -0.193  0.904   1.00 39.13 ? 8    ILE A C   1 
ATOM   42   O O   . ILE A 1 8   ? -2.966  -0.422  0.231   1.00 37.54 ? 8    ILE A O   1 
ATOM   43   C CB  . ILE A 1 8   ? -5.362  1.417   -0.500  1.00 41.07 ? 8    ILE A CB  1 
ATOM   44   C CG1 . ILE A 1 8   ? -6.240  2.666   -0.376  1.00 41.16 ? 8    ILE A CG1 1 
ATOM   45   C CG2 . ILE A 1 8   ? -6.224  0.230   -0.930  1.00 40.85 ? 8    ILE A CG2 1 
ATOM   46   C CD1 . ILE A 1 8   ? -6.826  3.150   -1.678  1.00 42.23 ? 8    ILE A CD1 1 
ATOM   47   N N   . ASN A 1 9   ? -4.535  -1.065  1.732   1.00 39.45 ? 9    ASN A N   1 
ATOM   48   C CA  . ASN A 1 9   ? -3.983  -2.368  1.984   1.00 38.06 ? 9    ASN A CA  1 
ATOM   49   C C   . ASN A 1 9   ? -4.916  -3.475  1.516   1.00 37.48 ? 9    ASN A C   1 
ATOM   50   O O   . ASN A 1 9   ? -6.108  -3.499  1.853   1.00 34.20 ? 9    ASN A O   1 
ATOM   51   C CB  . ASN A 1 9   ? -3.658  -2.488  3.464   1.00 37.44 ? 9    ASN A CB  1 
ATOM   52   C CG  . ASN A 1 9   ? -2.341  -1.822  3.806   1.00 39.25 ? 9    ASN A CG  1 
ATOM   53   O OD1 . ASN A 1 9   ? -1.480  -1.611  2.943   1.00 37.00 ? 9    ASN A OD1 1 
ATOM   54   N ND2 . ASN A 1 9   ? -2.178  -1.481  5.069   1.00 43.37 ? 9    ASN A ND2 1 
ATOM   55   N N   . GLY A 1 10  ? -4.351  -4.378  0.717   1.00 38.02 ? 10   GLY A N   1 
ATOM   56   C CA  . GLY A 1 10  ? -5.079  -5.515  0.182   1.00 39.53 ? 10   GLY A CA  1 
ATOM   57   C C   . GLY A 1 10  ? -5.133  -6.776  1.041   1.00 40.03 ? 10   GLY A C   1 
ATOM   58   O O   . GLY A 1 10  ? -4.876  -6.759  2.245   1.00 38.78 ? 10   GLY A O   1 
ATOM   59   N N   . PRO A 1 11  ? -5.487  -7.890  0.408   1.00 40.55 ? 11   PRO A N   1 
ATOM   60   C CA  . PRO A 1 11  ? -5.754  -9.162  1.050   1.00 42.13 ? 11   PRO A CA  1 
ATOM   61   C C   . PRO A 1 11  ? -4.683  -9.669  2.002   1.00 41.67 ? 11   PRO A C   1 
ATOM   62   O O   . PRO A 1 11  ? -3.484  -9.611  1.685   1.00 40.73 ? 11   PRO A O   1 
ATOM   63   C CB  . PRO A 1 11  ? -5.869  -10.113 -0.131  1.00 43.83 ? 11   PRO A CB  1 
ATOM   64   C CG  . PRO A 1 11  ? -6.440  -9.268  -1.206  1.00 42.73 ? 11   PRO A CG  1 
ATOM   65   C CD  . PRO A 1 11  ? -5.796  -7.934  -1.029  1.00 41.40 ? 11   PRO A CD  1 
ATOM   66   N N   . ASN A 1 12  ? -5.155  -10.183 3.144   1.00 41.37 ? 12   ASN A N   1 
ATOM   67   C CA  . ASN A 1 12  ? -4.319  -10.784 4.196   1.00 40.77 ? 12   ASN A CA  1 
ATOM   68   C C   . ASN A 1 12  ? -3.484  -9.762  4.983   1.00 39.15 ? 12   ASN A C   1 
ATOM   69   O O   . ASN A 1 12  ? -2.628  -10.148 5.752   1.00 37.20 ? 12   ASN A O   1 
ATOM   70   C CB  . ASN A 1 12  ? -3.423  -11.911 3.623   1.00 41.53 ? 12   ASN A CB  1 
ATOM   71   C CG  . ASN A 1 12  ? -4.213  -12.954 2.832   1.00 41.20 ? 12   ASN A CG  1 
ATOM   72   O OD1 . ASN A 1 12  ? -5.016  -13.682 3.387   1.00 41.71 ? 12   ASN A OD1 1 
ATOM   73   N ND2 . ASN A 1 12  ? -3.975  -13.026 1.537   1.00 40.49 ? 12   ASN A ND2 1 
ATOM   74   N N   . LEU A 1 13  ? -3.728  -8.465  4.793   1.00 41.34 ? 13   LEU A N   1 
ATOM   75   C CA  . LEU A 1 13  ? -2.987  -7.438  5.534   1.00 41.83 ? 13   LEU A CA  1 
ATOM   76   C C   . LEU A 1 13  ? -3.628  -7.154  6.876   1.00 41.04 ? 13   LEU A C   1 
ATOM   77   O O   . LEU A 1 13  ? -2.959  -6.663  7.769   1.00 40.50 ? 13   LEU A O   1 
ATOM   78   C CB  . LEU A 1 13  ? -2.797  -6.143  4.724   1.00 44.44 ? 13   LEU A CB  1 
ATOM   79   C CG  . LEU A 1 13  ? -1.705  -6.223  3.624   1.00 49.28 ? 13   LEU A CG  1 
ATOM   80   C CD1 . LEU A 1 13  ? -1.525  -4.922  2.867   1.00 53.91 ? 13   LEU A CD1 1 
ATOM   81   C CD2 . LEU A 1 13  ? -0.344  -6.605  4.181   1.00 49.40 ? 13   LEU A CD2 1 
ATOM   82   N N   . GLY A 1 14  ? -4.907  -7.485  7.039   1.00 40.33 ? 14   GLY A N   1 
ATOM   83   C CA  . GLY A 1 14  ? -5.489  -7.567  8.384   1.00 41.20 ? 14   GLY A CA  1 
ATOM   84   C C   . GLY A 1 14  ? -4.747  -8.556  9.290   1.00 42.04 ? 14   GLY A C   1 
ATOM   85   O O   . GLY A 1 14  ? -4.570  -8.326  10.496  1.00 40.14 ? 14   GLY A O   1 
ATOM   86   N N   . ARG A 1 15  ? -4.278  -9.637  8.676   1.00 43.18 ? 15   ARG A N   1 
ATOM   87   C CA  . ARG A 1 15  ? -3.698  -10.784 9.375   1.00 46.28 ? 15   ARG A CA  1 
ATOM   88   C C   . ARG A 1 15  ? -2.268  -10.523 9.811   1.00 49.10 ? 15   ARG A C   1 
ATOM   89   O O   . ARG A 1 15  ? -1.664  -11.261 10.618  1.00 47.20 ? 15   ARG A O   1 
ATOM   90   C CB  . ARG A 1 15  ? -3.743  -11.987 8.437   1.00 46.99 ? 15   ARG A CB  1 
ATOM   91   C CG  . ARG A 1 15  ? -5.158  -12.412 8.082   1.00 47.75 ? 15   ARG A CG  1 
ATOM   92   C CD  . ARG A 1 15  ? -5.904  -12.881 9.318   1.00 48.31 ? 15   ARG A CD  1 
ATOM   93   N NE  . ARG A 1 15  ? -5.140  -13.947 9.964   1.00 52.46 ? 15   ARG A NE  1 
ATOM   94   C CZ  . ARG A 1 15  ? -5.629  -14.757 10.892  1.00 57.04 ? 15   ARG A CZ  1 
ATOM   95   N NH1 . ARG A 1 15  ? -6.888  -14.632 11.282  1.00 61.07 ? 15   ARG A NH1 1 
ATOM   96   N NH2 . ARG A 1 15  ? -4.862  -15.701 11.421  1.00 56.89 ? 15   ARG A NH2 1 
ATOM   97   N N   . LEU A 1 16  ? -1.731  -9.472  9.219   1.00 52.77 ? 16   LEU A N   1 
ATOM   98   C CA  . LEU A 1 16  ? -0.499  -8.890  9.637   1.00 56.06 ? 16   LEU A CA  1 
ATOM   99   C C   . LEU A 1 16  ? -0.501  -8.739  11.154  1.00 54.90 ? 16   LEU A C   1 
ATOM   100  O O   . LEU A 1 16  ? -1.478  -8.245  11.757  1.00 51.45 ? 16   LEU A O   1 
ATOM   101  C CB  . LEU A 1 16  ? -0.390  -7.535  8.965   1.00 59.92 ? 16   LEU A CB  1 
ATOM   102  C CG  . LEU A 1 16  ? 0.886   -6.746  9.113   1.00 64.86 ? 16   LEU A CG  1 
ATOM   103  C CD1 . LEU A 1 16  ? 2.052   -7.514  8.486   1.00 70.00 ? 16   LEU A CD1 1 
ATOM   104  C CD2 . LEU A 1 16  ? 0.679   -5.387  8.456   1.00 62.77 ? 16   LEU A CD2 1 
ATOM   105  N N   . GLY A 1 17  ? 0.611   -9.161  11.747  1.00 55.32 ? 17   GLY A N   1 
ATOM   106  C CA  . GLY A 1 17  ? 0.738   -9.288  13.185  1.00 59.13 ? 17   GLY A CA  1 
ATOM   107  C C   . GLY A 1 17  ? 1.009   -10.751 13.422  1.00 63.20 ? 17   GLY A C   1 
ATOM   108  O O   . GLY A 1 17  ? 2.161   -11.195 13.332  1.00 58.23 ? 17   GLY A O   1 
ATOM   109  N N   . ARG A 1 18  ? -0.069  -11.502 13.676  1.00 69.71 ? 18   ARG A N   1 
ATOM   110  C CA  . ARG A 1 18  ? -0.003  -12.952 13.891  1.00 71.45 ? 18   ARG A CA  1 
ATOM   111  C C   . ARG A 1 18  ? 0.672   -13.712 12.723  1.00 73.67 ? 18   ARG A C   1 
ATOM   112  O O   . ARG A 1 18  ? 1.463   -14.624 12.966  1.00 66.39 ? 18   ARG A O   1 
ATOM   113  C CB  . ARG A 1 18  ? -1.411  -13.516 14.171  1.00 67.74 ? 18   ARG A CB  1 
ATOM   114  N N   . ARG A 1 19  ? 0.403   -13.308 11.473  1.00 79.86 ? 19   ARG A N   1 
ATOM   115  C CA  . ARG A 1 19  ? 0.817   -14.098 10.274  1.00 85.07 ? 19   ARG A CA  1 
ATOM   116  C C   . ARG A 1 19  ? 2.321   -14.074 9.881   1.00 88.37 ? 19   ARG A C   1 
ATOM   117  O O   . ARG A 1 19  ? 2.943   -13.003 9.871   1.00 89.29 ? 19   ARG A O   1 
ATOM   118  C CB  . ARG A 1 19  ? -0.073  -13.771 9.053   1.00 84.73 ? 19   ARG A CB  1 
ATOM   119  C CG  . ARG A 1 19  ? 0.359   -12.645 8.110   1.00 81.09 ? 19   ARG A CG  1 
ATOM   120  C CD  . ARG A 1 19  ? 0.074   -13.054 6.665   1.00 77.66 ? 19   ARG A CD  1 
ATOM   121  N NE  . ARG A 1 19  ? 0.068   -11.930 5.725   1.00 74.86 ? 19   ARG A NE  1 
ATOM   122  C CZ  . ARG A 1 19  ? 0.261   -12.040 4.409   1.00 71.48 ? 19   ARG A CZ  1 
ATOM   123  N NH1 . ARG A 1 19  ? 0.501   -13.227 3.835   1.00 68.79 ? 19   ARG A NH1 1 
ATOM   124  N NH2 . ARG A 1 19  ? 0.229   -10.945 3.658   1.00 68.61 ? 19   ARG A NH2 1 
ATOM   125  N N   . GLU A 1 20  ? 2.844   -15.257 9.496   1.00 85.30 ? 20   GLU A N   1 
ATOM   126  C CA  A GLU A 1 20  ? 4.308   -15.517 9.341   0.50 80.95 ? 20   GLU A CA  1 
ATOM   127  C CA  B GLU A 1 20  ? 4.273   -15.476 9.213   0.50 83.41 ? 20   GLU A CA  1 
ATOM   128  C C   . GLU A 1 20  ? 5.205   -14.303 9.653   1.00 83.12 ? 20   GLU A C   1 
ATOM   129  O O   . GLU A 1 20  ? 5.600   -13.505 8.785   1.00 80.09 ? 20   GLU A O   1 
ATOM   130  C CB  A GLU A 1 20  ? 4.694   -16.181 8.002   0.50 73.56 ? 20   GLU A CB  1 
ATOM   131  C CB  B GLU A 1 20  ? 4.453   -15.753 7.688   0.50 77.14 ? 20   GLU A CB  1 
ATOM   132  C CG  A GLU A 1 20  ? 6.128   -16.748 7.995   0.50 62.89 ? 20   GLU A CG  1 
ATOM   133  C CG  B GLU A 1 20  ? 3.436   -16.706 7.040   0.50 69.32 ? 20   GLU A CG  1 
ATOM   134  C CD  A GLU A 1 20  ? 6.516   -17.454 9.288   0.50 53.26 ? 20   GLU A CD  1 
ATOM   135  C CD  B GLU A 1 20  ? 3.749   -17.012 5.580   0.50 61.09 ? 20   GLU A CD  1 
ATOM   136  O OE1 A GLU A 1 20  ? 5.914   -18.490 9.617   0.50 47.35 ? 20   GLU A OE1 1 
ATOM   137  O OE1 B GLU A 1 20  ? 4.819   -17.591 5.309   0.50 55.12 ? 20   GLU A OE1 1 
ATOM   138  O OE2 A GLU A 1 20  ? 7.430   -16.978 9.980   0.50 46.64 ? 20   GLU A OE2 1 
ATOM   139  O OE2 B GLU A 1 20  ? 2.921   -16.684 4.705   0.50 55.02 ? 20   GLU A OE2 1 
ATOM   140  N N   . PRO A 1 21  ? 5.565   -14.181 10.958  1.00 82.32 ? 21   PRO A N   1 
ATOM   141  C CA  . PRO A 1 21  ? 6.331   -12.988 11.351  1.00 83.42 ? 21   PRO A CA  1 
ATOM   142  C C   . PRO A 1 21  ? 7.777   -12.915 10.821  1.00 82.21 ? 21   PRO A C   1 
ATOM   143  O O   . PRO A 1 21  ? 8.354   -11.826 10.775  1.00 80.30 ? 21   PRO A O   1 
ATOM   144  C CB  . PRO A 1 21  ? 6.308   -13.041 12.899  1.00 84.65 ? 21   PRO A CB  1 
ATOM   145  C CG  . PRO A 1 21  ? 5.251   -14.038 13.258  1.00 80.82 ? 21   PRO A CG  1 
ATOM   146  C CD  . PRO A 1 21  ? 5.263   -15.028 12.131  1.00 80.17 ? 21   PRO A CD  1 
ATOM   147  N N   . ALA A 1 22  ? 8.359   -14.043 10.424  1.00 82.68 ? 22   ALA A N   1 
ATOM   148  C CA  . ALA A 1 22  ? 9.729   -14.037 9.895   1.00 82.35 ? 22   ALA A CA  1 
ATOM   149  C C   . ALA A 1 22  ? 9.791   -13.366 8.518   1.00 80.75 ? 22   ALA A C   1 
ATOM   150  O O   . ALA A 1 22  ? 10.841  -12.879 8.102   1.00 77.91 ? 22   ALA A O   1 
ATOM   151  C CB  . ALA A 1 22  ? 10.279  -15.456 9.824   1.00 81.35 ? 22   ALA A CB  1 
ATOM   152  N N   . VAL A 1 23  ? 8.659   -13.352 7.820   1.00 80.10 ? 23   VAL A N   1 
ATOM   153  C CA  . VAL A 1 23  ? 8.551   -12.747 6.496   1.00 77.66 ? 23   VAL A CA  1 
ATOM   154  C C   . VAL A 1 23  ? 7.988   -11.326 6.583   1.00 72.77 ? 23   VAL A C   1 
ATOM   155  O O   . VAL A 1 23  ? 8.381   -10.460 5.810   1.00 66.47 ? 23   VAL A O   1 
ATOM   156  C CB  . VAL A 1 23  ? 7.622   -13.585 5.581   1.00 79.92 ? 23   VAL A CB  1 
ATOM   157  C CG1 . VAL A 1 23  ? 7.545   -12.987 4.172   1.00 76.62 ? 23   VAL A CG1 1 
ATOM   158  C CG2 . VAL A 1 23  ? 8.071   -15.049 5.545   1.00 79.83 ? 23   VAL A CG2 1 
ATOM   159  N N   . TYR A 1 24  ? 7.062   -11.098 7.515   1.00 71.75 ? 24   TYR A N   1 
ATOM   160  C CA  . TYR A 1 24  ? 6.268   -9.860  7.543   1.00 74.23 ? 24   TYR A CA  1 
ATOM   161  C C   . TYR A 1 24  ? 6.345   -9.045  8.867   1.00 75.58 ? 24   TYR A C   1 
ATOM   162  O O   . TYR A 1 24  ? 5.904   -7.896  8.893   1.00 73.80 ? 24   TYR A O   1 
ATOM   163  C CB  . TYR A 1 24  ? 4.779   -10.167 7.220   1.00 74.68 ? 24   TYR A CB  1 
ATOM   164  C CG  . TYR A 1 24  ? 4.475   -10.825 5.866   1.00 71.25 ? 24   TYR A CG  1 
ATOM   165  C CD1 . TYR A 1 24  ? 4.631   -10.124 4.671   1.00 71.88 ? 24   TYR A CD1 1 
ATOM   166  C CD2 . TYR A 1 24  ? 3.989   -12.141 5.793   1.00 71.51 ? 24   TYR A CD2 1 
ATOM   167  C CE1 . TYR A 1 24  ? 4.347   -10.716 3.440   1.00 73.63 ? 24   TYR A CE1 1 
ATOM   168  C CE2 . TYR A 1 24  ? 3.699   -12.748 4.566   1.00 73.57 ? 24   TYR A CE2 1 
ATOM   169  C CZ  . TYR A 1 24  ? 3.870   -12.037 3.378   1.00 74.51 ? 24   TYR A CZ  1 
ATOM   170  O OH  . TYR A 1 24  ? 3.566   -12.631 2.143   1.00 62.09 ? 24   TYR A OH  1 
ATOM   171  N N   . GLY A 1 25  ? 6.858   -9.631  9.956   1.00 79.83 ? 25   GLY A N   1 
ATOM   172  C CA  . GLY A 1 25  ? 6.997   -8.921  11.258  1.00 77.63 ? 25   GLY A CA  1 
ATOM   173  C C   . GLY A 1 25  ? 5.914   -9.146  12.315  1.00 76.21 ? 25   GLY A C   1 
ATOM   174  O O   . GLY A 1 25  ? 4.928   -9.862  12.090  1.00 75.54 ? 25   GLY A O   1 
ATOM   175  N N   . GLY A 1 26  ? 6.111   -8.528  13.479  1.00 73.36 ? 26   GLY A N   1 
ATOM   176  C CA  . GLY A 1 26  ? 5.201   -8.684  14.627  1.00 68.00 ? 26   GLY A CA  1 
ATOM   177  C C   . GLY A 1 26  ? 4.243   -7.511  14.809  1.00 64.25 ? 26   GLY A C   1 
ATOM   178  O O   . GLY A 1 26  ? 3.345   -7.555  15.659  1.00 59.03 ? 26   GLY A O   1 
ATOM   179  N N   . THR A 1 27  ? 4.433   -6.456  14.015  1.00 58.07 ? 27   THR A N   1 
ATOM   180  C CA  . THR A 1 27  ? 3.541   -5.318  14.068  1.00 52.23 ? 27   THR A CA  1 
ATOM   181  C C   . THR A 1 27  ? 2.219   -5.721  13.439  1.00 49.76 ? 27   THR A C   1 
ATOM   182  O O   . THR A 1 27  ? 2.201   -6.324  12.361  1.00 47.89 ? 27   THR A O   1 
ATOM   183  C CB  . THR A 1 27  ? 4.134   -4.112  13.334  1.00 52.59 ? 27   THR A CB  1 
ATOM   184  O OG1 . THR A 1 27  ? 5.338   -3.717  13.992  1.00 49.38 ? 27   THR A OG1 1 
ATOM   185  C CG2 . THR A 1 27  ? 3.165   -2.933  13.338  1.00 53.11 ? 27   THR A CG2 1 
ATOM   186  N N   . THR A 1 28  ? 1.129   -5.394  14.134  1.00 47.45 ? 28   THR A N   1 
ATOM   187  C CA  . THR A 1 28  ? -0.234  -5.684  13.694  1.00 45.77 ? 28   THR A CA  1 
ATOM   188  C C   . THR A 1 28  ? -0.767  -4.558  12.840  1.00 48.87 ? 28   THR A C   1 
ATOM   189  O O   . THR A 1 28  ? -0.173  -3.473  12.778  1.00 49.37 ? 28   THR A O   1 
ATOM   190  C CB  . THR A 1 28  ? -1.187  -5.741  14.873  1.00 43.95 ? 28   THR A CB  1 
ATOM   191  O OG1 . THR A 1 28  ? -1.424  -4.397  15.327  1.00 41.63 ? 28   THR A OG1 1 
ATOM   192  C CG2 . THR A 1 28  ? -0.595  -6.613  15.995  1.00 44.97 ? 28   THR A CG2 1 
ATOM   193  N N   . HIS A 1 29  ? -1.923  -4.785  12.221  1.00 51.69 ? 29   HIS A N   1 
ATOM   194  C CA  . HIS A 1 29  ? -2.448  -3.794  11.290  1.00 49.86 ? 29   HIS A CA  1 
ATOM   195  C C   . HIS A 1 29  ? -2.865  -2.512  11.992  1.00 49.71 ? 29   HIS A C   1 
ATOM   196  O O   . HIS A 1 29  ? -2.631  -1.419  11.466  1.00 44.35 ? 29   HIS A O   1 
ATOM   197  C CB  . HIS A 1 29  ? -3.619  -4.334  10.483  1.00 49.37 ? 29   HIS A CB  1 
ATOM   198  C CG  . HIS A 1 29  ? -3.974  -3.456  9.328   1.00 49.93 ? 29   HIS A CG  1 
ATOM   199  N ND1 . HIS A 1 29  ? -4.821  -2.375  9.454   1.00 52.07 ? 29   HIS A ND1 1 
ATOM   200  C CD2 . HIS A 1 29  ? -3.558  -3.463  8.038   1.00 48.31 ? 29   HIS A CD2 1 
ATOM   201  C CE1 . HIS A 1 29  ? -4.927  -1.767  8.283   1.00 51.04 ? 29   HIS A CE1 1 
ATOM   202  N NE2 . HIS A 1 29  ? -4.168  -2.405  7.410   1.00 48.64 ? 29   HIS A NE2 1 
ATOM   203  N N   . ASP A 1 30  ? -3.477  -2.658  13.168  1.00 51.08 ? 30   ASP A N   1 
ATOM   204  C CA  . ASP A 1 30  ? -3.908  -1.509  13.958  1.00 55.06 ? 30   ASP A CA  1 
ATOM   205  C C   . ASP A 1 30  ? -2.740  -0.659  14.417  1.00 49.95 ? 30   ASP A C   1 
ATOM   206  O O   . ASP A 1 30  ? -2.839  0.589   14.444  1.00 42.02 ? 30   ASP A O   1 
ATOM   207  C CB  . ASP A 1 30  ? -4.705  -1.965  15.180  1.00 63.79 ? 30   ASP A CB  1 
ATOM   208  C CG  . ASP A 1 30  ? -6.102  -2.425  14.825  1.00 69.21 ? 30   ASP A CG  1 
ATOM   209  O OD1 . ASP A 1 30  ? -6.554  -2.148  13.683  1.00 71.95 ? 30   ASP A OD1 1 
ATOM   210  O OD2 . ASP A 1 30  ? -6.741  -3.056  15.700  1.00 69.67 ? 30   ASP A OD2 1 
ATOM   211  N N   . GLU A 1 31  ? -1.655  -1.341  14.791  1.00 48.41 ? 31   GLU A N   1 
ATOM   212  C CA  . GLU A 1 31  ? -0.411  -0.653  15.150  1.00 53.85 ? 31   GLU A CA  1 
ATOM   213  C C   . GLU A 1 31  ? 0.099   0.135   13.958  1.00 48.55 ? 31   GLU A C   1 
ATOM   214  O O   . GLU A 1 31  ? 0.474   1.305   14.085  1.00 44.19 ? 31   GLU A O   1 
ATOM   215  C CB  . GLU A 1 31  ? 0.667   -1.632  15.612  1.00 59.29 ? 31   GLU A CB  1 
ATOM   216  C CG  . GLU A 1 31  ? 0.607   -1.979  17.089  1.00 66.31 ? 31   GLU A CG  1 
ATOM   217  C CD  . GLU A 1 31  ? 1.239   -3.341  17.420  1.00 75.02 ? 31   GLU A CD  1 
ATOM   218  O OE1 . GLU A 1 31  ? 2.171   -3.810  16.705  1.00 70.26 ? 31   GLU A OE1 1 
ATOM   219  O OE2 . GLU A 1 31  ? 0.786   -3.957  18.417  1.00 87.26 ? 31   GLU A OE2 1 
ATOM   220  N N   . LEU A 1 32  ? 0.099   -0.527  12.805  1.00 43.52 ? 32   LEU A N   1 
ATOM   221  C CA  . LEU A 1 32  ? 0.479   0.101   11.558  1.00 42.93 ? 32   LEU A CA  1 
ATOM   222  C C   . LEU A 1 32  ? -0.348  1.353   11.262  1.00 41.64 ? 32   LEU A C   1 
ATOM   223  O O   . LEU A 1 32  ? 0.212   2.380   10.831  1.00 39.68 ? 32   LEU A O   1 
ATOM   224  C CB  . LEU A 1 32  ? 0.352   -0.890  10.395  1.00 44.67 ? 32   LEU A CB  1 
ATOM   225  C CG  . LEU A 1 32  ? 0.627   -0.307  8.994   1.00 45.69 ? 32   LEU A CG  1 
ATOM   226  C CD1 . LEU A 1 32  ? 2.041   0.254   8.919   1.00 47.67 ? 32   LEU A CD1 1 
ATOM   227  C CD2 . LEU A 1 32  ? 0.402   -1.325  7.886   1.00 45.09 ? 32   LEU A CD2 1 
ATOM   228  N N   . VAL A 1 33  ? -1.664  1.273   11.467  1.00 38.97 ? 33   VAL A N   1 
ATOM   229  C CA  . VAL A 1 33  ? -2.502  2.447   11.269  1.00 39.33 ? 33   VAL A CA  1 
ATOM   230  C C   . VAL A 1 33  ? -2.028  3.521   12.227  1.00 41.28 ? 33   VAL A C   1 
ATOM   231  O O   . VAL A 1 33  ? -1.854  4.672   11.834  1.00 39.25 ? 33   VAL A O   1 
ATOM   232  C CB  . VAL A 1 33  ? -3.992  2.191   11.552  1.00 39.18 ? 33   VAL A CB  1 
ATOM   233  C CG1 . VAL A 1 33  ? -4.812  3.442   11.246  1.00 38.41 ? 33   VAL A CG1 1 
ATOM   234  C CG2 . VAL A 1 33  ? -4.491  1.015   10.738  1.00 39.82 ? 33   VAL A CG2 1 
ATOM   235  N N   . ALA A 1 34  ? -1.807  3.127   13.481  1.00 44.70 ? 34   ALA A N   1 
ATOM   236  C CA  . ALA A 1 34  ? -1.382  4.068   14.524  1.00 47.42 ? 34   ALA A CA  1 
ATOM   237  C C   . ALA A 1 34  ? -0.080  4.786   14.173  1.00 47.28 ? 34   ALA A C   1 
ATOM   238  O O   . ALA A 1 34  ? 0.037   5.993   14.360  1.00 49.89 ? 34   ALA A O   1 
ATOM   239  C CB  . ALA A 1 34  ? -1.233  3.345   15.851  1.00 47.70 ? 34   ALA A CB  1 
ATOM   240  N N   . LEU A 1 35  ? 0.889   4.017   13.686  1.00 48.13 ? 35   LEU A N   1 
ATOM   241  C CA  . LEU A 1 35  ? 2.200   4.528   13.265  1.00 50.03 ? 35   LEU A CA  1 
ATOM   242  C C   . LEU A 1 35  ? 2.101   5.532   12.140  1.00 47.71 ? 35   LEU A C   1 
ATOM   243  O O   . LEU A 1 35  ? 2.771   6.566   12.149  1.00 47.39 ? 35   LEU A O   1 
ATOM   244  C CB  . LEU A 1 35  ? 3.069   3.366   12.765  1.00 53.89 ? 35   LEU A CB  1 
ATOM   245  C CG  . LEU A 1 35  ? 3.739   2.506   13.846  1.00 56.99 ? 35   LEU A CG  1 
ATOM   246  C CD1 . LEU A 1 35  ? 4.142   1.119   13.346  1.00 56.82 ? 35   LEU A CD1 1 
ATOM   247  C CD2 . LEU A 1 35  ? 4.944   3.252   14.418  1.00 57.75 ? 35   LEU A CD2 1 
ATOM   248  N N   . ILE A 1 36  ? 1.295   5.170   11.149  1.00 45.57 ? 36   ILE A N   1 
ATOM   249  C CA  . ILE A 1 36  ? 1.087   5.972   9.949   1.00 44.73 ? 36   ILE A CA  1 
ATOM   250  C C   . ILE A 1 36  ? 0.397   7.264   10.342  1.00 44.12 ? 36   ILE A C   1 
ATOM   251  O O   . ILE A 1 36  ? 0.861   8.342   9.990   1.00 42.60 ? 36   ILE A O   1 
ATOM   252  C CB  . ILE A 1 36  ? 0.259   5.179   8.875   1.00 46.02 ? 36   ILE A CB  1 
ATOM   253  C CG1 . ILE A 1 36  ? 1.145   4.110   8.189   1.00 43.44 ? 36   ILE A CG1 1 
ATOM   254  C CG2 . ILE A 1 36  ? -0.381  6.112   7.842   1.00 44.25 ? 36   ILE A CG2 1 
ATOM   255  C CD1 . ILE A 1 36  ? 0.390   3.050   7.420   1.00 41.68 ? 36   ILE A CD1 1 
ATOM   256  N N   . GLU A 1 37  ? -0.704  7.140   11.082  1.00 48.52 ? 37   GLU A N   1 
ATOM   257  C CA  . GLU A 1 37  ? -1.496  8.297   11.512  1.00 51.80 ? 37   GLU A CA  1 
ATOM   258  C C   . GLU A 1 37  ? -0.622  9.293   12.280  1.00 52.52 ? 37   GLU A C   1 
ATOM   259  O O   . GLU A 1 37  ? -0.757  10.496  12.099  1.00 55.86 ? 37   GLU A O   1 
ATOM   260  C CB  . GLU A 1 37  ? -2.720  7.860   12.345  1.00 55.28 ? 37   GLU A CB  1 
ATOM   261  C CG  . GLU A 1 37  ? -3.902  7.296   11.527  1.00 59.71 ? 37   GLU A CG  1 
ATOM   262  C CD  . GLU A 1 37  ? -5.107  6.854   12.387  1.00 65.79 ? 37   GLU A CD  1 
ATOM   263  O OE1 . GLU A 1 37  ? -4.902  6.435   13.552  1.00 68.88 ? 37   GLU A OE1 1 
ATOM   264  O OE2 . GLU A 1 37  ? -6.270  6.911   11.910  1.00 67.92 ? 37   GLU A OE2 1 
ATOM   265  N N   . ARG A 1 38  ? 0.301   8.787   13.096  1.00 51.87 ? 38   ARG A N   1 
ATOM   266  C CA  . ARG A 1 38  ? 1.216   9.634   13.848  1.00 53.35 ? 38   ARG A CA  1 
ATOM   267  C C   . ARG A 1 38  ? 2.234   10.339  12.952  1.00 50.79 ? 38   ARG A C   1 
ATOM   268  O O   . ARG A 1 38  ? 2.479   11.543  13.073  1.00 46.01 ? 38   ARG A O   1 
ATOM   269  C CB  . ARG A 1 38  ? 1.949   8.792   14.883  1.00 59.82 ? 38   ARG A CB  1 
ATOM   270  C CG  . ARG A 1 38  ? 2.688   9.614   15.931  1.00 68.68 ? 38   ARG A CG  1 
ATOM   271  C CD  . ARG A 1 38  ? 3.168   8.729   17.074  1.00 77.82 ? 38   ARG A CD  1 
ATOM   272  N NE  . ARG A 1 38  ? 4.094   7.688   16.608  1.00 84.17 ? 38   ARG A NE  1 
ATOM   273  C CZ  . ARG A 1 38  ? 4.746   6.832   17.399  1.00 85.22 ? 38   ARG A CZ  1 
ATOM   274  N NH1 . ARG A 1 38  ? 4.597   6.866   18.722  1.00 86.61 ? 38   ARG A NH1 1 
ATOM   275  N NH2 . ARG A 1 38  ? 5.564   5.934   16.859  1.00 84.47 ? 38   ARG A NH2 1 
ATOM   276  N N   . GLU A 1 39  ? 2.842   9.571   12.061  1.00 52.50 ? 39   GLU A N   1 
ATOM   277  C CA  . GLU A 1 39  ? 3.834   10.109  11.142  1.00 57.32 ? 39   GLU A CA  1 
ATOM   278  C C   . GLU A 1 39  ? 3.225   11.218  10.299  1.00 55.66 ? 39   GLU A C   1 
ATOM   279  O O   . GLU A 1 39  ? 3.870   12.242  10.057  1.00 56.77 ? 39   GLU A O   1 
ATOM   280  C CB  . GLU A 1 39  ? 4.376   9.002   10.229  1.00 64.33 ? 39   GLU A CB  1 
ATOM   281  C CG  . GLU A 1 39  ? 5.523   9.424   9.304   1.00 71.03 ? 39   GLU A CG  1 
ATOM   282  C CD  . GLU A 1 39  ? 6.849   9.637   10.031  1.00 76.92 ? 39   GLU A CD  1 
ATOM   283  O OE1 . GLU A 1 39  ? 6.941   9.312   11.244  1.00 76.66 ? 39   GLU A OE1 1 
ATOM   284  O OE2 . GLU A 1 39  ? 7.805   10.125  9.381   1.00 76.32 ? 39   GLU A OE2 1 
ATOM   285  N N   . ALA A 1 40  ? 1.990   10.996  9.849   1.00 52.29 ? 40   ALA A N   1 
ATOM   286  C CA  . ALA A 1 40  ? 1.230   11.986  9.080   1.00 52.31 ? 40   ALA A CA  1 
ATOM   287  C C   . ALA A 1 40  ? 1.058   13.316  9.839   1.00 48.98 ? 40   ALA A C   1 
ATOM   288  O O   . ALA A 1 40  ? 1.255   14.390  9.288   1.00 41.85 ? 40   ALA A O   1 
ATOM   289  C CB  . ALA A 1 40  ? -0.134  11.406  8.730   1.00 54.44 ? 40   ALA A CB  1 
ATOM   290  N N   . ALA A 1 41  ? 0.687   13.218  11.112  1.00 49.51 ? 41   ALA A N   1 
ATOM   291  C CA  . ALA A 1 41  ? 0.570   14.381  11.987  1.00 48.25 ? 41   ALA A CA  1 
ATOM   292  C C   . ALA A 1 41  ? 1.873   15.166  12.000  1.00 47.12 ? 41   ALA A C   1 
ATOM   293  O O   . ALA A 1 41  ? 1.867   16.328  11.600  1.00 47.68 ? 41   ALA A O   1 
ATOM   294  C CB  . ALA A 1 41  ? 0.176   13.961  13.400  1.00 48.39 ? 41   ALA A CB  1 
ATOM   295  N N   . GLU A 1 42  ? 2.977   14.532  12.431  1.00 46.23 ? 42   GLU A N   1 
ATOM   296  C CA  . GLU A 1 42  ? 4.336   15.106  12.272  1.00 47.73 ? 42   GLU A CA  1 
ATOM   297  C C   . GLU A 1 42  ? 4.530   15.762  10.869  1.00 47.86 ? 42   GLU A C   1 
ATOM   298  O O   . GLU A 1 42  ? 5.061   16.865  10.755  1.00 47.97 ? 42   GLU A O   1 
ATOM   299  C CB  . GLU A 1 42  ? 5.443   14.050  12.550  1.00 44.58 ? 42   GLU A CB  1 
ATOM   300  N N   . LEU A 1 43  ? 4.061   15.115  9.807   1.00 47.37 ? 43   LEU A N   1 
ATOM   301  C CA  . LEU A 1 43  ? 4.298   15.640  8.463   1.00 48.36 ? 43   LEU A CA  1 
ATOM   302  C C   . LEU A 1 43  ? 3.268   16.673  7.984   1.00 45.27 ? 43   LEU A C   1 
ATOM   303  O O   . LEU A 1 43  ? 3.380   17.171  6.874   1.00 40.00 ? 43   LEU A O   1 
ATOM   304  C CB  . LEU A 1 43  ? 4.398   14.482  7.445   1.00 52.52 ? 43   LEU A CB  1 
ATOM   305  C CG  . LEU A 1 43  ? 5.620   13.543  7.508   1.00 53.27 ? 43   LEU A CG  1 
ATOM   306  C CD1 . LEU A 1 43  ? 5.413   12.354  6.573   1.00 55.48 ? 43   LEU A CD1 1 
ATOM   307  C CD2 . LEU A 1 43  ? 6.920   14.268  7.172   1.00 50.28 ? 43   LEU A CD2 1 
ATOM   308  N N   . GLY A 1 44  ? 2.256   16.978  8.788   1.00 46.90 ? 44   GLY A N   1 
ATOM   309  C CA  . GLY A 1 44  ? 1.206   17.911  8.352   1.00 51.36 ? 44   GLY A CA  1 
ATOM   310  C C   . GLY A 1 44  ? 0.143   17.347  7.411   1.00 53.96 ? 44   GLY A C   1 
ATOM   311  O O   . GLY A 1 44  ? -0.784  18.049  7.020   1.00 59.43 ? 44   GLY A O   1 
ATOM   312  N N   . LEU A 1 45  ? 0.265   16.069  7.074   1.00 55.47 ? 45   LEU A N   1 
ATOM   313  C CA  . LEU A 1 45  ? -0.733  15.344  6.298   1.00 52.25 ? 45   LEU A CA  1 
ATOM   314  C C   . LEU A 1 45  ? -1.831  14.750  7.181   1.00 48.30 ? 45   LEU A C   1 
ATOM   315  O O   . LEU A 1 45  ? -1.673  14.634  8.402   1.00 43.17 ? 45   LEU A O   1 
ATOM   316  C CB  . LEU A 1 45  ? -0.047  14.180  5.586   1.00 55.03 ? 45   LEU A CB  1 
ATOM   317  C CG  . LEU A 1 45  ? 1.128   14.549  4.688   1.00 59.82 ? 45   LEU A CG  1 
ATOM   318  C CD1 . LEU A 1 45  ? 1.865   13.296  4.232   1.00 61.83 ? 45   LEU A CD1 1 
ATOM   319  C CD2 . LEU A 1 45  ? 0.643   15.385  3.506   1.00 62.27 ? 45   LEU A CD2 1 
ATOM   320  N N   . LYS A 1 46  ? -2.927  14.353  6.535   1.00 47.52 ? 46   LYS A N   1 
ATOM   321  C CA  . LYS A 1 46  ? -3.896  13.414  7.108   1.00 48.33 ? 46   LYS A CA  1 
ATOM   322  C C   . LYS A 1 46  ? -3.854  12.117  6.330   1.00 48.67 ? 46   LYS A C   1 
ATOM   323  O O   . LYS A 1 46  ? -4.028  12.114  5.109   1.00 45.61 ? 46   LYS A O   1 
ATOM   324  C CB  . LYS A 1 46  ? -5.311  13.966  7.030   1.00 51.59 ? 46   LYS A CB  1 
ATOM   325  C CG  . LYS A 1 46  ? -6.402  13.060  7.606   1.00 55.17 ? 46   LYS A CG  1 
ATOM   326  C CD  . LYS A 1 46  ? -7.745  13.801  7.563   1.00 59.89 ? 46   LYS A CD  1 
ATOM   327  C CE  . LYS A 1 46  ? -8.923  12.986  8.099   1.00 60.74 ? 46   LYS A CE  1 
ATOM   328  N NZ  . LYS A 1 46  ? -10.144 13.824  8.307   1.00 59.39 ? 46   LYS A NZ  1 
ATOM   329  N N   . ALA A 1 47  ? -3.638  11.018  7.048   1.00 51.06 ? 47   ALA A N   1 
ATOM   330  C CA  . ALA A 1 47  ? -3.609  9.685   6.454   1.00 51.37 ? 47   ALA A CA  1 
ATOM   331  C C   . ALA A 1 47  ? -4.932  8.960   6.662   1.00 48.34 ? 47   ALA A C   1 
ATOM   332  O O   . ALA A 1 47  ? -5.421  8.798   7.794   1.00 43.65 ? 47   ALA A O   1 
ATOM   333  C CB  . ALA A 1 47  ? -2.473  8.862   7.042   1.00 52.61 ? 47   ALA A CB  1 
ATOM   334  N N   . VAL A 1 48  ? -5.492  8.514   5.548   1.00 45.87 ? 48   VAL A N   1 
ATOM   335  C CA  . VAL A 1 48  ? -6.654  7.660   5.577   1.00 44.89 ? 48   VAL A CA  1 
ATOM   336  C C   . VAL A 1 48  ? -6.197  6.271   5.187   1.00 43.72 ? 48   VAL A C   1 
ATOM   337  O O   . VAL A 1 48  ? -5.902  6.008   4.018   1.00 43.57 ? 48   VAL A O   1 
ATOM   338  C CB  . VAL A 1 48  ? -7.711  8.158   4.594   1.00 44.79 ? 48   VAL A CB  1 
ATOM   339  C CG1 . VAL A 1 48  ? -8.991  7.349   4.753   1.00 43.62 ? 48   VAL A CG1 1 
ATOM   340  C CG2 . VAL A 1 48  ? -7.939  9.653   4.809   1.00 45.51 ? 48   VAL A CG2 1 
ATOM   341  N N   . VAL A 1 49  ? -6.113  5.394   6.180   1.00 41.69 ? 49   VAL A N   1 
ATOM   342  C CA  . VAL A 1 49  ? -5.660  4.027   5.964   1.00 41.41 ? 49   VAL A CA  1 
ATOM   343  C C   . VAL A 1 49  ? -6.855  3.090   5.936   1.00 42.05 ? 49   VAL A C   1 
ATOM   344  O O   . VAL A 1 49  ? -7.670  3.135   6.828   1.00 41.62 ? 49   VAL A O   1 
ATOM   345  C CB  . VAL A 1 49  ? -4.714  3.587   7.082   1.00 40.21 ? 49   VAL A CB  1 
ATOM   346  C CG1 . VAL A 1 49  ? -4.117  2.224   6.773   1.00 40.68 ? 49   VAL A CG1 1 
ATOM   347  C CG2 . VAL A 1 49  ? -3.625  4.630   7.267   1.00 41.15 ? 49   VAL A CG2 1 
ATOM   348  N N   . ARG A 1 50  ? -6.964  2.260   4.903   1.00 45.55 ? 50   ARG A N   1 
ATOM   349  C CA  . ARG A 1 50  ? -8.065  1.299   4.786   1.00 47.59 ? 50   ARG A CA  1 
ATOM   350  C C   . ARG A 1 50  ? -7.504  -0.058  4.390   1.00 45.73 ? 50   ARG A C   1 
ATOM   351  O O   . ARG A 1 50  ? -6.428  -0.140  3.779   1.00 47.16 ? 50   ARG A O   1 
ATOM   352  C CB  . ARG A 1 50  ? -9.079  1.764   3.743   1.00 49.82 ? 50   ARG A CB  1 
ATOM   353  C CG  . ARG A 1 50  ? -9.671  3.141   3.994   1.00 53.41 ? 50   ARG A CG  1 
ATOM   354  C CD  . ARG A 1 50  ? -10.296 3.687   2.710   1.00 60.21 ? 50   ARG A CD  1 
ATOM   355  N NE  . ARG A 1 50  ? -11.131 4.862   2.940   1.00 67.16 ? 50   ARG A NE  1 
ATOM   356  C CZ  . ARG A 1 50  ? -12.322 4.837   3.545   1.00 77.03 ? 50   ARG A CZ  1 
ATOM   357  N NH1 . ARG A 1 50  ? -12.847 3.701   3.999   1.00 83.58 ? 50   ARG A NH1 1 
ATOM   358  N NH2 . ARG A 1 50  ? -13.004 5.961   3.708   1.00 80.02 ? 50   ARG A NH2 1 
ATOM   359  N N   . GLN A 1 51  ? -8.214  -1.122  4.749   1.00 41.19 ? 51   GLN A N   1 
ATOM   360  C CA  . GLN A 1 51  ? -7.776  -2.453  4.364   1.00 40.12 ? 51   GLN A CA  1 
ATOM   361  C C   . GLN A 1 51  ? -8.968  -3.299  4.019   1.00 39.71 ? 51   GLN A C   1 
ATOM   362  O O   . GLN A 1 51  ? -9.980  -3.240  4.703   1.00 42.11 ? 51   GLN A O   1 
ATOM   363  C CB  . GLN A 1 51  ? -6.966  -3.117  5.476   1.00 39.03 ? 51   GLN A CB  1 
ATOM   364  C CG  . GLN A 1 51  ? -6.284  -4.416  5.058   1.00 39.76 ? 51   GLN A CG  1 
ATOM   365  C CD  . GLN A 1 51  ? -7.179  -5.638  5.225   1.00 39.84 ? 51   GLN A CD  1 
ATOM   366  O OE1 . GLN A 1 51  ? -7.856  -5.764  6.243   1.00 40.96 ? 51   GLN A OE1 1 
ATOM   367  N NE2 . GLN A 1 51  ? -7.187  -6.541  4.231   1.00 36.81 ? 51   GLN A NE2 1 
ATOM   368  N N   . SER A 1 52  ? -8.844  -4.081  2.954   1.00 38.73 ? 52   SER A N   1 
ATOM   369  C CA  . SER A 1 52  ? -9.872  -5.024  2.576   1.00 37.09 ? 52   SER A CA  1 
ATOM   370  C C   . SER A 1 52  ? -9.289  -6.218  1.855   1.00 38.06 ? 52   SER A C   1 
ATOM   371  O O   . SER A 1 52  ? -8.317  -6.080  1.101   1.00 38.00 ? 52   SER A O   1 
ATOM   372  C CB  . SER A 1 52  ? -10.877 -4.359  1.662   1.00 36.67 ? 52   SER A CB  1 
ATOM   373  O OG  . SER A 1 52  ? -11.933 -5.258  1.364   1.00 38.69 ? 52   SER A OG  1 
ATOM   374  N N   . ASP A 1 53  ? -9.898  -7.384  2.083   1.00 39.13 ? 53   ASP A N   1 
ATOM   375  C CA  . ASP A 1 53  ? -9.581  -8.607  1.319   1.00 40.49 ? 53   ASP A CA  1 
ATOM   376  C C   . ASP A 1 53  ? -10.456 -8.714  0.075   1.00 38.40 ? 53   ASP A C   1 
ATOM   377  O O   . ASP A 1 53  ? -10.409 -9.711  -0.648  1.00 35.60 ? 53   ASP A O   1 
ATOM   378  C CB  . ASP A 1 53  ? -9.810  -9.878  2.158   1.00 44.12 ? 53   ASP A CB  1 
ATOM   379  C CG  . ASP A 1 53  ? -8.956  -9.941  3.432   1.00 45.92 ? 53   ASP A CG  1 
ATOM   380  O OD1 . ASP A 1 53  ? -7.831  -9.379  3.498   1.00 46.75 ? 53   ASP A OD1 1 
ATOM   381  O OD2 . ASP A 1 53  ? -9.436  -10.603 4.372   1.00 47.25 ? 53   ASP A OD2 1 
ATOM   382  N N   . SER A 1 54  ? -11.257 -7.682  -0.163  1.00 39.63 ? 54   SER A N   1 
ATOM   383  C CA  . SER A 1 54  ? -12.177 -7.652  -1.286  1.00 41.91 ? 54   SER A CA  1 
ATOM   384  C C   . SER A 1 54  ? -11.659 -6.749  -2.417  1.00 43.48 ? 54   SER A C   1 
ATOM   385  O O   . SER A 1 54  ? -11.503 -5.535  -2.211  1.00 42.77 ? 54   SER A O   1 
ATOM   386  C CB  . SER A 1 54  ? -13.543 -7.166  -0.804  1.00 39.58 ? 54   SER A CB  1 
ATOM   387  O OG  . SER A 1 54  ? -14.342 -6.825  -1.902  1.00 40.63 ? 54   SER A OG  1 
ATOM   388  N N   . GLU A 1 55  ? -11.422 -7.334  -3.601  1.00 44.59 ? 55   GLU A N   1 
ATOM   389  C CA  . GLU A 1 55  ? -10.969 -6.563  -4.781  1.00 46.11 ? 55   GLU A CA  1 
ATOM   390  C C   . GLU A 1 55  ? -11.905 -5.388  -5.096  1.00 42.76 ? 55   GLU A C   1 
ATOM   391  O O   . GLU A 1 55  ? -11.441 -4.253  -5.272  1.00 39.30 ? 55   GLU A O   1 
ATOM   392  C CB  . GLU A 1 55  ? -10.809 -7.462  -6.016  1.00 52.47 ? 55   GLU A CB  1 
ATOM   393  C CG  . GLU A 1 55  ? -9.846  -6.933  -7.086  1.00 59.64 ? 55   GLU A CG  1 
ATOM   394  C CD  . GLU A 1 55  ? -9.614  -7.917  -8.242  1.00 69.00 ? 55   GLU A CD  1 
ATOM   395  O OE1 . GLU A 1 55  ? -10.574 -8.582  -8.683  1.00 82.12 ? 55   GLU A OE1 1 
ATOM   396  O OE2 . GLU A 1 55  ? -8.477  -8.037  -8.739  1.00 74.43 ? 55   GLU A OE2 1 
ATOM   397  N N   . ALA A 1 56  ? -13.214 -5.657  -5.130  1.00 40.63 ? 56   ALA A N   1 
ATOM   398  C CA  . ALA A 1 56  ? -14.219 -4.620  -5.446  1.00 38.81 ? 56   ALA A CA  1 
ATOM   399  C C   . ALA A 1 56  ? -14.182 -3.449  -4.470  1.00 39.56 ? 56   ALA A C   1 
ATOM   400  O O   . ALA A 1 56  ? -14.457 -2.302  -4.842  1.00 39.99 ? 56   ALA A O   1 
ATOM   401  C CB  . ALA A 1 56  ? -15.612 -5.217  -5.487  1.00 36.99 ? 56   ALA A CB  1 
ATOM   402  N N   . GLN A 1 57  ? -13.847 -3.742  -3.219  1.00 40.61 ? 57   GLN A N   1 
ATOM   403  C CA  . GLN A 1 57  ? -13.728 -2.712  -2.203  1.00 41.42 ? 57   GLN A CA  1 
ATOM   404  C C   . GLN A 1 57  ? -12.481 -1.880  -2.452  1.00 38.52 ? 57   GLN A C   1 
ATOM   405  O O   . GLN A 1 57  ? -12.486 -0.653  -2.333  1.00 36.92 ? 57   GLN A O   1 
ATOM   406  C CB  . GLN A 1 57  ? -13.666 -3.337  -0.810  1.00 42.51 ? 57   GLN A CB  1 
ATOM   407  C CG  . GLN A 1 57  ? -13.433 -2.325  0.305   1.00 45.77 ? 57   GLN A CG  1 
ATOM   408  C CD  . GLN A 1 57  ? -14.563 -1.308  0.472   1.00 48.31 ? 57   GLN A CD  1 
ATOM   409  O OE1 . GLN A 1 57  ? -15.408 -1.454  1.359   1.00 48.65 ? 57   GLN A OE1 1 
ATOM   410  N NE2 . GLN A 1 57  ? -14.574 -0.266  -0.367  1.00 50.80 ? 57   GLN A NE2 1 
ATOM   411  N N   . LEU A 1 58  ? -11.398 -2.549  -2.790  1.00 36.63 ? 58   LEU A N   1 
ATOM   412  C CA  . LEU A 1 58  ? -10.192 -1.817  -3.096  1.00 38.71 ? 58   LEU A CA  1 
ATOM   413  C C   . LEU A 1 58  ? -10.421 -0.915  -4.302  1.00 39.25 ? 58   LEU A C   1 
ATOM   414  O O   . LEU A 1 58  ? -10.074 0.276   -4.278  1.00 35.75 ? 58   LEU A O   1 
ATOM   415  C CB  . LEU A 1 58  ? -9.032  -2.765  -3.360  1.00 37.96 ? 58   LEU A CB  1 
ATOM   416  C CG  . LEU A 1 58  ? -8.649  -3.619  -2.166  1.00 38.39 ? 58   LEU A CG  1 
ATOM   417  C CD1 . LEU A 1 58  ? -7.405  -4.416  -2.496  1.00 39.76 ? 58   LEU A CD1 1 
ATOM   418  C CD2 . LEU A 1 58  ? -8.415  -2.767  -0.934  1.00 41.04 ? 58   LEU A CD2 1 
ATOM   419  N N   . LEU A 1 59  ? -11.014 -1.492  -5.345  1.00 40.62 ? 59   LEU A N   1 
ATOM   420  C CA  . LEU A 1 59  ? -11.348 -0.737  -6.544  1.00 41.03 ? 59   LEU A CA  1 
ATOM   421  C C   . LEU A 1 59  ? -12.160 0.507   -6.209  1.00 40.82 ? 59   LEU A C   1 
ATOM   422  O O   . LEU A 1 59  ? -11.887 1.573   -6.754  1.00 35.96 ? 59   LEU A O   1 
ATOM   423  C CB  . LEU A 1 59  ? -12.109 -1.611  -7.535  1.00 41.89 ? 59   LEU A CB  1 
ATOM   424  C CG  . LEU A 1 59  ? -11.278 -2.704  -8.220  1.00 45.01 ? 59   LEU A CG  1 
ATOM   425  C CD1 . LEU A 1 59  ? -12.137 -3.389  -9.268  1.00 46.31 ? 59   LEU A CD1 1 
ATOM   426  C CD2 . LEU A 1 59  ? -9.995  -2.194  -8.874  1.00 44.91 ? 59   LEU A CD2 1 
ATOM   427  N N   . ASP A 1 60  ? -13.134 0.383   -5.299  1.00 43.04 ? 60   ASP A N   1 
ATOM   428  C CA  . ASP A 1 60  ? -13.959 1.539   -4.956  1.00 43.02 ? 60   ASP A CA  1 
ATOM   429  C C   . ASP A 1 60  ? -13.119 2.605   -4.306  1.00 39.47 ? 60   ASP A C   1 
ATOM   430  O O   . ASP A 1 60  ? -13.220 3.765   -4.680  1.00 40.58 ? 60   ASP A O   1 
ATOM   431  C CB  . ASP A 1 60  ? -15.147 1.209   -4.051  1.00 46.09 ? 60   ASP A CB  1 
ATOM   432  C CG  . ASP A 1 60  ? -16.161 2.375   -3.980  1.00 49.78 ? 60   ASP A CG  1 
ATOM   433  O OD1 . ASP A 1 60  ? -16.221 3.207   -4.933  1.00 48.83 ? 60   ASP A OD1 1 
ATOM   434  O OD2 . ASP A 1 60  ? -16.886 2.470   -2.962  1.00 53.52 ? 60   ASP A OD2 1 
ATOM   435  N N   . TRP A 1 61  ? -12.279 2.221   -3.355  1.00 37.07 ? 61   TRP A N   1 
ATOM   436  C CA  . TRP A 1 61  ? -11.389 3.192   -2.712  1.00 37.47 ? 61   TRP A CA  1 
ATOM   437  C C   . TRP A 1 61  ? -10.460 3.930   -3.691  1.00 38.99 ? 61   TRP A C   1 
ATOM   438  O O   . TRP A 1 61  ? -10.245 5.152   -3.570  1.00 39.77 ? 61   TRP A O   1 
ATOM   439  C CB  . TRP A 1 61  ? -10.575 2.524   -1.612  1.00 36.40 ? 61   TRP A CB  1 
ATOM   440  C CG  . TRP A 1 61  ? -11.405 2.094   -0.456  1.00 35.55 ? 61   TRP A CG  1 
ATOM   441  C CD1 . TRP A 1 61  ? -12.563 2.671   -0.003  1.00 34.55 ? 61   TRP A CD1 1 
ATOM   442  C CD2 . TRP A 1 61  ? -11.133 1.003   0.410   1.00 35.80 ? 61   TRP A CD2 1 
ATOM   443  N NE1 . TRP A 1 61  ? -13.034 1.992   1.087   1.00 33.48 ? 61   TRP A NE1 1 
ATOM   444  C CE2 . TRP A 1 61  ? -12.177 0.964   1.371   1.00 34.54 ? 61   TRP A CE2 1 
ATOM   445  C CE3 . TRP A 1 61  ? -10.096 0.056   0.484   1.00 36.49 ? 61   TRP A CE3 1 
ATOM   446  C CZ2 . TRP A 1 61  ? -12.224 0.014   2.393   1.00 35.52 ? 61   TRP A CZ2 1 
ATOM   447  C CZ3 . TRP A 1 61  ? -10.132 -0.889  1.505   1.00 38.62 ? 61   TRP A CZ3 1 
ATOM   448  C CH2 . TRP A 1 61  ? -11.202 -0.902  2.453   1.00 38.26 ? 61   TRP A CH2 1 
ATOM   449  N N   . ILE A 1 62  ? -9.939  3.189   -4.662  1.00 40.80 ? 62   ILE A N   1 
ATOM   450  C CA  . ILE A 1 62  ? -9.103  3.757   -5.724  1.00 42.39 ? 62   ILE A CA  1 
ATOM   451  C C   . ILE A 1 62  ? -9.863  4.770   -6.586  1.00 43.45 ? 62   ILE A C   1 
ATOM   452  O O   . ILE A 1 62  ? -9.331  5.824   -6.928  1.00 42.74 ? 62   ILE A O   1 
ATOM   453  C CB  . ILE A 1 62  ? -8.579  2.664   -6.681  1.00 43.67 ? 62   ILE A CB  1 
ATOM   454  C CG1 . ILE A 1 62  ? -7.770  1.586   -5.936  1.00 44.21 ? 62   ILE A CG1 1 
ATOM   455  C CG2 . ILE A 1 62  ? -7.758  3.294   -7.801  1.00 43.82 ? 62   ILE A CG2 1 
ATOM   456  C CD1 . ILE A 1 62  ? -6.537  2.103   -5.243  1.00 45.53 ? 62   ILE A CD1 1 
ATOM   457  N N   . HIS A 1 63  ? -11.087 4.416   -6.975  1.00 45.81 ? 63   HIS A N   1 
ATOM   458  C CA  . HIS A 1 63  ? -11.942 5.301   -7.764  1.00 46.15 ? 63   HIS A CA  1 
ATOM   459  C C   . HIS A 1 63  ? -12.090 6.608   -7.022  1.00 46.97 ? 63   HIS A C   1 
ATOM   460  O O   . HIS A 1 63  ? -11.892 7.691   -7.585  1.00 46.24 ? 63   HIS A O   1 
ATOM   461  C CB  . HIS A 1 63  ? -13.330 4.696   -7.929  1.00 47.68 ? 63   HIS A CB  1 
ATOM   462  C CG  . HIS A 1 63  ? -13.352 3.403   -8.685  1.00 51.60 ? 63   HIS A CG  1 
ATOM   463  N ND1 . HIS A 1 63  ? -12.377 3.052   -9.598  1.00 51.76 ? 63   HIS A ND1 1 
ATOM   464  C CD2 . HIS A 1 63  ? -14.261 2.395   -8.699  1.00 52.63 ? 63   HIS A CD2 1 
ATOM   465  C CE1 . HIS A 1 63  ? -12.671 1.874   -10.122 1.00 51.05 ? 63   HIS A CE1 1 
ATOM   466  N NE2 . HIS A 1 63  ? -13.811 1.457   -9.600  1.00 51.89 ? 63   HIS A NE2 1 
ATOM   467  N N   . GLN A 1 64  ? -12.428 6.488   -5.742  1.00 45.42 ? 64   GLN A N   1 
ATOM   468  C CA  . GLN A 1 64  ? -12.687 7.643   -4.918  1.00 47.08 ? 64   GLN A CA  1 
ATOM   469  C C   . GLN A 1 64  ? -11.500 8.590   -4.893  1.00 45.38 ? 64   GLN A C   1 
ATOM   470  O O   . GLN A 1 64  ? -11.682 9.822   -4.974  1.00 44.72 ? 64   GLN A O   1 
ATOM   471  C CB  . GLN A 1 64  ? -13.073 7.203   -3.514  1.00 49.29 ? 64   GLN A CB  1 
ATOM   472  C CG  . GLN A 1 64  ? -14.487 6.650   -3.451  1.00 50.95 ? 64   GLN A CG  1 
ATOM   473  C CD  . GLN A 1 64  ? -14.876 6.265   -2.044  1.00 54.53 ? 64   GLN A CD  1 
ATOM   474  O OE1 . GLN A 1 64  ? -15.049 7.122   -1.183  1.00 61.79 ? 64   GLN A OE1 1 
ATOM   475  N NE2 . GLN A 1 64  ? -15.012 4.974   -1.798  1.00 57.24 ? 64   GLN A NE2 1 
ATOM   476  N N   . ALA A 1 65  ? -10.300 8.010   -4.799  1.00 41.98 ? 65   ALA A N   1 
ATOM   477  C CA  . ALA A 1 65  ? -9.047  8.784   -4.804  1.00 41.11 ? 65   ALA A CA  1 
ATOM   478  C C   . ALA A 1 65  ? -8.789  9.415   -6.165  1.00 40.23 ? 65   ALA A C   1 
ATOM   479  O O   . ALA A 1 65  ? -8.241  10.500  -6.258  1.00 36.72 ? 65   ALA A O   1 
ATOM   480  C CB  . ALA A 1 65  ? -7.867  7.905   -4.408  1.00 40.00 ? 65   ALA A CB  1 
ATOM   481  N N   . ALA A 1 66  ? -9.182  8.714   -7.219  1.00 42.20 ? 66   ALA A N   1 
ATOM   482  C CA  . ALA A 1 66  ? -9.063  9.229   -8.572  1.00 42.80 ? 66   ALA A CA  1 
ATOM   483  C C   . ALA A 1 66  ? -9.948  10.455  -8.703  1.00 44.28 ? 66   ALA A C   1 
ATOM   484  O O   . ALA A 1 66  ? -9.486  11.506  -9.116  1.00 45.03 ? 66   ALA A O   1 
ATOM   485  C CB  . ALA A 1 66  ? -9.461  8.162   -9.584  1.00 42.66 ? 66   ALA A CB  1 
ATOM   486  N N   . ASP A 1 67  ? -11.216 10.307  -8.329  1.00 47.46 ? 67   ASP A N   1 
ATOM   487  C CA  . ASP A 1 67  ? -12.173 11.426  -8.267  1.00 51.63 ? 67   ASP A CA  1 
ATOM   488  C C   . ASP A 1 67  ? -11.723 12.619  -7.404  1.00 50.87 ? 67   ASP A C   1 
ATOM   489  O O   . ASP A 1 67  ? -12.006 13.768  -7.724  1.00 46.98 ? 67   ASP A O   1 
ATOM   490  C CB  . ASP A 1 67  ? -13.511 10.941  -7.684  1.00 56.10 ? 67   ASP A CB  1 
ATOM   491  C CG  . ASP A 1 67  ? -14.354 10.145  -8.681  1.00 56.33 ? 67   ASP A CG  1 
ATOM   492  O OD1 . ASP A 1 67  ? -14.253 10.335  -9.918  1.00 54.13 ? 67   ASP A OD1 1 
ATOM   493  O OD2 . ASP A 1 67  ? -15.160 9.328   -8.194  1.00 58.05 ? 67   ASP A OD2 1 
ATOM   494  N N   . ALA A 1 68  ? -11.065 12.331  -6.289  1.00 49.96 ? 68   ALA A N   1 
ATOM   495  C CA  . ALA A 1 68  ? -10.622 13.361  -5.367  1.00 48.02 ? 68   ALA A CA  1 
ATOM   496  C C   . ALA A 1 68  ? -9.263  13.943  -5.743  1.00 47.26 ? 68   ALA A C   1 
ATOM   497  O O   . ALA A 1 68  ? -8.797  14.898  -5.100  1.00 49.40 ? 68   ALA A O   1 
ATOM   498  C CB  . ALA A 1 68  ? -10.547 12.765  -3.979  1.00 50.84 ? 68   ALA A CB  1 
ATOM   499  N N   . ALA A 1 69  ? -8.639  13.365  -6.777  1.00 44.86 ? 69   ALA A N   1 
ATOM   500  C CA  . ALA A 1 69  ? -7.227  13.592  -7.121  1.00 42.45 ? 69   ALA A CA  1 
ATOM   501  C C   . ALA A 1 69  ? -6.311  13.563  -5.889  1.00 43.42 ? 69   ALA A C   1 
ATOM   502  O O   . ALA A 1 69  ? -5.460  14.427  -5.725  1.00 43.42 ? 69   ALA A O   1 
ATOM   503  C CB  . ALA A 1 69  ? -7.067  14.887  -7.890  1.00 40.66 ? 69   ALA A CB  1 
ATOM   504  N N   . GLU A 1 70  ? -6.504  12.556  -5.033  1.00 45.34 ? 70   GLU A N   1 
ATOM   505  C CA  . GLU A 1 70  ? -5.680  12.343  -3.842  1.00 47.47 ? 70   GLU A CA  1 
ATOM   506  C C   . GLU A 1 70  ? -4.622  11.270  -4.078  1.00 48.45 ? 70   GLU A C   1 
ATOM   507  O O   . GLU A 1 70  ? -4.861  10.290  -4.787  1.00 52.72 ? 70   GLU A O   1 
ATOM   508  C CB  . GLU A 1 70  ? -6.550  11.938  -2.661  1.00 50.10 ? 70   GLU A CB  1 
ATOM   509  C CG  . GLU A 1 70  ? -7.417  13.081  -2.136  1.00 55.62 ? 70   GLU A CG  1 
ATOM   510  C CD  . GLU A 1 70  ? -8.544  12.629  -1.196  1.00 60.74 ? 70   GLU A CD  1 
ATOM   511  O OE1 . GLU A 1 70  ? -8.830  11.390  -1.126  1.00 57.25 ? 70   GLU A OE1 1 
ATOM   512  O OE2 . GLU A 1 70  ? -9.153  13.530  -0.540  1.00 59.22 ? 70   GLU A OE2 1 
ATOM   513  N N   . PRO A 1 71  ? -3.428  11.453  -3.493  1.00 48.73 ? 71   PRO A N   1 
ATOM   514  C CA  . PRO A 1 71  ? -2.427  10.403  -3.647  1.00 47.03 ? 71   PRO A CA  1 
ATOM   515  C C   . PRO A 1 71  ? -2.755  9.115   -2.876  1.00 44.85 ? 71   PRO A C   1 
ATOM   516  O O   . PRO A 1 71  ? -3.504  9.119   -1.892  1.00 40.83 ? 71   PRO A O   1 
ATOM   517  C CB  . PRO A 1 71  ? -1.140  11.053  -3.119  1.00 45.94 ? 71   PRO A CB  1 
ATOM   518  C CG  . PRO A 1 71  ? -1.595  12.148  -2.227  1.00 46.34 ? 71   PRO A CG  1 
ATOM   519  C CD  . PRO A 1 71  ? -2.890  12.640  -2.800  1.00 48.28 ? 71   PRO A CD  1 
ATOM   520  N N   . VAL A 1 72  ? -2.172  8.024   -3.354  1.00 44.84 ? 72   VAL A N   1 
ATOM   521  C CA  . VAL A 1 72  ? -2.388  6.715   -2.792  1.00 42.45 ? 72   VAL A CA  1 
ATOM   522  C C   . VAL A 1 72  ? -1.072  6.021   -2.551  1.00 39.80 ? 72   VAL A C   1 
ATOM   523  O O   . VAL A 1 72  ? -0.163  6.049   -3.382  1.00 37.77 ? 72   VAL A O   1 
ATOM   524  C CB  . VAL A 1 72  ? -3.206  5.827   -3.742  1.00 44.30 ? 72   VAL A CB  1 
ATOM   525  C CG1 . VAL A 1 72  ? -3.270  4.389   -3.224  1.00 45.43 ? 72   VAL A CG1 1 
ATOM   526  C CG2 . VAL A 1 72  ? -4.595  6.418   -3.935  1.00 44.71 ? 72   VAL A CG2 1 
ATOM   527  N N   . ILE A 1 73  ? -1.005  5.413   -1.379  1.00 39.46 ? 73   ILE A N   1 
ATOM   528  C CA  . ILE A 1 73  ? -0.032  4.394   -1.055  1.00 39.77 ? 73   ILE A CA  1 
ATOM   529  C C   . ILE A 1 73  ? -0.798  3.064   -1.051  1.00 40.42 ? 73   ILE A C   1 
ATOM   530  O O   . ILE A 1 73  ? -1.839  2.900   -0.397  1.00 36.93 ? 73   ILE A O   1 
ATOM   531  C CB  . ILE A 1 73  ? 0.626   4.667   0.308   1.00 39.25 ? 73   ILE A CB  1 
ATOM   532  C CG1 . ILE A 1 73  ? 1.458   5.961   0.226   1.00 38.78 ? 73   ILE A CG1 1 
ATOM   533  C CG2 . ILE A 1 73  ? 1.445   3.463   0.757   1.00 39.50 ? 73   ILE A CG2 1 
ATOM   534  C CD1 . ILE A 1 73  ? 1.854   6.551   1.566   1.00 38.29 ? 73   ILE A CD1 1 
ATOM   535  N N   . LEU A 1 74  ? -0.290  2.120   -1.820  1.00 41.38 ? 74   LEU A N   1 
ATOM   536  C CA  . LEU A 1 74  ? -1.010  0.910   -2.039  1.00 41.83 ? 74   LEU A CA  1 
ATOM   537  C C   . LEU A 1 74  ? -0.102  -0.284  -1.808  1.00 40.99 ? 74   LEU A C   1 
ATOM   538  O O   . LEU A 1 74  ? 0.936   -0.412  -2.453  1.00 40.05 ? 74   LEU A O   1 
ATOM   539  C CB  . LEU A 1 74  ? -1.562  0.917   -3.453  1.00 43.42 ? 74   LEU A CB  1 
ATOM   540  C CG  . LEU A 1 74  ? -2.237  -0.399  -3.851  1.00 47.71 ? 74   LEU A CG  1 
ATOM   541  C CD1 . LEU A 1 74  ? -3.431  -0.705  -2.948  1.00 47.43 ? 74   LEU A CD1 1 
ATOM   542  C CD2 . LEU A 1 74  ? -2.652  -0.377  -5.321  1.00 48.41 ? 74   LEU A CD2 1 
ATOM   543  N N   . ASN A 1 75  ? -0.476  -1.118  -0.843  1.00 39.90 ? 75   ASN A N   1 
ATOM   544  C CA  . ASN A 1 75  ? 0.060   -2.454  -0.748  1.00 39.18 ? 75   ASN A CA  1 
ATOM   545  C C   . ASN A 1 75  ? -1.083  -3.403  -1.034  1.00 40.52 ? 75   ASN A C   1 
ATOM   546  O O   . ASN A 1 75  ? -1.900  -3.661  -0.150  1.00 42.12 ? 75   ASN A O   1 
ATOM   547  C CB  . ASN A 1 75  ? 0.642   -2.732  0.633   1.00 37.53 ? 75   ASN A CB  1 
ATOM   548  C CG  . ASN A 1 75  ? 1.296   -4.105  0.716   1.00 38.94 ? 75   ASN A CG  1 
ATOM   549  O OD1 . ASN A 1 75  ? 1.137   -4.948  -0.173  1.00 38.19 ? 75   ASN A OD1 1 
ATOM   550  N ND2 . ASN A 1 75  ? 2.045   -4.333  1.778   1.00 40.65 ? 75   ASN A ND2 1 
ATOM   551  N N   . ALA A 1 76  ? -1.139  -3.930  -2.262  1.00 40.99 ? 76   ALA A N   1 
ATOM   552  C CA  . ALA A 1 76  ? -2.290  -4.761  -2.717  1.00 40.59 ? 76   ALA A CA  1 
ATOM   553  C C   . ALA A 1 76  ? -2.191  -6.244  -2.349  1.00 40.64 ? 76   ALA A C   1 
ATOM   554  O O   . ALA A 1 76  ? -3.027  -7.048  -2.779  1.00 37.82 ? 76   ALA A O   1 
ATOM   555  C CB  . ALA A 1 76  ? -2.480  -4.632  -4.224  1.00 39.37 ? 76   ALA A CB  1 
ATOM   556  N N   . GLY A 1 77  ? -1.177  -6.611  -1.566  1.00 40.88 ? 77   GLY A N   1 
ATOM   557  C CA  . GLY A 1 77  ? -0.901  -8.017  -1.313  1.00 42.35 ? 77   GLY A CA  1 
ATOM   558  C C   . GLY A 1 77  ? -0.753  -8.857  -2.586  1.00 41.64 ? 77   GLY A C   1 
ATOM   559  O O   . GLY A 1 77  ? -0.069  -8.466  -3.544  1.00 39.12 ? 77   GLY A O   1 
ATOM   560  N N   . GLY A 1 78  ? -1.406  -10.016 -2.590  1.00 42.55 ? 78   GLY A N   1 
ATOM   561  C CA  . GLY A 1 78  ? -1.263  -10.978 -3.685  1.00 44.13 ? 78   GLY A CA  1 
ATOM   562  C C   . GLY A 1 78  ? -1.820  -10.501 -5.011  1.00 44.75 ? 78   GLY A C   1 
ATOM   563  O O   . GLY A 1 78  ? -1.406  -10.973 -6.060  1.00 45.72 ? 78   GLY A O   1 
ATOM   564  N N   . LEU A 1 79  ? -2.762  -9.561  -4.959  1.00 45.12 ? 79   LEU A N   1 
ATOM   565  C CA  . LEU A 1 79  ? -3.374  -9.002  -6.161  1.00 43.12 ? 79   LEU A CA  1 
ATOM   566  C C   . LEU A 1 79  ? -2.377  -8.214  -6.985  1.00 43.02 ? 79   LEU A C   1 
ATOM   567  O O   . LEU A 1 79  ? -2.563  -8.035  -8.196  1.00 46.73 ? 79   LEU A O   1 
ATOM   568  C CB  . LEU A 1 79  ? -4.544  -8.103  -5.795  1.00 42.11 ? 79   LEU A CB  1 
ATOM   569  C CG  . LEU A 1 79  ? -5.696  -8.828  -5.099  1.00 42.98 ? 79   LEU A CG  1 
ATOM   570  C CD1 . LEU A 1 79  ? -6.665  -7.810  -4.521  1.00 42.39 ? 79   LEU A CD1 1 
ATOM   571  C CD2 . LEU A 1 79  ? -6.416  -9.780  -6.050  1.00 45.09 ? 79   LEU A CD2 1 
ATOM   572  N N   . THR A 1 80  ? -1.318  -7.739  -6.337  1.00 39.90 ? 80   THR A N   1 
ATOM   573  C CA  . THR A 1 80  ? -0.212  -7.128  -7.053  1.00 39.03 ? 80   THR A CA  1 
ATOM   574  C C   . THR A 1 80  ? 0.253   -7.963  -8.249  1.00 38.12 ? 80   THR A C   1 
ATOM   575  O O   . THR A 1 80  ? 0.563   -7.417  -9.308  1.00 35.98 ? 80   THR A O   1 
ATOM   576  C CB  . THR A 1 80  ? 0.987   -6.945  -6.122  1.00 39.50 ? 80   THR A CB  1 
ATOM   577  O OG1 . THR A 1 80  ? 0.578   -6.224  -4.957  1.00 39.17 ? 80   THR A OG1 1 
ATOM   578  C CG2 . THR A 1 80  ? 2.064   -6.185  -6.831  1.00 40.74 ? 80   THR A CG2 1 
ATOM   579  N N   . HIS A 1 81  ? 0.305   -9.282  -8.060  1.00 39.33 ? 81   HIS A N   1 
ATOM   580  C CA  . HIS A 1 81  ? 0.837   -10.199 -9.064  1.00 41.06 ? 81   HIS A CA  1 
ATOM   581  C C   . HIS A 1 81  ? -0.222  -10.733 -10.023 1.00 43.72 ? 81   HIS A C   1 
ATOM   582  O O   . HIS A 1 81  ? 0.140   -11.365 -11.025 1.00 45.40 ? 81   HIS A O   1 
ATOM   583  C CB  . HIS A 1 81  ? 1.522   -11.386 -8.397  1.00 41.31 ? 81   HIS A CB  1 
ATOM   584  C CG  . HIS A 1 81  ? 2.327   -11.009 -7.199  1.00 45.85 ? 81   HIS A CG  1 
ATOM   585  N ND1 . HIS A 1 81  ? 3.340   -10.077 -7.248  1.00 47.93 ? 81   HIS A ND1 1 
ATOM   586  C CD2 . HIS A 1 81  ? 2.252   -11.417 -5.909  1.00 47.42 ? 81   HIS A CD2 1 
ATOM   587  C CE1 . HIS A 1 81  ? 3.858   -9.931  -6.041  1.00 47.50 ? 81   HIS A CE1 1 
ATOM   588  N NE2 . HIS A 1 81  ? 3.222   -10.741 -5.214  1.00 47.86 ? 81   HIS A NE2 1 
ATOM   589  N N   . THR A 1 82  ? -1.506  -10.473 -9.740  1.00 43.35 ? 82   THR A N   1 
ATOM   590  C CA  . THR A 1 82  ? -2.611  -11.162 -10.432 1.00 43.19 ? 82   THR A CA  1 
ATOM   591  C C   . THR A 1 82  ? -3.650  -10.267 -11.088 1.00 43.27 ? 82   THR A C   1 
ATOM   592  O O   . THR A 1 82  ? -4.232  -10.651 -12.103 1.00 41.53 ? 82   THR A O   1 
ATOM   593  C CB  . THR A 1 82  ? -3.388  -12.107 -9.476  1.00 44.09 ? 82   THR A CB  1 
ATOM   594  O OG1 . THR A 1 82  ? -4.272  -11.354 -8.625  1.00 43.31 ? 82   THR A OG1 1 
ATOM   595  C CG2 . THR A 1 82  ? -2.426  -12.963 -8.637  1.00 42.98 ? 82   THR A CG2 1 
ATOM   596  N N   . SER A 1 83  ? -3.912  -9.101  -10.502 1.00 45.04 ? 83   SER A N   1 
ATOM   597  C CA  . SER A 1 83  ? -5.061  -8.291  -10.920 1.00 44.45 ? 83   SER A CA  1 
ATOM   598  C C   . SER A 1 83  ? -4.713  -7.219  -11.935 1.00 41.56 ? 83   SER A C   1 
ATOM   599  O O   . SER A 1 83  ? -3.951  -6.280  -11.645 1.00 40.13 ? 83   SER A O   1 
ATOM   600  C CB  . SER A 1 83  ? -5.745  -7.626  -9.731  1.00 45.06 ? 83   SER A CB  1 
ATOM   601  O OG  . SER A 1 83  ? -6.945  -7.004  -10.175 1.00 45.58 ? 83   SER A OG  1 
ATOM   602  N N   . VAL A 1 84  ? -5.295  -7.375  -13.119 1.00 39.09 ? 84   VAL A N   1 
ATOM   603  C CA  . VAL A 1 84  ? -5.305  -6.330  -14.128 1.00 37.86 ? 84   VAL A CA  1 
ATOM   604  C C   . VAL A 1 84  ? -6.322  -5.284  -13.753 1.00 35.34 ? 84   VAL A C   1 
ATOM   605  O O   . VAL A 1 84  ? -6.078  -4.094  -13.914 1.00 33.99 ? 84   VAL A O   1 
ATOM   606  C CB  . VAL A 1 84  ? -5.676  -6.876  -15.512 1.00 37.33 ? 84   VAL A CB  1 
ATOM   607  C CG1 . VAL A 1 84  ? -5.872  -5.726  -16.493 1.00 37.43 ? 84   VAL A CG1 1 
ATOM   608  C CG2 . VAL A 1 84  ? -4.595  -7.841  -15.991 1.00 36.38 ? 84   VAL A CG2 1 
ATOM   609  N N   . ALA A 1 85  ? -7.465  -5.748  -13.266 1.00 34.86 ? 85   ALA A N   1 
ATOM   610  C CA  . ALA A 1 85  ? -8.534  -4.862  -12.789 1.00 37.35 ? 85   ALA A CA  1 
ATOM   611  C C   . ALA A 1 85  ? -8.035  -3.763  -11.846 1.00 35.98 ? 85   ALA A C   1 
ATOM   612  O O   . ALA A 1 85  ? -8.380  -2.578  -11.971 1.00 33.49 ? 85   ALA A O   1 
ATOM   613  C CB  . ALA A 1 85  ? -9.630  -5.677  -12.106 1.00 38.30 ? 85   ALA A CB  1 
ATOM   614  N N   . LEU A 1 86  ? -7.213  -4.169  -10.904 1.00 36.22 ? 86   LEU A N   1 
ATOM   615  C CA  . LEU A 1 86  ? -6.649  -3.221  -10.006 1.00 40.42 ? 86   LEU A CA  1 
ATOM   616  C C   . LEU A 1 86  ? -5.772  -2.246  -10.768 1.00 40.23 ? 86   LEU A C   1 
ATOM   617  O O   . LEU A 1 86  ? -5.930  -1.028  -10.668 1.00 39.90 ? 86   LEU A O   1 
ATOM   618  C CB  . LEU A 1 86  ? -5.847  -3.945  -8.944  1.00 44.66 ? 86   LEU A CB  1 
ATOM   619  C CG  . LEU A 1 86  ? -5.495  -3.066  -7.751  1.00 47.73 ? 86   LEU A CG  1 
ATOM   620  C CD1 . LEU A 1 86  ? -6.712  -2.310  -7.227  1.00 49.05 ? 86   LEU A CD1 1 
ATOM   621  C CD2 . LEU A 1 86  ? -4.899  -3.950  -6.667  1.00 49.22 ? 86   LEU A CD2 1 
ATOM   622  N N   . ARG A 1 87  ? -4.862  -2.787  -11.556 1.00 40.24 ? 87   ARG A N   1 
ATOM   623  C CA  . ARG A 1 87  ? -4.017  -1.961  -12.394 1.00 42.53 ? 87   ARG A CA  1 
ATOM   624  C C   . ARG A 1 87  ? -4.825  -0.892  -13.128 1.00 40.22 ? 87   ARG A C   1 
ATOM   625  O O   . ARG A 1 87  ? -4.436  0.263   -13.183 1.00 38.52 ? 87   ARG A O   1 
ATOM   626  C CB  . ARG A 1 87  ? -3.280  -2.842  -13.410 1.00 45.90 ? 87   ARG A CB  1 
ATOM   627  C CG  . ARG A 1 87  ? -2.396  -2.090  -14.390 1.00 47.38 ? 87   ARG A CG  1 
ATOM   628  C CD  . ARG A 1 87  ? -2.061  -2.948  -15.588 1.00 49.25 ? 87   ARG A CD  1 
ATOM   629  N NE  . ARG A 1 87  ? -1.408  -2.175  -16.655 1.00 54.07 ? 87   ARG A NE  1 
ATOM   630  C CZ  . ARG A 1 87  ? -0.114  -2.244  -16.997 1.00 55.18 ? 87   ARG A CZ  1 
ATOM   631  N NH1 . ARG A 1 87  ? 0.759   -3.062  -16.371 1.00 51.45 ? 87   ARG A NH1 1 
ATOM   632  N NH2 . ARG A 1 87  ? 0.309   -1.481  -17.999 1.00 56.03 ? 87   ARG A NH2 1 
ATOM   633  N N   . ASP A 1 88  ? -5.954  -1.285  -13.688 1.00 41.38 ? 88   ASP A N   1 
ATOM   634  C CA  . ASP A 1 88  ? -6.734  -0.378  -14.518 1.00 44.95 ? 88   ASP A CA  1 
ATOM   635  C C   . ASP A 1 88  ? -7.383  0.771   -13.743 1.00 43.52 ? 88   ASP A C   1 
ATOM   636  O O   . ASP A 1 88  ? -7.612  1.856   -14.301 1.00 39.05 ? 88   ASP A O   1 
ATOM   637  C CB  . ASP A 1 88  ? -7.812  -1.162  -15.263 1.00 48.76 ? 88   ASP A CB  1 
ATOM   638  C CG  . ASP A 1 88  ? -7.279  -1.860  -16.502 1.00 53.44 ? 88   ASP A CG  1 
ATOM   639  O OD1 . ASP A 1 88  ? -6.186  -1.490  -17.021 1.00 54.71 ? 88   ASP A OD1 1 
ATOM   640  O OD2 . ASP A 1 88  ? -7.982  -2.781  -16.957 1.00 56.95 ? 88   ASP A OD2 1 
ATOM   641  N N   . ALA A 1 89  ? -7.694  0.507   -12.477 1.00 41.77 ? 89   ALA A N   1 
ATOM   642  C CA  . ALA A 1 89  ? -8.247  1.514   -11.582 1.00 40.99 ? 89   ALA A CA  1 
ATOM   643  C C   . ALA A 1 89  ? -7.181  2.526   -11.219 1.00 40.39 ? 89   ALA A C   1 
ATOM   644  O O   . ALA A 1 89  ? -7.426  3.743   -11.228 1.00 40.97 ? 89   ALA A O   1 
ATOM   645  C CB  . ALA A 1 89  ? -8.772  0.856   -10.316 1.00 41.26 ? 89   ALA A CB  1 
ATOM   646  N N   . CYS A 1 90  ? -6.004  2.008   -10.871 1.00 38.67 ? 90   CYS A N   1 
ATOM   647  C CA  . CYS A 1 90  ? -4.878  2.834   -10.465 1.00 37.64 ? 90   CYS A CA  1 
ATOM   648  C C   . CYS A 1 90  ? -4.415  3.702   -11.594 1.00 37.95 ? 90   CYS A C   1 
ATOM   649  O O   . CYS A 1 90  ? -3.936  4.808   -11.359 1.00 37.96 ? 90   CYS A O   1 
ATOM   650  C CB  . CYS A 1 90  ? -3.725  1.960   -10.047 1.00 38.59 ? 90   CYS A CB  1 
ATOM   651  S SG  . CYS A 1 90  ? -4.139  0.893   -8.661  1.00 44.68 ? 90   CYS A SG  1 
ATOM   652  N N   . ALA A 1 91  ? -4.560  3.188   -12.817 1.00 38.54 ? 91   ALA A N   1 
ATOM   653  C CA  . ALA A 1 91  ? -4.229  3.931   -14.030 1.00 40.43 ? 91   ALA A CA  1 
ATOM   654  C C   . ALA A 1 91  ? -5.016  5.239   -14.213 1.00 42.78 ? 91   ALA A C   1 
ATOM   655  O O   . ALA A 1 91  ? -4.548  6.149   -14.895 1.00 42.66 ? 91   ALA A O   1 
ATOM   656  C CB  . ALA A 1 91  ? -4.425  3.048   -15.231 1.00 41.85 ? 91   ALA A CB  1 
ATOM   657  N N   . GLU A 1 92  ? -6.191  5.321   -13.589 1.00 45.57 ? 92   GLU A N   1 
ATOM   658  C CA  . GLU A 1 92  ? -7.013  6.526   -13.560 1.00 47.88 ? 92   GLU A CA  1 
ATOM   659  C C   . GLU A 1 92  ? -6.538  7.605   -12.571 1.00 45.22 ? 92   GLU A C   1 
ATOM   660  O O   . GLU A 1 92  ? -6.965  8.750   -12.650 1.00 45.89 ? 92   GLU A O   1 
ATOM   661  C CB  . GLU A 1 92  ? -8.439  6.119   -13.213 1.00 56.11 ? 92   GLU A CB  1 
ATOM   662  C CG  . GLU A 1 92  ? -9.491  7.188   -13.488 1.00 67.86 ? 92   GLU A CG  1 
ATOM   663  C CD  . GLU A 1 92  ? -10.920 6.670   -13.335 1.00 74.24 ? 92   GLU A CD  1 
ATOM   664  O OE1 . GLU A 1 92  ? -11.096 5.507   -12.871 1.00 66.46 ? 92   GLU A OE1 1 
ATOM   665  O OE2 . GLU A 1 92  ? -11.867 7.444   -13.673 1.00 84.45 ? 92   GLU A OE2 1 
ATOM   666  N N   . LEU A 1 93  ? -5.663  7.243   -11.645 1.00 46.25 ? 93   LEU A N   1 
ATOM   667  C CA  . LEU A 1 93  ? -5.135  8.190   -10.660 1.00 48.55 ? 93   LEU A CA  1 
ATOM   668  C C   . LEU A 1 93  ? -4.288  9.277   -11.282 1.00 50.10 ? 93   LEU A C   1 
ATOM   669  O O   . LEU A 1 93  ? -3.349  8.973   -12.003 1.00 55.03 ? 93   LEU A O   1 
ATOM   670  C CB  . LEU A 1 93  ? -4.263  7.460   -9.642  1.00 49.70 ? 93   LEU A CB  1 
ATOM   671  C CG  . LEU A 1 93  ? -5.005  6.412   -8.802  1.00 52.05 ? 93   LEU A CG  1 
ATOM   672  C CD1 . LEU A 1 93  ? -3.999  5.509   -8.091  1.00 51.56 ? 93   LEU A CD1 1 
ATOM   673  C CD2 . LEU A 1 93  ? -5.970  7.082   -7.807  1.00 52.39 ? 93   LEU A CD2 1 
ATOM   674  N N   . SER A 1 94  ? -4.611  10.533  -10.979 1.00 54.41 ? 94   SER A N   1 
ATOM   675  C CA  . SER A 1 94  ? -3.799  11.698  -11.401 1.00 57.44 ? 94   SER A CA  1 
ATOM   676  C C   . SER A 1 94  ? -2.698  12.022  -10.374 1.00 52.94 ? 94   SER A C   1 
ATOM   677  O O   . SER A 1 94  ? -1.563  12.336  -10.728 1.00 47.03 ? 94   SER A O   1 
ATOM   678  C CB  . SER A 1 94  ? -4.695  12.933  -11.611 1.00 62.36 ? 94   SER A CB  1 
ATOM   679  O OG  . SER A 1 94  ? -5.112  13.502  -10.370 1.00 67.01 ? 94   SER A OG  1 
ATOM   680  N N   . ALA A 1 95  ? -3.055  11.958  -9.096  1.00 53.28 ? 95   ALA A N   1 
ATOM   681  C CA  . ALA A 1 95  ? -2.082  12.074  -8.010  1.00 54.95 ? 95   ALA A CA  1 
ATOM   682  C C   . ALA A 1 95  ? -1.114  10.879  -7.986  1.00 55.50 ? 95   ALA A C   1 
ATOM   683  O O   . ALA A 1 95  ? -1.387  9.819   -8.590  1.00 59.43 ? 95   ALA A O   1 
ATOM   684  C CB  . ALA A 1 95  ? -2.801  12.186  -6.667  1.00 55.44 ? 95   ALA A CB  1 
ATOM   685  N N   . PRO A 1 96  ? 0.014   11.035  -7.274  1.00 51.64 ? 96   PRO A N   1 
ATOM   686  C CA  . PRO A 1 96  ? 0.982   9.950   -7.257  1.00 50.71 ? 96   PRO A CA  1 
ATOM   687  C C   . PRO A 1 96  ? 0.484   8.663   -6.593  1.00 49.37 ? 96   PRO A C   1 
ATOM   688  O O   . PRO A 1 96  ? -0.415  8.679   -5.732  1.00 45.75 ? 96   PRO A O   1 
ATOM   689  C CB  . PRO A 1 96  ? 2.174   10.534  -6.475  1.00 51.31 ? 96   PRO A CB  1 
ATOM   690  C CG  . PRO A 1 96  ? 2.018   12.007  -6.545  1.00 51.27 ? 96   PRO A CG  1 
ATOM   691  C CD  . PRO A 1 96  ? 0.535   12.242  -6.604  1.00 52.69 ? 96   PRO A CD  1 
ATOM   692  N N   . LEU A 1 97  ? 1.101   7.564   -7.028  1.00 48.04 ? 97   LEU A N   1 
ATOM   693  C CA  . LEU A 1 97  ? 0.832   6.238   -6.528  1.00 45.20 ? 97   LEU A CA  1 
ATOM   694  C C   . LEU A 1 97  ? 2.163   5.619   -6.147  1.00 44.18 ? 97   LEU A C   1 
ATOM   695  O O   . LEU A 1 97  ? 3.066   5.521   -6.994  1.00 40.10 ? 97   LEU A O   1 
ATOM   696  C CB  . LEU A 1 97  ? 0.193   5.415   -7.625  1.00 45.35 ? 97   LEU A CB  1 
ATOM   697  C CG  . LEU A 1 97  ? 0.050   3.934   -7.336  1.00 46.60 ? 97   LEU A CG  1 
ATOM   698  C CD1 . LEU A 1 97  ? -0.890  3.720   -6.149  1.00 47.61 ? 97   LEU A CD1 1 
ATOM   699  C CD2 . LEU A 1 97  ? -0.443  3.256   -8.603  1.00 46.88 ? 97   LEU A CD2 1 
ATOM   700  N N   . ILE A 1 98  ? 2.287   5.237   -4.873  1.00 42.52 ? 98   ILE A N   1 
ATOM   701  C CA  . ILE A 1 98  ? 3.456   4.528   -4.394  1.00 43.29 ? 98   ILE A CA  1 
ATOM   702  C C   . ILE A 1 98  ? 3.005   3.130   -4.020  1.00 43.49 ? 98   ILE A C   1 
ATOM   703  O O   . ILE A 1 98  ? 2.084   2.960   -3.217  1.00 38.96 ? 98   ILE A O   1 
ATOM   704  C CB  . ILE A 1 98  ? 4.116   5.170   -3.145  1.00 47.31 ? 98   ILE A CB  1 
ATOM   705  C CG1 . ILE A 1 98  ? 4.114   6.709   -3.197  1.00 49.63 ? 98   ILE A CG1 1 
ATOM   706  C CG2 . ILE A 1 98  ? 5.532   4.624   -2.948  1.00 46.78 ? 98   ILE A CG2 1 
ATOM   707  C CD1 . ILE A 1 98  ? 4.825   7.314   -4.386  1.00 52.49 ? 98   ILE A CD1 1 
ATOM   708  N N   . GLU A 1 99  ? 3.665   2.143   -4.624  1.00 47.16 ? 99   GLU A N   1 
ATOM   709  C CA  . GLU A 1 99  ? 3.457   0.735   -4.332  1.00 48.76 ? 99   GLU A CA  1 
ATOM   710  C C   . GLU A 1 99  ? 4.419   0.372   -3.196  1.00 47.33 ? 99   GLU A C   1 
ATOM   711  O O   . GLU A 1 99  ? 5.611   0.768   -3.214  1.00 40.62 ? 99   GLU A O   1 
ATOM   712  C CB  . GLU A 1 99  ? 3.711   -0.099  -5.597  1.00 54.35 ? 99   GLU A CB  1 
ATOM   713  C CG  . GLU A 1 99  ? 3.567   -1.625  -5.469  1.00 62.60 ? 99   GLU A CG  1 
ATOM   714  C CD  . GLU A 1 99  ? 3.921   -2.390  -6.772  1.00 69.40 ? 99   GLU A CD  1 
ATOM   715  O OE1 . GLU A 1 99  ? 3.961   -1.778  -7.864  1.00 73.88 ? 99   GLU A OE1 1 
ATOM   716  O OE2 . GLU A 1 99  ? 4.167   -3.619  -6.725  1.00 68.45 ? 99   GLU A OE2 1 
ATOM   717  N N   . VAL A 1 100 ? 3.882   -0.336  -2.195  1.00 44.66 ? 100  VAL A N   1 
ATOM   718  C CA  . VAL A 1 100 ? 4.668   -0.764  -1.057  1.00 42.13 ? 100  VAL A CA  1 
ATOM   719  C C   . VAL A 1 100 ? 4.476   -2.239  -0.812  1.00 41.43 ? 100  VAL A C   1 
ATOM   720  O O   . VAL A 1 100 ? 3.360   -2.724  -0.809  1.00 38.46 ? 100  VAL A O   1 
ATOM   721  C CB  . VAL A 1 100 ? 4.305   -0.005  0.227   1.00 43.99 ? 100  VAL A CB  1 
ATOM   722  C CG1 . VAL A 1 100 ? 5.132   -0.519  1.404   1.00 44.49 ? 100  VAL A CG1 1 
ATOM   723  C CG2 . VAL A 1 100 ? 4.548   1.492   0.055   1.00 45.62 ? 100  VAL A CG2 1 
ATOM   724  N N   . HIS A 1 101 ? 5.600   -2.930  -0.635  1.00 43.92 ? 101  HIS A N   1 
ATOM   725  C CA  . HIS A 1 101 ? 5.650   -4.266  -0.062  1.00 43.86 ? 101  HIS A CA  1 
ATOM   726  C C   . HIS A 1 101 ? 6.570   -4.304  1.147   1.00 41.72 ? 101  HIS A C   1 
ATOM   727  O O   . HIS A 1 101 ? 7.663   -3.740  1.178   1.00 36.86 ? 101  HIS A O   1 
ATOM   728  C CB  . HIS A 1 101 ? 6.101   -5.276  -1.095  1.00 48.85 ? 101  HIS A CB  1 
ATOM   729  C CG  . HIS A 1 101 ? 5.232   -5.284  -2.304  1.00 56.91 ? 101  HIS A CG  1 
ATOM   730  N ND1 . HIS A 1 101 ? 3.862   -5.420  -2.225  1.00 61.12 ? 101  HIS A ND1 1 
ATOM   731  C CD2 . HIS A 1 101 ? 5.522   -5.115  -3.612  1.00 60.38 ? 101  HIS A CD2 1 
ATOM   732  C CE1 . HIS A 1 101 ? 3.349   -5.357  -3.437  1.00 61.80 ? 101  HIS A CE1 1 
ATOM   733  N NE2 . HIS A 1 101 ? 4.335   -5.169  -4.296  1.00 63.00 ? 101  HIS A NE2 1 
ATOM   734  N N   . ILE A 1 102 ? 6.078   -4.987  2.158   1.00 42.52 ? 102  ILE A N   1 
ATOM   735  C CA  . ILE A 1 102 ? 6.738   -5.106  3.439   1.00 41.97 ? 102  ILE A CA  1 
ATOM   736  C C   . ILE A 1 102 ? 7.938   -6.008  3.243   1.00 40.28 ? 102  ILE A C   1 
ATOM   737  O O   . ILE A 1 102 ? 9.061   -5.672  3.642   1.00 39.15 ? 102  ILE A O   1 
ATOM   738  C CB  . ILE A 1 102 ? 5.725   -5.685  4.459   1.00 42.66 ? 102  ILE A CB  1 
ATOM   739  C CG1 . ILE A 1 102 ? 4.604   -4.651  4.672   1.00 44.79 ? 102  ILE A CG1 1 
ATOM   740  C CG2 . ILE A 1 102 ? 6.371   -6.027  5.786   1.00 41.37 ? 102  ILE A CG2 1 
ATOM   741  C CD1 . ILE A 1 102 ? 3.352   -5.206  5.305   1.00 46.36 ? 102  ILE A CD1 1 
ATOM   742  N N   . SER A 1 103 ? 7.677   -7.144  2.600   1.00 38.45 ? 103  SER A N   1 
ATOM   743  C CA  . SER A 1 103 ? 8.699   -8.141  2.297   1.00 38.31 ? 103  SER A CA  1 
ATOM   744  C C   . SER A 1 103 ? 9.504   -7.777  1.041   1.00 37.63 ? 103  SER A C   1 
ATOM   745  O O   . SER A 1 103 ? 9.010   -7.086  0.143   1.00 37.28 ? 103  SER A O   1 
ATOM   746  C CB  . SER A 1 103 ? 8.042   -9.536  2.136   1.00 37.94 ? 103  SER A CB  1 
ATOM   747  O OG  . SER A 1 103 ? 7.357   -9.696  0.892   1.00 36.52 ? 103  SER A OG  1 
ATOM   748  N N   . ASN A 1 104 ? 10.746  -8.242  0.973   1.00 36.71 ? 104  ASN A N   1 
ATOM   749  C CA  . ASN A 1 104 ? 11.473  -8.173  -0.283  1.00 36.12 ? 104  ASN A CA  1 
ATOM   750  C C   . ASN A 1 104 ? 10.992  -9.296  -1.181  1.00 36.97 ? 104  ASN A C   1 
ATOM   751  O O   . ASN A 1 104 ? 11.510  -10.408 -1.142  1.00 38.29 ? 104  ASN A O   1 
ATOM   752  C CB  . ASN A 1 104 ? 12.978  -8.254  -0.066  1.00 34.86 ? 104  ASN A CB  1 
ATOM   753  C CG  . ASN A 1 104 ? 13.763  -8.056  -1.349  1.00 34.69 ? 104  ASN A CG  1 
ATOM   754  O OD1 . ASN A 1 104 ? 13.195  -8.011  -2.448  1.00 35.82 ? 104  ASN A OD1 1 
ATOM   755  N ND2 . ASN A 1 104 ? 15.079  -7.950  -1.218  1.00 33.96 ? 104  ASN A ND2 1 
ATOM   756  N N   . VAL A 1 105 ? 9.980   -9.003  -1.979  1.00 38.47 ? 105  VAL A N   1 
ATOM   757  C CA  . VAL A 1 105 ? 9.449   -9.982  -2.932  1.00 42.44 ? 105  VAL A CA  1 
ATOM   758  C C   . VAL A 1 105 ? 10.527  -10.608 -3.869  1.00 41.99 ? 105  VAL A C   1 
ATOM   759  O O   . VAL A 1 105 ? 10.402  -11.770 -4.328  1.00 39.37 ? 105  VAL A O   1 
ATOM   760  C CB  . VAL A 1 105 ? 8.285   -9.362  -3.760  1.00 44.75 ? 105  VAL A CB  1 
ATOM   761  C CG1 . VAL A 1 105 ? 7.037   -9.197  -2.886  1.00 45.73 ? 105  VAL A CG1 1 
ATOM   762  C CG2 . VAL A 1 105 ? 8.690   -8.022  -4.382  1.00 44.75 ? 105  VAL A CG2 1 
ATOM   763  N N   . HIS A 1 106 ? 11.596  -9.852  -4.124  1.00 41.16 ? 106  HIS A N   1 
ATOM   764  C CA  . HIS A 1 106 ? 12.655  -10.307 -5.035  1.00 41.87 ? 106  HIS A CA  1 
ATOM   765  C C   . HIS A 1 106 ? 13.554  -11.375 -4.427  1.00 39.21 ? 106  HIS A C   1 
ATOM   766  O O   . HIS A 1 106 ? 14.380  -11.981 -5.110  1.00 36.96 ? 106  HIS A O   1 
ATOM   767  C CB  . HIS A 1 106 ? 13.467  -9.116  -5.526  1.00 42.47 ? 106  HIS A CB  1 
ATOM   768  C CG  . HIS A 1 106 ? 12.628  -8.098  -6.217  1.00 45.33 ? 106  HIS A CG  1 
ATOM   769  N ND1 . HIS A 1 106 ? 11.940  -8.369  -7.382  1.00 46.41 ? 106  HIS A ND1 1 
ATOM   770  C CD2 . HIS A 1 106 ? 12.319  -6.826  -5.885  1.00 47.90 ? 106  HIS A CD2 1 
ATOM   771  C CE1 . HIS A 1 106 ? 11.269  -7.299  -7.758  1.00 49.10 ? 106  HIS A CE1 1 
ATOM   772  N NE2 . HIS A 1 106 ? 11.482  -6.348  -6.867  1.00 52.28 ? 106  HIS A NE2 1 
ATOM   773  N N   . ALA A 1 107 ? 13.373  -11.608 -3.141  1.00 38.20 ? 107  ALA A N   1 
ATOM   774  C CA  . ALA A 1 107 ? 14.112  -12.630 -2.448  1.00 39.65 ? 107  ALA A CA  1 
ATOM   775  C C   . ALA A 1 107 ? 13.225  -13.856 -2.175  1.00 42.44 ? 107  ALA A C   1 
ATOM   776  O O   . ALA A 1 107 ? 13.577  -14.720 -1.367  1.00 39.96 ? 107  ALA A O   1 
ATOM   777  C CB  . ALA A 1 107 ? 14.652  -12.055 -1.151  1.00 38.74 ? 107  ALA A CB  1 
ATOM   778  N N   . ARG A 1 108 ? 12.085  -13.947 -2.858  1.00 45.74 ? 108  ARG A N   1 
ATOM   779  C CA  . ARG A 1 108 ? 11.121  -15.023 -2.585  1.00 47.64 ? 108  ARG A CA  1 
ATOM   780  C C   . ARG A 1 108 ? 10.740  -15.744 -3.876  1.00 46.67 ? 108  ARG A C   1 
ATOM   781  O O   . ARG A 1 108 ? 11.518  -15.729 -4.828  1.00 47.82 ? 108  ARG A O   1 
ATOM   782  C CB  . ARG A 1 108 ? 9.892   -14.442 -1.882  1.00 47.85 ? 108  ARG A CB  1 
ATOM   783  C CG  . ARG A 1 108 ? 10.226  -13.677 -0.616  1.00 46.51 ? 108  ARG A CG  1 
ATOM   784  C CD  . ARG A 1 108 ? 8.970   -13.074 -0.037  1.00 46.49 ? 108  ARG A CD  1 
ATOM   785  N NE  . ARG A 1 108 ? 7.957   -14.080 0.289   1.00 45.24 ? 108  ARG A NE  1 
ATOM   786  C CZ  . ARG A 1 108 ? 6.702   -13.785 0.610   1.00 45.08 ? 108  ARG A CZ  1 
ATOM   787  N NH1 . ARG A 1 108 ? 6.280   -12.529 0.653   1.00 48.12 ? 108  ARG A NH1 1 
ATOM   788  N NH2 . ARG A 1 108 ? 5.851   -14.747 0.887   1.00 45.77 ? 108  ARG A NH2 1 
ATOM   789  N N   . GLU A 1 109 ? 9.553   -16.357 -3.914  1.00 45.33 ? 109  GLU A N   1 
ATOM   790  C CA  . GLU A 1 109 ? 9.114   -17.110 -5.096  1.00 44.61 ? 109  GLU A CA  1 
ATOM   791  C C   . GLU A 1 109 ? 9.202   -16.243 -6.340  1.00 43.21 ? 109  GLU A C   1 
ATOM   792  O O   . GLU A 1 109 ? 9.003   -15.028 -6.282  1.00 39.93 ? 109  GLU A O   1 
ATOM   793  C CB  . GLU A 1 109 ? 7.686   -17.671 -4.951  1.00 45.04 ? 109  GLU A CB  1 
ATOM   794  C CG  . GLU A 1 109 ? 7.444   -18.614 -3.768  1.00 45.52 ? 109  GLU A CG  1 
ATOM   795  C CD  . GLU A 1 109 ? 7.050   -17.872 -2.509  1.00 50.91 ? 109  GLU A CD  1 
ATOM   796  O OE1 . GLU A 1 109 ? 6.441   -16.797 -2.600  1.00 53.92 ? 109  GLU A OE1 1 
ATOM   797  O OE2 . GLU A 1 109 ? 7.365   -18.338 -1.407  1.00 63.32 ? 109  GLU A OE2 1 
ATOM   798  N N   . GLU A 1 110 ? 9.506   -16.891 -7.459  1.00 46.12 ? 110  GLU A N   1 
ATOM   799  C CA  . GLU A 1 110 ? 9.793   -16.192 -8.699  1.00 49.16 ? 110  GLU A CA  1 
ATOM   800  C C   . GLU A 1 110 ? 8.580   -15.404 -9.216  1.00 44.42 ? 110  GLU A C   1 
ATOM   801  O O   . GLU A 1 110 ? 8.746   -14.342 -9.834  1.00 38.43 ? 110  GLU A O   1 
ATOM   802  C CB  . GLU A 1 110 ? 10.324  -17.185 -9.751  1.00 56.88 ? 110  GLU A CB  1 
ATOM   803  C CG  . GLU A 1 110 ? 10.864  -16.557 -11.042 1.00 66.52 ? 110  GLU A CG  1 
ATOM   804  C CD  . GLU A 1 110 ? 11.959  -15.492 -10.822 1.00 80.40 ? 110  GLU A CD  1 
ATOM   805  O OE1 . GLU A 1 110 ? 12.751  -15.583 -9.832  1.00 81.09 ? 110  GLU A OE1 1 
ATOM   806  O OE2 . GLU A 1 110 ? 12.033  -14.550 -11.658 1.00 87.98 ? 110  GLU A OE2 1 
ATOM   807  N N   . PHE A 1 111 ? 7.370   -15.896 -8.941  1.00 42.61 ? 111  PHE A N   1 
ATOM   808  C CA  . PHE A 1 111 ? 6.149   -15.204 -9.404  1.00 44.77 ? 111  PHE A CA  1 
ATOM   809  C C   . PHE A 1 111 ? 5.890   -13.863 -8.699  1.00 47.70 ? 111  PHE A C   1 
ATOM   810  O O   . PHE A 1 111 ? 5.164   -13.006 -9.234  1.00 49.43 ? 111  PHE A O   1 
ATOM   811  C CB  . PHE A 1 111 ? 4.898   -16.109 -9.296  1.00 45.01 ? 111  PHE A CB  1 
ATOM   812  C CG  . PHE A 1 111 ? 4.504   -16.439 -7.886  1.00 44.41 ? 111  PHE A CG  1 
ATOM   813  C CD1 . PHE A 1 111 ? 3.741   -15.549 -7.136  1.00 43.86 ? 111  PHE A CD1 1 
ATOM   814  C CD2 . PHE A 1 111 ? 4.917   -17.629 -7.294  1.00 42.98 ? 111  PHE A CD2 1 
ATOM   815  C CE1 . PHE A 1 111 ? 3.407   -15.845 -5.823  1.00 42.98 ? 111  PHE A CE1 1 
ATOM   816  C CE2 . PHE A 1 111 ? 4.576   -17.932 -5.987  1.00 40.31 ? 111  PHE A CE2 1 
ATOM   817  C CZ  . PHE A 1 111 ? 3.825   -17.040 -5.250  1.00 41.02 ? 111  PHE A CZ  1 
ATOM   818  N N   . ARG A 1 112 ? 6.458   -13.693 -7.498  1.00 47.72 ? 112  ARG A N   1 
ATOM   819  C CA  . ARG A 1 112 ? 6.351   -12.434 -6.758  1.00 45.94 ? 112  ARG A CA  1 
ATOM   820  C C   . ARG A 1 112 ? 7.215   -11.312 -7.364  1.00 46.73 ? 112  ARG A C   1 
ATOM   821  O O   . ARG A 1 112 ? 6.987   -10.125 -7.100  1.00 45.20 ? 112  ARG A O   1 
ATOM   822  C CB  . ARG A 1 112 ? 6.737   -12.656 -5.300  1.00 46.36 ? 112  ARG A CB  1 
ATOM   823  C CG  . ARG A 1 112 ? 5.766   -13.542 -4.539  1.00 45.50 ? 112  ARG A CG  1 
ATOM   824  C CD  . ARG A 1 112 ? 6.062   -13.562 -3.043  1.00 44.59 ? 112  ARG A CD  1 
ATOM   825  N NE  . ARG A 1 112 ? 5.481   -14.765 -2.461  1.00 45.40 ? 112  ARG A NE  1 
ATOM   826  C CZ  . ARG A 1 112 ? 4.199   -14.911 -2.117  1.00 46.81 ? 112  ARG A CZ  1 
ATOM   827  N NH1 . ARG A 1 112 ? 3.332   -13.909 -2.232  1.00 49.47 ? 112  ARG A NH1 1 
ATOM   828  N NH2 . ARG A 1 112 ? 3.783   -16.074 -1.631  1.00 45.34 ? 112  ARG A NH2 1 
ATOM   829  N N   . ARG A 1 113 ? 8.188   -11.688 -8.197  1.00 48.11 ? 113  ARG A N   1 
ATOM   830  C CA  . ARG A 1 113 ? 9.087   -10.722 -8.839  1.00 48.89 ? 113  ARG A CA  1 
ATOM   831  C C   . ARG A 1 113 ? 8.440   -9.916  -10.005 1.00 51.59 ? 113  ARG A C   1 
ATOM   832  O O   . ARG A 1 113 ? 9.096   -9.038  -10.583 1.00 51.67 ? 113  ARG A O   1 
ATOM   833  C CB  . ARG A 1 113 ? 10.367  -11.436 -9.279  1.00 47.81 ? 113  ARG A CB  1 
ATOM   834  C CG  . ARG A 1 113 ? 11.040  -12.188 -8.132  1.00 51.96 ? 113  ARG A CG  1 
ATOM   835  C CD  . ARG A 1 113 ? 12.528  -12.471 -8.380  1.00 58.12 ? 113  ARG A CD  1 
ATOM   836  N NE  . ARG A 1 113 ? 13.271  -11.243 -8.691  1.00 64.76 ? 113  ARG A NE  1 
ATOM   837  C CZ  . ARG A 1 113 ? 14.563  -11.170 -9.025  1.00 64.94 ? 113  ARG A CZ  1 
ATOM   838  N NH1 . ARG A 1 113 ? 15.310  -12.269 -9.068  1.00 61.56 ? 113  ARG A NH1 1 
ATOM   839  N NH2 . ARG A 1 113 ? 15.113  -9.975  -9.303  1.00 64.12 ? 113  ARG A NH2 1 
ATOM   840  N N   . HIS A 1 114 ? 7.170   -10.214 -10.326 1.00 51.98 ? 114  HIS A N   1 
ATOM   841  C CA  . HIS A 1 114 ? 6.362   -9.431  -11.266 1.00 49.58 ? 114  HIS A CA  1 
ATOM   842  C C   . HIS A 1 114 ? 5.162   -8.760  -10.588 1.00 46.91 ? 114  HIS A C   1 
ATOM   843  O O   . HIS A 1 114 ? 4.465   -9.366  -9.781  1.00 43.55 ? 114  HIS A O   1 
ATOM   844  C CB  . HIS A 1 114 ? 5.843   -10.313 -12.392 1.00 53.73 ? 114  HIS A CB  1 
ATOM   845  C CG  . HIS A 1 114 ? 5.021   -9.572  -13.413 1.00 60.19 ? 114  HIS A CG  1 
ATOM   846  N ND1 . HIS A 1 114 ? 3.655   -9.390  -13.294 1.00 60.22 ? 114  HIS A ND1 1 
ATOM   847  C CD2 . HIS A 1 114 ? 5.381   -8.965  -14.571 1.00 62.33 ? 114  HIS A CD2 1 
ATOM   848  C CE1 . HIS A 1 114 ? 3.211   -8.704  -14.334 1.00 60.32 ? 114  HIS A CE1 1 
ATOM   849  N NE2 . HIS A 1 114 ? 4.236   -8.434  -15.124 1.00 63.00 ? 114  HIS A NE2 1 
ATOM   850  N N   . SER A 1 115 ? 4.937   -7.500  -10.949 1.00 47.80 ? 115  SER A N   1 
ATOM   851  C CA  . SER A 1 115 ? 3.759   -6.734  -10.549 1.00 46.43 ? 115  SER A CA  1 
ATOM   852  C C   . SER A 1 115 ? 3.102   -6.085  -11.770 1.00 45.88 ? 115  SER A C   1 
ATOM   853  O O   . SER A 1 115 ? 3.780   -5.522  -12.648 1.00 46.39 ? 115  SER A O   1 
ATOM   854  C CB  . SER A 1 115 ? 4.158   -5.626  -9.569  1.00 46.31 ? 115  SER A CB  1 
ATOM   855  O OG  . SER A 1 115 ? 3.153   -4.619  -9.475  1.00 45.01 ? 115  SER A OG  1 
ATOM   856  N N   . TYR A 1 116 ? 1.777   -6.140  -11.804 1.00 43.23 ? 116  TYR A N   1 
ATOM   857  C CA  . TYR A 1 116 ? 1.002   -5.355  -12.764 1.00 42.92 ? 116  TYR A CA  1 
ATOM   858  C C   . TYR A 1 116 ? 0.908   -3.866  -12.422 1.00 42.42 ? 116  TYR A C   1 
ATOM   859  O O   . TYR A 1 116 ? 0.537   -3.042  -13.274 1.00 39.08 ? 116  TYR A O   1 
ATOM   860  C CB  . TYR A 1 116 ? -0.407  -5.906  -12.837 1.00 43.05 ? 116  TYR A CB  1 
ATOM   861  C CG  . TYR A 1 116 ? -0.489  -7.150  -13.649 1.00 43.07 ? 116  TYR A CG  1 
ATOM   862  C CD1 . TYR A 1 116 ? -0.312  -7.099  -15.031 1.00 43.09 ? 116  TYR A CD1 1 
ATOM   863  C CD2 . TYR A 1 116 ? -0.736  -8.378  -13.050 1.00 43.96 ? 116  TYR A CD2 1 
ATOM   864  C CE1 . TYR A 1 116 ? -0.380  -8.240  -15.805 1.00 44.12 ? 116  TYR A CE1 1 
ATOM   865  C CE2 . TYR A 1 116 ? -0.812  -9.531  -13.813 1.00 45.35 ? 116  TYR A CE2 1 
ATOM   866  C CZ  . TYR A 1 116 ? -0.635  -9.454  -15.192 1.00 44.87 ? 116  TYR A CZ  1 
ATOM   867  O OH  . TYR A 1 116 ? -0.705  -10.584 -15.966 1.00 42.47 ? 116  TYR A OH  1 
ATOM   868  N N   . LEU A 1 117 ? 1.219   -3.535  -11.170 1.00 42.46 ? 117  LEU A N   1 
ATOM   869  C CA  . LEU A 1 117 ? 1.042   -2.183  -10.653 1.00 42.84 ? 117  LEU A CA  1 
ATOM   870  C C   . LEU A 1 117 ? 2.300   -1.329  -10.831 1.00 40.47 ? 117  LEU A C   1 
ATOM   871  O O   . LEU A 1 117 ? 2.213   -0.128  -11.114 1.00 39.04 ? 117  LEU A O   1 
ATOM   872  C CB  . LEU A 1 117 ? 0.645   -2.260  -9.181  1.00 44.45 ? 117  LEU A CB  1 
ATOM   873  C CG  . LEU A 1 117 ? -0.594  -3.119  -8.872  1.00 46.90 ? 117  LEU A CG  1 
ATOM   874  C CD1 . LEU A 1 117 ? -0.713  -3.315  -7.364  1.00 48.01 ? 117  LEU A CD1 1 
ATOM   875  C CD2 . LEU A 1 117 ? -1.871  -2.499  -9.446  1.00 46.05 ? 117  LEU A CD2 1 
ATOM   876  N N   . SER A 1 118 ? 3.466   -1.961  -10.705 1.00 37.71 ? 118  SER A N   1 
ATOM   877  C CA  . SER A 1 118 ? 4.721   -1.232  -10.716 1.00 36.14 ? 118  SER A CA  1 
ATOM   878  C C   . SER A 1 118 ? 4.854   -0.288  -11.882 1.00 35.85 ? 118  SER A C   1 
ATOM   879  O O   . SER A 1 118 ? 5.296   0.841   -11.684 1.00 32.47 ? 118  SER A O   1 
ATOM   880  C CB  . SER A 1 118 ? 5.899   -2.191  -10.678 1.00 36.11 ? 118  SER A CB  1 
ATOM   881  O OG  . SER A 1 118 ? 5.950   -2.804  -9.405  1.00 36.86 ? 118  SER A OG  1 
ATOM   882  N N   . PRO A 1 119 ? 4.454   -0.732  -13.094 1.00 37.51 ? 119  PRO A N   1 
ATOM   883  C CA  . PRO A 1 119 ? 4.645   0.106   -14.285 1.00 38.21 ? 119  PRO A CA  1 
ATOM   884  C C   . PRO A 1 119 ? 3.830   1.403   -14.279 1.00 39.91 ? 119  PRO A C   1 
ATOM   885  O O   . PRO A 1 119 ? 4.269   2.418   -14.846 1.00 40.21 ? 119  PRO A O   1 
ATOM   886  C CB  . PRO A 1 119 ? 4.206   -0.807  -15.432 1.00 37.16 ? 119  PRO A CB  1 
ATOM   887  C CG  . PRO A 1 119 ? 4.293   -2.185  -14.888 1.00 37.04 ? 119  PRO A CG  1 
ATOM   888  C CD  . PRO A 1 119 ? 3.903   -2.052  -13.454 1.00 36.92 ? 119  PRO A CD  1 
ATOM   889  N N   . ILE A 1 120 ? 2.669   1.374   -13.630 1.00 41.09 ? 120  ILE A N   1 
ATOM   890  C CA  . ILE A 1 120 ? 1.830   2.574   -13.533 1.00 42.29 ? 120  ILE A CA  1 
ATOM   891  C C   . ILE A 1 120 ? 1.994   3.261   -12.191 1.00 38.49 ? 120  ILE A C   1 
ATOM   892  O O   . ILE A 1 120 ? 1.406   4.295   -11.955 1.00 41.14 ? 120  ILE A O   1 
ATOM   893  C CB  . ILE A 1 120 ? 0.324   2.316   -13.886 1.00 45.84 ? 120  ILE A CB  1 
ATOM   894  C CG1 . ILE A 1 120 ? -0.297  1.165   -13.085 1.00 47.30 ? 120  ILE A CG1 1 
ATOM   895  C CG2 . ILE A 1 120 ? 0.167   1.996   -15.367 1.00 48.17 ? 120  ILE A CG2 1 
ATOM   896  C CD1 . ILE A 1 120 ? -0.873  1.591   -11.758 1.00 49.62 ? 120  ILE A CD1 1 
ATOM   897  N N   . ALA A 1 121 ? 2.802   2.696   -11.312 1.00 36.14 ? 121  ALA A N   1 
ATOM   898  C CA  . ALA A 1 121 ? 3.173   3.393   -10.092 1.00 35.01 ? 121  ALA A CA  1 
ATOM   899  C C   . ALA A 1 121 ? 4.098   4.552   -10.427 1.00 34.87 ? 121  ALA A C   1 
ATOM   900  O O   . ALA A 1 121 ? 4.773   4.567   -11.465 1.00 33.91 ? 121  ALA A O   1 
ATOM   901  C CB  . ALA A 1 121 ? 3.868   2.445   -9.132  1.00 34.74 ? 121  ALA A CB  1 
ATOM   902  N N   . THR A 1 122 ? 4.115   5.527   -9.537  1.00 35.73 ? 122  THR A N   1 
ATOM   903  C CA  . THR A 1 122 ? 5.114   6.573   -9.595  1.00 36.69 ? 122  THR A CA  1 
ATOM   904  C C   . THR A 1 122 ? 6.448   5.945   -9.231  1.00 37.22 ? 122  THR A C   1 
ATOM   905  O O   . THR A 1 122 ? 7.460   6.146   -9.910  1.00 36.37 ? 122  THR A O   1 
ATOM   906  C CB  . THR A 1 122 ? 4.757   7.709   -8.619  1.00 36.75 ? 122  THR A CB  1 
ATOM   907  O OG1 . THR A 1 122 ? 3.561   8.355   -9.084  1.00 36.44 ? 122  THR A OG1 1 
ATOM   908  C CG2 . THR A 1 122 ? 5.897   8.729   -8.513  1.00 36.83 ? 122  THR A CG2 1 
ATOM   909  N N   . GLY A 1 123 ? 6.416   5.187   -8.139  1.00 39.20 ? 123  GLY A N   1 
ATOM   910  C CA  . GLY A 1 123 ? 7.567   4.458   -7.640  1.00 39.58 ? 123  GLY A CA  1 
ATOM   911  C C   . GLY A 1 123 ? 7.144   3.335   -6.711  1.00 38.68 ? 123  GLY A C   1 
ATOM   912  O O   . GLY A 1 123 ? 5.958   3.142   -6.452  1.00 36.04 ? 123  GLY A O   1 
ATOM   913  N N   . VAL A 1 124 ? 8.126   2.592   -6.213  1.00 39.02 ? 124  VAL A N   1 
ATOM   914  C CA  . VAL A 1 124 ? 7.860   1.373   -5.464  1.00 39.10 ? 124  VAL A CA  1 
ATOM   915  C C   . VAL A 1 124 ? 8.907   1.177   -4.393  1.00 37.33 ? 124  VAL A C   1 
ATOM   916  O O   . VAL A 1 124 ? 10.109  1.247   -4.675  1.00 34.93 ? 124  VAL A O   1 
ATOM   917  C CB  . VAL A 1 124 ? 7.905   0.090   -6.350  1.00 39.00 ? 124  VAL A CB  1 
ATOM   918  C CG1 . VAL A 1 124 ? 7.253   -1.081  -5.613  1.00 39.34 ? 124  VAL A CG1 1 
ATOM   919  C CG2 . VAL A 1 124 ? 7.246   0.302   -7.704  1.00 38.26 ? 124  VAL A CG2 1 
ATOM   920  N N   . ILE A 1 125 ? 8.428   0.872   -3.189  1.00 36.24 ? 125  ILE A N   1 
ATOM   921  C CA  . ILE A 1 125 ? 9.280   0.523   -2.064  1.00 36.43 ? 125  ILE A CA  1 
ATOM   922  C C   . ILE A 1 125 ? 8.971   -0.908  -1.663  1.00 36.89 ? 125  ILE A C   1 
ATOM   923  O O   . ILE A 1 125 ? 7.801   -1.251  -1.517  1.00 37.54 ? 125  ILE A O   1 
ATOM   924  C CB  . ILE A 1 125 ? 9.000   1.446   -0.862  1.00 36.00 ? 125  ILE A CB  1 
ATOM   925  C CG1 . ILE A 1 125 ? 9.226   2.901   -1.256  1.00 36.01 ? 125  ILE A CG1 1 
ATOM   926  C CG2 . ILE A 1 125 ? 9.872   1.090   0.333   1.00 35.84 ? 125  ILE A CG2 1 
ATOM   927  C CD1 . ILE A 1 125 ? 8.613   3.871   -0.278  1.00 36.72 ? 125  ILE A CD1 1 
ATOM   928  N N   . VAL A 1 126 ? 10.010  -1.738  -1.500  1.00 37.58 ? 126  VAL A N   1 
ATOM   929  C CA  . VAL A 1 126 ? 9.848   -3.116  -0.994  1.00 37.40 ? 126  VAL A CA  1 
ATOM   930  C C   . VAL A 1 126 ? 10.931  -3.516  0.001   1.00 34.78 ? 126  VAL A C   1 
ATOM   931  O O   . VAL A 1 126 ? 12.044  -3.025  -0.076  1.00 34.22 ? 126  VAL A O   1 
ATOM   932  C CB  . VAL A 1 126 ? 9.803   -4.165  -2.143  1.00 39.38 ? 126  VAL A CB  1 
ATOM   933  C CG1 . VAL A 1 126 ? 8.984   -3.622  -3.307  1.00 41.12 ? 126  VAL A CG1 1 
ATOM   934  C CG2 . VAL A 1 126 ? 11.194  -4.584  -2.616  1.00 39.02 ? 126  VAL A CG2 1 
ATOM   935  N N   . GLY A 1 127 ? 10.597  -4.410  0.924   1.00 34.00 ? 127  GLY A N   1 
ATOM   936  C CA  . GLY A 1 127 ? 11.588  -4.994  1.822   1.00 35.41 ? 127  GLY A CA  1 
ATOM   937  C C   . GLY A 1 127 ? 12.054  -4.133  2.989   1.00 37.28 ? 127  GLY A C   1 
ATOM   938  O O   . GLY A 1 127 ? 12.929  -4.553  3.758   1.00 38.35 ? 127  GLY A O   1 
ATOM   939  N N   . LEU A 1 128 ? 11.465  -2.946  3.140   1.00 39.02 ? 128  LEU A N   1 
ATOM   940  C CA  . LEU A 1 128 ? 11.795  -2.042  4.247   1.00 40.61 ? 128  LEU A CA  1 
ATOM   941  C C   . LEU A 1 128 ? 10.808  -2.158  5.409   1.00 43.99 ? 128  LEU A C   1 
ATOM   942  O O   . LEU A 1 128 ? 10.769  -1.303  6.315   1.00 45.68 ? 128  LEU A O   1 
ATOM   943  C CB  . LEU A 1 128 ? 11.879  -0.603  3.739   1.00 38.81 ? 128  LEU A CB  1 
ATOM   944  C CG  . LEU A 1 128 ? 12.869  -0.441  2.582   1.00 38.59 ? 128  LEU A CG  1 
ATOM   945  C CD1 . LEU A 1 128 ? 13.127  1.033   2.302   1.00 37.13 ? 128  LEU A CD1 1 
ATOM   946  C CD2 . LEU A 1 128 ? 14.180  -1.200  2.831   1.00 37.88 ? 128  LEU A CD2 1 
ATOM   947  N N   . GLY A 1 129 ? 10.037  -3.242  5.396   1.00 46.58 ? 129  GLY A N   1 
ATOM   948  C CA  . GLY A 1 129 ? 9.048   -3.485  6.427   1.00 47.84 ? 129  GLY A CA  1 
ATOM   949  C C   . GLY A 1 129 ? 7.957   -2.439  6.398   1.00 45.46 ? 129  GLY A C   1 
ATOM   950  O O   . GLY A 1 129 ? 7.727   -1.787  5.374   1.00 40.72 ? 129  GLY A O   1 
ATOM   951  N N   . ILE A 1 130 ? 7.304   -2.279  7.540   1.00 46.30 ? 130  ILE A N   1 
ATOM   952  C CA  . ILE A 1 130 ? 6.268   -1.265  7.699   1.00 49.93 ? 130  ILE A CA  1 
ATOM   953  C C   . ILE A 1 130 ? 6.788   0.193   7.630   1.00 48.74 ? 130  ILE A C   1 
ATOM   954  O O   . ILE A 1 130 ? 5.994   1.145   7.503   1.00 48.24 ? 130  ILE A O   1 
ATOM   955  C CB  . ILE A 1 130 ? 5.453   -1.489  9.001   1.00 53.44 ? 130  ILE A CB  1 
ATOM   956  C CG1 . ILE A 1 130 ? 6.355   -1.485  10.247  1.00 57.79 ? 130  ILE A CG1 1 
ATOM   957  C CG2 . ILE A 1 130 ? 4.660   -2.792  8.928   1.00 51.87 ? 130  ILE A CG2 1 
ATOM   958  C CD1 . ILE A 1 130 ? 6.629   -0.107  10.820  1.00 61.86 ? 130  ILE A CD1 1 
ATOM   959  N N   . GLN A 1 131 ? 8.106   0.380   7.699   1.00 45.07 ? 131  GLN A N   1 
ATOM   960  C CA  . GLN A 1 131 ? 8.638   1.722   7.563   1.00 45.95 ? 131  GLN A CA  1 
ATOM   961  C C   . GLN A 1 131 ? 8.557   2.230   6.129   1.00 40.51 ? 131  GLN A C   1 
ATOM   962  O O   . GLN A 1 131 ? 8.583   3.443   5.888   1.00 35.33 ? 131  GLN A O   1 
ATOM   963  C CB  . GLN A 1 131 ? 10.056  1.840   8.099   1.00 51.75 ? 131  GLN A CB  1 
ATOM   964  C CG  . GLN A 1 131 ? 10.294  3.227   8.686   1.00 58.03 ? 131  GLN A CG  1 
ATOM   965  C CD  . GLN A 1 131 ? 11.759  3.582   8.801   1.00 64.72 ? 131  GLN A CD  1 
ATOM   966  O OE1 . GLN A 1 131 ? 12.589  2.746   9.176   1.00 73.08 ? 131  GLN A OE1 1 
ATOM   967  N NE2 . GLN A 1 131 ? 12.092  4.834   8.479   1.00 67.93 ? 131  GLN A NE2 1 
ATOM   968  N N   . GLY A 1 132 ? 8.427   1.297   5.192   1.00 39.30 ? 132  GLY A N   1 
ATOM   969  C CA  . GLY A 1 132 ? 8.170   1.622   3.794   1.00 38.80 ? 132  GLY A CA  1 
ATOM   970  C C   . GLY A 1 132 ? 6.957   2.513   3.630   1.00 38.08 ? 132  GLY A C   1 
ATOM   971  O O   . GLY A 1 132 ? 6.945   3.417   2.795   1.00 35.65 ? 132  GLY A O   1 
ATOM   972  N N   . TYR A 1 133 ? 5.936   2.268   4.440   1.00 38.66 ? 133  TYR A N   1 
ATOM   973  C CA  . TYR A 1 133 ? 4.749   3.124   4.429   1.00 39.71 ? 133  TYR A CA  1 
ATOM   974  C C   . TYR A 1 133 ? 5.109   4.563   4.810   1.00 39.80 ? 133  TYR A C   1 
ATOM   975  O O   . TYR A 1 133 ? 4.643   5.550   4.202   1.00 37.22 ? 133  TYR A O   1 
ATOM   976  C CB  . TYR A 1 133 ? 3.709   2.577   5.407   1.00 39.78 ? 133  TYR A CB  1 
ATOM   977  C CG  . TYR A 1 133 ? 3.009   1.314   4.934   1.00 40.37 ? 133  TYR A CG  1 
ATOM   978  C CD1 . TYR A 1 133 ? 1.926   1.386   4.055   1.00 40.40 ? 133  TYR A CD1 1 
ATOM   979  C CD2 . TYR A 1 133 ? 3.422   0.054   5.358   1.00 40.41 ? 133  TYR A CD2 1 
ATOM   980  C CE1 . TYR A 1 133 ? 1.259   0.252   3.616   1.00 40.19 ? 133  TYR A CE1 1 
ATOM   981  C CE2 . TYR A 1 133 ? 2.761   -1.093  4.922   1.00 42.33 ? 133  TYR A CE2 1 
ATOM   982  C CZ  . TYR A 1 133 ? 1.671   -0.987  4.052   1.00 42.13 ? 133  TYR A CZ  1 
ATOM   983  O OH  . TYR A 1 133 ? 0.992   -2.109  3.600   1.00 41.49 ? 133  TYR A OH  1 
ATOM   984  N N   . LEU A 1 134 ? 5.964   4.658   5.820   1.00 38.99 ? 134  LEU A N   1 
ATOM   985  C CA  . LEU A 1 134 ? 6.276   5.923   6.436   1.00 39.05 ? 134  LEU A CA  1 
ATOM   986  C C   . LEU A 1 134 ? 7.175   6.722   5.532   1.00 38.63 ? 134  LEU A C   1 
ATOM   987  O O   . LEU A 1 134 ? 7.091   7.958   5.452   1.00 36.73 ? 134  LEU A O   1 
ATOM   988  C CB  . LEU A 1 134 ? 6.946   5.676   7.777   1.00 40.44 ? 134  LEU A CB  1 
ATOM   989  C CG  . LEU A 1 134 ? 6.141   4.765   8.713   1.00 42.09 ? 134  LEU A CG  1 
ATOM   990  C CD1 . LEU A 1 134 ? 6.799   4.653   10.070  1.00 43.37 ? 134  LEU A CD1 1 
ATOM   991  C CD2 . LEU A 1 134 ? 4.741   5.292   8.882   1.00 44.23 ? 134  LEU A CD2 1 
ATOM   992  N N   . LEU A 1 135 ? 8.042   6.005   4.838   1.00 39.78 ? 135  LEU A N   1 
ATOM   993  C CA  . LEU A 1 135 ? 8.910   6.641   3.870   1.00 42.25 ? 135  LEU A CA  1 
ATOM   994  C C   . LEU A 1 135 ? 8.062   7.124   2.709   1.00 43.92 ? 135  LEU A C   1 
ATOM   995  O O   . LEU A 1 135 ? 8.225   8.255   2.223   1.00 43.65 ? 135  LEU A O   1 
ATOM   996  C CB  . LEU A 1 135 ? 9.969   5.660   3.388   1.00 43.52 ? 135  LEU A CB  1 
ATOM   997  C CG  . LEU A 1 135 ? 10.885  5.205   4.530   1.00 46.35 ? 135  LEU A CG  1 
ATOM   998  C CD1 . LEU A 1 135 ? 11.798  4.083   4.055   1.00 47.11 ? 135  LEU A CD1 1 
ATOM   999  C CD2 . LEU A 1 135 ? 11.674  6.370   5.125   1.00 45.61 ? 135  LEU A CD2 1 
ATOM   1000 N N   . ALA A 1 136 ? 7.131   6.278   2.282   1.00 42.43 ? 136  ALA A N   1 
ATOM   1001 C CA  . ALA A 1 136 ? 6.240   6.659   1.210   1.00 43.00 ? 136  ALA A CA  1 
ATOM   1002 C C   . ALA A 1 136 ? 5.485   7.940   1.583   1.00 42.88 ? 136  ALA A C   1 
ATOM   1003 O O   . ALA A 1 136 ? 5.371   8.862   0.770   1.00 41.93 ? 136  ALA A O   1 
ATOM   1004 C CB  . ALA A 1 136 ? 5.285   5.521   0.878   1.00 44.06 ? 136  ALA A CB  1 
ATOM   1005 N N   . LEU A 1 137 ? 4.996   8.023   2.811   1.00 42.95 ? 137  LEU A N   1 
ATOM   1006 C CA  . LEU A 1 137 ? 4.386   9.270   3.245   1.00 47.25 ? 137  LEU A CA  1 
ATOM   1007 C C   . LEU A 1 137 ? 5.290   10.451  2.988   1.00 50.22 ? 137  LEU A C   1 
ATOM   1008 O O   . LEU A 1 137 ? 4.901   11.424  2.324   1.00 51.62 ? 137  LEU A O   1 
ATOM   1009 C CB  . LEU A 1 137 ? 4.120   9.246   4.732   1.00 49.33 ? 137  LEU A CB  1 
ATOM   1010 C CG  . LEU A 1 137 ? 2.767   8.702   5.122   1.00 51.22 ? 137  LEU A CG  1 
ATOM   1011 C CD1 . LEU A 1 137 ? 2.734   8.573   6.641   1.00 50.73 ? 137  LEU A CD1 1 
ATOM   1012 C CD2 . LEU A 1 137 ? 1.665   9.612   4.577   1.00 52.23 ? 137  LEU A CD2 1 
ATOM   1013 N N   . ARG A 1 138 ? 6.501   10.364  3.534   1.00 49.98 ? 138  ARG A N   1 
ATOM   1014 C CA  . ARG A 1 138 ? 7.408   11.496  3.531   1.00 49.62 ? 138  ARG A CA  1 
ATOM   1015 C C   . ARG A 1 138 ? 7.726   11.997  2.120   1.00 47.53 ? 138  ARG A C   1 
ATOM   1016 O O   . ARG A 1 138 ? 7.874   13.194  1.901   1.00 45.57 ? 138  ARG A O   1 
ATOM   1017 C CB  . ARG A 1 138 ? 8.679   11.137  4.266   1.00 52.27 ? 138  ARG A CB  1 
ATOM   1018 C CG  . ARG A 1 138 ? 9.645   12.304  4.338   1.00 58.89 ? 138  ARG A CG  1 
ATOM   1019 C CD  . ARG A 1 138 ? 10.865  11.930  5.151   1.00 64.14 ? 138  ARG A CD  1 
ATOM   1020 N NE  . ARG A 1 138 ? 10.474  11.601  6.516   1.00 64.73 ? 138  ARG A NE  1 
ATOM   1021 C CZ  . ARG A 1 138 ? 10.359  12.482  7.502   1.00 63.34 ? 138  ARG A CZ  1 
ATOM   1022 N NH1 . ARG A 1 138 ? 10.617  13.775  7.292   1.00 60.94 ? 138  ARG A NH1 1 
ATOM   1023 N NH2 . ARG A 1 138 ? 9.991   12.056  8.707   1.00 64.18 ? 138  ARG A NH2 1 
ATOM   1024 N N   . TYR A 1 139 ? 7.825   11.079  1.166   1.00 46.65 ? 139  TYR A N   1 
ATOM   1025 C CA  . TYR A 1 139 ? 8.012   11.455  -0.229  1.00 43.21 ? 139  TYR A CA  1 
ATOM   1026 C C   . TYR A 1 139 ? 6.914   12.397  -0.654  1.00 41.96 ? 139  TYR A C   1 
ATOM   1027 O O   . TYR A 1 139 ? 7.181   13.434  -1.257  1.00 41.15 ? 139  TYR A O   1 
ATOM   1028 C CB  . TYR A 1 139 ? 7.980   10.222  -1.126  1.00 42.45 ? 139  TYR A CB  1 
ATOM   1029 C CG  . TYR A 1 139 ? 7.941   10.573  -2.580  1.00 42.71 ? 139  TYR A CG  1 
ATOM   1030 C CD1 . TYR A 1 139 ? 9.098   10.939  -3.260  1.00 45.41 ? 139  TYR A CD1 1 
ATOM   1031 C CD2 . TYR A 1 139 ? 6.750   10.564  -3.272  1.00 43.31 ? 139  TYR A CD2 1 
ATOM   1032 C CE1 . TYR A 1 139 ? 9.070   11.283  -4.603  1.00 47.09 ? 139  TYR A CE1 1 
ATOM   1033 C CE2 . TYR A 1 139 ? 6.698   10.912  -4.610  1.00 45.94 ? 139  TYR A CE2 1 
ATOM   1034 C CZ  . TYR A 1 139 ? 7.854   11.268  -5.281  1.00 48.08 ? 139  TYR A CZ  1 
ATOM   1035 O OH  . TYR A 1 139 ? 7.781   11.593  -6.626  1.00 47.37 ? 139  TYR A OH  1 
ATOM   1036 N N   . LEU A 1 140 ? 5.680   12.013  -0.330  1.00 42.78 ? 140  LEU A N   1 
ATOM   1037 C CA  . LEU A 1 140 ? 4.483   12.724  -0.780  1.00 45.37 ? 140  LEU A CA  1 
ATOM   1038 C C   . LEU A 1 140 ? 4.404   14.083  -0.118  1.00 48.00 ? 140  LEU A C   1 
ATOM   1039 O O   . LEU A 1 140 ? 3.995   15.073  -0.731  1.00 48.15 ? 140  LEU A O   1 
ATOM   1040 C CB  . LEU A 1 140 ? 3.228   11.905  -0.473  1.00 45.43 ? 140  LEU A CB  1 
ATOM   1041 C CG  . LEU A 1 140 ? 3.105   10.571  -1.229  1.00 45.86 ? 140  LEU A CG  1 
ATOM   1042 C CD1 . LEU A 1 140 ? 2.083   9.626   -0.585  1.00 45.83 ? 140  LEU A CD1 1 
ATOM   1043 C CD2 . LEU A 1 140 ? 2.777   10.825  -2.704  1.00 45.30 ? 140  LEU A CD2 1 
ATOM   1044 N N   . ALA A 1 141 ? 4.843   14.127  1.129   1.00 50.98 ? 141  ALA A N   1 
ATOM   1045 C CA  . ALA A 1 141 ? 5.058   15.385  1.810   1.00 54.55 ? 141  ALA A CA  1 
ATOM   1046 C C   . ALA A 1 141 ? 5.903   16.412  1.021   1.00 56.15 ? 141  ALA A C   1 
ATOM   1047 O O   . ALA A 1 141 ? 5.746   17.603  1.266   1.00 62.35 ? 141  ALA A O   1 
ATOM   1048 C CB  . ALA A 1 141 ? 5.675   15.131  3.179   1.00 57.92 ? 141  ALA A CB  1 
ATOM   1049 N N   . GLU A 1 142 ? 6.764   15.983  0.081   1.00 57.02 ? 142  GLU A N   1 
ATOM   1050 C CA  . GLU A 1 142 ? 7.589   16.928  -0.745  1.00 56.26 ? 142  GLU A CA  1 
ATOM   1051 C C   . GLU A 1 142 ? 7.049   17.207  -2.179  1.00 51.29 ? 142  GLU A C   1 
ATOM   1052 O O   . GLU A 1 142 ? 6.337   16.400  -2.793  1.00 43.50 ? 142  GLU A O   1 
ATOM   1053 C CB  . GLU A 1 142 ? 9.063   16.484  -0.822  1.00 56.89 ? 142  GLU A CB  1 
ATOM   1054 C CG  . GLU A 1 142 ? 9.544   15.552  0.299   1.00 63.97 ? 142  GLU A CG  1 
ATOM   1055 C CD  . GLU A 1 142 ? 9.857   16.215  1.647   1.00 67.55 ? 142  GLU A CD  1 
ATOM   1056 O OE1 . GLU A 1 142 ? 10.668  17.165  1.682   1.00 75.14 ? 142  GLU A OE1 1 
ATOM   1057 O OE2 . GLU A 1 142 ? 9.348   15.745  2.695   1.00 65.49 ? 142  GLU A OE2 1 
HETATM 1058 O OAB . 9PY B 2 .   ? 5.501   -8.098  1.128   1.00 40.69 ? 1143 9PY A OAB 1 
HETATM 1059 C CAI . 9PY B 2 .   ? 4.312   -7.719  1.057   1.00 44.18 ? 1143 9PY A CAI 1 
HETATM 1060 O OAD . 9PY B 2 .   ? 3.840   -6.721  1.652   1.00 37.11 ? 1143 9PY A OAD 1 
HETATM 1061 C CAN . 9PY B 2 .   ? 3.353   -8.532  0.130   1.00 48.16 ? 1143 9PY A CAN 1 
HETATM 1062 O OAG . 9PY B 2 .   ? 2.571   -7.632  -0.727  1.00 54.11 ? 1143 9PY A OAG 1 
HETATM 1063 C CAH . 9PY B 2 .   ? 4.139   -9.430  -0.836  1.00 45.42 ? 1143 9PY A CAH 1 
HETATM 1064 C CAL . 9PY B 2 .   ? 3.138   -10.234 -1.627  1.00 43.32 ? 1143 9PY A CAL 1 
HETATM 1065 O OAE . 9PY B 2 .   ? 3.817   -11.102 -2.512  1.00 40.19 ? 1143 9PY A OAE 1 
HETATM 1066 C CAM . 9PY B 2 .   ? 2.316   -11.095 -0.687  1.00 45.09 ? 1143 9PY A CAM 1 
HETATM 1067 O OAF . 9PY B 2 .   ? 1.356   -11.741 -1.500  1.00 46.66 ? 1143 9PY A OAF 1 
HETATM 1068 C CAJ . 9PY B 2 .   ? 1.654   -10.355 0.315   1.00 47.07 ? 1143 9PY A CAJ 1 
HETATM 1069 O OAC . 9PY B 2 .   ? 0.467   -10.590 0.595   1.00 48.13 ? 1143 9PY A OAC 1 
HETATM 1070 C CAK . 9PY B 2 .   ? 2.373   -9.397  1.045   1.00 47.74 ? 1143 9PY A CAK 1 
HETATM 1071 C CAA . 9PY B 2 .   ? 1.421   -8.479  1.846   1.00 47.20 ? 1143 9PY A CAA 1 
HETATM 1072 O O   . HOH C 3 .   ? -7.208  4.682   2.256   1.00 49.90 ? 2001 HOH A O   1 
HETATM 1073 O O   . HOH C 3 .   ? -6.596  -9.620  5.983   1.00 28.56 ? 2002 HOH A O   1 
HETATM 1074 O O   . HOH C 3 .   ? -7.794  -9.869  8.776   1.00 23.72 ? 2003 HOH A O   1 
HETATM 1075 O O   . HOH C 3 .   ? 3.011   -10.573 10.143  1.00 33.73 ? 2004 HOH A O   1 
HETATM 1076 O O   . HOH C 3 .   ? 9.283   9.080   6.764   1.00 39.63 ? 2005 HOH A O   1 
HETATM 1077 O O   . HOH C 3 .   ? -16.542 -9.616  -3.189  0.33 14.89 ? 2006 HOH A O   1 
HETATM 1078 O O   . HOH C 3 .   ? -5.521  10.645  -7.927  1.00 23.81 ? 2007 HOH A O   1 
HETATM 1079 O O   . HOH C 3 .   ? 1.034   -3.168  -4.357  1.00 49.80 ? 2008 HOH A O   1 
HETATM 1080 O O   . HOH C 3 .   ? -4.348  -12.960 -5.924  1.00 22.44 ? 2009 HOH A O   1 
HETATM 1081 O O   . HOH C 3 .   ? 3.115   -5.493  -16.323 1.00 9.17  ? 2010 HOH A O   1 
HETATM 1082 O O   . HOH C 3 .   ? -7.043  0.594   -18.567 1.00 39.39 ? 2011 HOH A O   1 
HETATM 1083 O O   . HOH C 3 .   ? 8.804   -1.893  2.618   1.00 32.40 ? 2012 HOH A O   1 
HETATM 1084 O O   . HOH C 3 .   ? 9.921   -1.141  9.223   1.00 43.78 ? 2013 HOH A O   1 
# 
loop_
_pdbx_poly_seq_scheme.asym_id 
_pdbx_poly_seq_scheme.entity_id 
_pdbx_poly_seq_scheme.seq_id 
_pdbx_poly_seq_scheme.mon_id 
_pdbx_poly_seq_scheme.ndb_seq_num 
_pdbx_poly_seq_scheme.pdb_seq_num 
_pdbx_poly_seq_scheme.auth_seq_num 
_pdbx_poly_seq_scheme.pdb_mon_id 
_pdbx_poly_seq_scheme.auth_mon_id 
_pdbx_poly_seq_scheme.pdb_strand_id 
_pdbx_poly_seq_scheme.pdb_ins_code 
_pdbx_poly_seq_scheme.hetero 
A 1 1   SER 1   1   ?   ?   ?   A . n 
A 1 2   GLU 2   2   ?   ?   ?   A . n 
A 1 3   LEU 3   3   3   LEU LEU A . n 
A 1 4   ILE 4   4   4   ILE ILE A . n 
A 1 5   VAL 5   5   5   VAL VAL A . n 
A 1 6   ASN 6   6   6   ASN ASN A . n 
A 1 7   VAL 7   7   7   VAL VAL A . n 
A 1 8   ILE 8   8   8   ILE ILE A . n 
A 1 9   ASN 9   9   9   ASN ASN A . n 
A 1 10  GLY 10  10  10  GLY GLY A . n 
A 1 11  PRO 11  11  11  PRO PRO A . n 
A 1 12  ASN 12  12  12  ASN ASN A . n 
A 1 13  LEU 13  13  13  LEU LEU A . n 
A 1 14  GLY 14  14  14  GLY GLY A . n 
A 1 15  ARG 15  15  15  ARG ARG A . n 
A 1 16  LEU 16  16  16  LEU LEU A . n 
A 1 17  GLY 17  17  17  GLY GLY A . n 
A 1 18  ARG 18  18  18  ARG ARG A . n 
A 1 19  ARG 19  19  19  ARG ARG A . n 
A 1 20  GLU 20  20  20  GLU GLU A . n 
A 1 21  PRO 21  21  21  PRO PRO A . n 
A 1 22  ALA 22  22  22  ALA ALA A . n 
A 1 23  VAL 23  23  23  VAL VAL A . n 
A 1 24  TYR 24  24  24  TYR TYR A . n 
A 1 25  GLY 25  25  25  GLY GLY A . n 
A 1 26  GLY 26  26  26  GLY GLY A . n 
A 1 27  THR 27  27  27  THR THR A . n 
A 1 28  THR 28  28  28  THR THR A . n 
A 1 29  HIS 29  29  29  HIS HIS A . n 
A 1 30  ASP 30  30  30  ASP ASP A . n 
A 1 31  GLU 31  31  31  GLU GLU A . n 
A 1 32  LEU 32  32  32  LEU LEU A . n 
A 1 33  VAL 33  33  33  VAL VAL A . n 
A 1 34  ALA 34  34  34  ALA ALA A . n 
A 1 35  LEU 35  35  35  LEU LEU A . n 
A 1 36  ILE 36  36  36  ILE ILE A . n 
A 1 37  GLU 37  37  37  GLU GLU A . n 
A 1 38  ARG 38  38  38  ARG ARG A . n 
A 1 39  GLU 39  39  39  GLU GLU A . n 
A 1 40  ALA 40  40  40  ALA ALA A . n 
A 1 41  ALA 41  41  41  ALA ALA A . n 
A 1 42  GLU 42  42  42  GLU GLU A . n 
A 1 43  LEU 43  43  43  LEU LEU A . n 
A 1 44  GLY 44  44  44  GLY GLY A . n 
A 1 45  LEU 45  45  45  LEU LEU A . n 
A 1 46  LYS 46  46  46  LYS LYS A . n 
A 1 47  ALA 47  47  47  ALA ALA A . n 
A 1 48  VAL 48  48  48  VAL VAL A . n 
A 1 49  VAL 49  49  49  VAL VAL A . n 
A 1 50  ARG 50  50  50  ARG ARG A . n 
A 1 51  GLN 51  51  51  GLN GLN A . n 
A 1 52  SER 52  52  52  SER SER A . n 
A 1 53  ASP 53  53  53  ASP ASP A . n 
A 1 54  SER 54  54  54  SER SER A . n 
A 1 55  GLU 55  55  55  GLU GLU A . n 
A 1 56  ALA 56  56  56  ALA ALA A . n 
A 1 57  GLN 57  57  57  GLN GLN A . n 
A 1 58  LEU 58  58  58  LEU LEU A . n 
A 1 59  LEU 59  59  59  LEU LEU A . n 
A 1 60  ASP 60  60  60  ASP ASP A . n 
A 1 61  TRP 61  61  61  TRP TRP A . n 
A 1 62  ILE 62  62  62  ILE ILE A . n 
A 1 63  HIS 63  63  63  HIS HIS A . n 
A 1 64  GLN 64  64  64  GLN GLN A . n 
A 1 65  ALA 65  65  65  ALA ALA A . n 
A 1 66  ALA 66  66  66  ALA ALA A . n 
A 1 67  ASP 67  67  67  ASP ASP A . n 
A 1 68  ALA 68  68  68  ALA ALA A . n 
A 1 69  ALA 69  69  69  ALA ALA A . n 
A 1 70  GLU 70  70  70  GLU GLU A . n 
A 1 71  PRO 71  71  71  PRO PRO A . n 
A 1 72  VAL 72  72  72  VAL VAL A . n 
A 1 73  ILE 73  73  73  ILE ILE A . n 
A 1 74  LEU 74  74  74  LEU LEU A . n 
A 1 75  ASN 75  75  75  ASN ASN A . n 
A 1 76  ALA 76  76  76  ALA ALA A . n 
A 1 77  GLY 77  77  77  GLY GLY A . n 
A 1 78  GLY 78  78  78  GLY GLY A . n 
A 1 79  LEU 79  79  79  LEU LEU A . n 
A 1 80  THR 80  80  80  THR THR A . n 
A 1 81  HIS 81  81  81  HIS HIS A . n 
A 1 82  THR 82  82  82  THR THR A . n 
A 1 83  SER 83  83  83  SER SER A . n 
A 1 84  VAL 84  84  84  VAL VAL A . n 
A 1 85  ALA 85  85  85  ALA ALA A . n 
A 1 86  LEU 86  86  86  LEU LEU A . n 
A 1 87  ARG 87  87  87  ARG ARG A . n 
A 1 88  ASP 88  88  88  ASP ASP A . n 
A 1 89  ALA 89  89  89  ALA ALA A . n 
A 1 90  CYS 90  90  90  CYS CYS A . n 
A 1 91  ALA 91  91  91  ALA ALA A . n 
A 1 92  GLU 92  92  92  GLU GLU A . n 
A 1 93  LEU 93  93  93  LEU LEU A . n 
A 1 94  SER 94  94  94  SER SER A . n 
A 1 95  ALA 95  95  95  ALA ALA A . n 
A 1 96  PRO 96  96  96  PRO PRO A . n 
A 1 97  LEU 97  97  97  LEU LEU A . n 
A 1 98  ILE 98  98  98  ILE ILE A . n 
A 1 99  GLU 99  99  99  GLU GLU A . n 
A 1 100 VAL 100 100 100 VAL VAL A . n 
A 1 101 HIS 101 101 101 HIS HIS A . n 
A 1 102 ILE 102 102 102 ILE ILE A . n 
A 1 103 SER 103 103 103 SER SER A . n 
A 1 104 ASN 104 104 104 ASN ASN A . n 
A 1 105 VAL 105 105 105 VAL VAL A . n 
A 1 106 HIS 106 106 106 HIS HIS A . n 
A 1 107 ALA 107 107 107 ALA ALA A . n 
A 1 108 ARG 108 108 108 ARG ARG A . n 
A 1 109 GLU 109 109 109 GLU GLU A . n 
A 1 110 GLU 110 110 110 GLU GLU A . n 
A 1 111 PHE 111 111 111 PHE PHE A . n 
A 1 112 ARG 112 112 112 ARG ARG A . n 
A 1 113 ARG 113 113 113 ARG ARG A . n 
A 1 114 HIS 114 114 114 HIS HIS A . n 
A 1 115 SER 115 115 115 SER SER A . n 
A 1 116 TYR 116 116 116 TYR TYR A . n 
A 1 117 LEU 117 117 117 LEU LEU A . n 
A 1 118 SER 118 118 118 SER SER A . n 
A 1 119 PRO 119 119 119 PRO PRO A . n 
A 1 120 ILE 120 120 120 ILE ILE A . n 
A 1 121 ALA 121 121 121 ALA ALA A . n 
A 1 122 THR 122 122 122 THR THR A . n 
A 1 123 GLY 123 123 123 GLY GLY A . n 
A 1 124 VAL 124 124 124 VAL VAL A . n 
A 1 125 ILE 125 125 125 ILE ILE A . n 
A 1 126 VAL 126 126 126 VAL VAL A . n 
A 1 127 GLY 127 127 127 GLY GLY A . n 
A 1 128 LEU 128 128 128 LEU LEU A . n 
A 1 129 GLY 129 129 129 GLY GLY A . n 
A 1 130 ILE 130 130 130 ILE ILE A . n 
A 1 131 GLN 131 131 131 GLN GLN A . n 
A 1 132 GLY 132 132 132 GLY GLY A . n 
A 1 133 TYR 133 133 133 TYR TYR A . n 
A 1 134 LEU 134 134 134 LEU LEU A . n 
A 1 135 LEU 135 135 135 LEU LEU A . n 
A 1 136 ALA 136 136 136 ALA ALA A . n 
A 1 137 LEU 137 137 137 LEU LEU A . n 
A 1 138 ARG 138 138 138 ARG ARG A . n 
A 1 139 TYR 139 139 139 TYR TYR A . n 
A 1 140 LEU 140 140 140 LEU LEU A . n 
A 1 141 ALA 141 141 141 ALA ALA A . n 
A 1 142 GLU 142 142 142 GLU GLU A . n 
A 1 143 HIS 143 143 ?   ?   ?   A . n 
A 1 144 VAL 144 144 ?   ?   ?   A . n 
A 1 145 GLY 145 145 ?   ?   ?   A . n 
A 1 146 THR 146 146 ?   ?   ?   A . n 
# 
loop_
_pdbx_nonpoly_scheme.asym_id 
_pdbx_nonpoly_scheme.entity_id 
_pdbx_nonpoly_scheme.mon_id 
_pdbx_nonpoly_scheme.ndb_seq_num 
_pdbx_nonpoly_scheme.pdb_seq_num 
_pdbx_nonpoly_scheme.auth_seq_num 
_pdbx_nonpoly_scheme.pdb_mon_id 
_pdbx_nonpoly_scheme.auth_mon_id 
_pdbx_nonpoly_scheme.pdb_strand_id 
_pdbx_nonpoly_scheme.pdb_ins_code 
B 2 9PY 1  1143 1143 9PY 9PY A . 
C 3 HOH 1  2001 2001 HOH HOH A . 
C 3 HOH 2  2002 2002 HOH HOH A . 
C 3 HOH 3  2003 2003 HOH HOH A . 
C 3 HOH 4  2004 2004 HOH HOH A . 
C 3 HOH 5  2005 2005 HOH HOH A . 
C 3 HOH 6  2006 2006 HOH HOH A . 
C 3 HOH 7  2007 2007 HOH HOH A . 
C 3 HOH 8  2008 2008 HOH HOH A . 
C 3 HOH 9  2009 2009 HOH HOH A . 
C 3 HOH 10 2010 2010 HOH HOH A . 
C 3 HOH 11 2011 2011 HOH HOH A . 
C 3 HOH 12 2012 2012 HOH HOH A . 
C 3 HOH 13 2013 2013 HOH HOH A . 
# 
_pdbx_struct_assembly.id                   1 
_pdbx_struct_assembly.details              author_and_software_defined_assembly 
_pdbx_struct_assembly.method_details       PISA 
_pdbx_struct_assembly.oligomeric_details   dodecameric 
_pdbx_struct_assembly.oligomeric_count     12 
# 
_pdbx_struct_assembly_gen.assembly_id       1 
_pdbx_struct_assembly_gen.oper_expression   1,2,3,4,5,6,7,8,9,10,11,12 
_pdbx_struct_assembly_gen.asym_id_list      A,B,C 
# 
loop_
_pdbx_struct_assembly_prop.biol_id 
_pdbx_struct_assembly_prop.type 
_pdbx_struct_assembly_prop.value 
_pdbx_struct_assembly_prop.details 
1 'ABSA (A^2)' 25690 ? 
1 MORE         -37.7 ? 
1 'SSA (A^2)'  53970 ? 
# 
loop_
_pdbx_struct_oper_list.id 
_pdbx_struct_oper_list.type 
_pdbx_struct_oper_list.name 
_pdbx_struct_oper_list.symmetry_operation 
_pdbx_struct_oper_list.matrix[1][1] 
_pdbx_struct_oper_list.matrix[1][2] 
_pdbx_struct_oper_list.matrix[1][3] 
_pdbx_struct_oper_list.vector[1] 
_pdbx_struct_oper_list.matrix[2][1] 
_pdbx_struct_oper_list.matrix[2][2] 
_pdbx_struct_oper_list.matrix[2][3] 
_pdbx_struct_oper_list.vector[2] 
_pdbx_struct_oper_list.matrix[3][1] 
_pdbx_struct_oper_list.matrix[3][2] 
_pdbx_struct_oper_list.matrix[3][3] 
_pdbx_struct_oper_list.vector[3] 
1  'identity operation'         1_555  x,y,z   1.0000000000  0.0000000000  0.0000000000  0.0000000000   0.0000000000  1.0000000000  0.0000000000  0.0000000000   0.0000000000  0.0000000000  1.0000000000  0.0000000000   
2  'crystal symmetry operation' 10_555 -y,z,-x -0.4161961947 -0.8839676571 0.2130303000  1.7674708949   0.7795742009  -0.4674895619 -0.4167944034 -46.4939268148 0.4680222139  -0.0073953188 0.8836857567  -7.5616830972  
3  'crystal symmetry operation' 6_555  z,-x,-y -0.4488671299 -0.4012104585 -0.7984663222 -12.0362682892 -0.1365396301 0.9138418062  -0.3824265716 -9.2688116513  0.8831054462  -0.0626364213 -0.4649746763 -44.3459977274 
4  'crystal symmetry operation' 2_555  -x,-y,z -0.9959851194 0.0639171502  0.0626756711  22.7549943376  0.0639171502  0.0175650407  0.9978006150  3.3204859953   0.0626756711  0.9978006150  -0.0215799212 -4.8438984564  
5  'crystal symmetry operation' 5_555  z,x,y   0.3713763402  -0.8324477731 -0.4112302505 -19.7147612107 0.1704327618  -0.3742610239 0.9115269385  -7.4889357624  -0.9127060248 -0.4086066458 0.0028846837  -22.2066315423 
6  'crystal symmetry operation' 3_555  -x,y,-z -0.4996565071 0.5902506396  -0.6339933418 11.8619711106  0.5902506396  -0.3036867223 -0.7479161431 -49.1064469874 -0.6339933418 -0.7479161431 -0.1966567706 -36.3569302163 
7  'crystal symmetry operation' 12_555 -y,-z,x -0.4488671299 -0.1365396301 0.8831054462  32.4939467947  -0.4012104585 0.9138418062  -0.0626364213 0.8634762653   -0.7984663222 -0.3824265716 -0.4649746763 -33.7749606756 
8  'crystal symmetry operation' 4_555  x,-y,-z 0.4956416265  -0.6541677898 0.5713176707  5.5232084736   -0.6541677898 -0.7138783184 -0.2498844718 -33.0608546827 0.5713176707  -0.2498844718 -0.7817633081 -52.3143047694 
9  'crystal symmetry operation' 9_555  y,z,x   0.3713763402  0.1704327618  -0.9127060248 -11.6701705268 -0.8324477731 -0.3742610239 -0.4086066458 -28.2881030628 -0.4112302505 0.9115269385  0.0028846837  -1.2168803945  
10 'crystal symmetry operation' 7_555  -z,-x,y -0.4161961947 0.7795742009  0.4680222139  40.5201161697  -0.8839676571 -0.4674895619 -0.0073953188 -20.2289594299 0.2130303000  -0.4167944034 0.8836857567  -13.0727816956 
11 'crystal symmetry operation' 11_555 y,-z,-x 0.4936869844  0.8500745254  -0.1834297215 17.5489267588  0.4540840307  -0.0720912203 0.8880374705  -4.9282620626  0.7416743588  -0.5217050481 -0.4215957641 -50.9616092748 
12 'crystal symmetry operation' 8_555  -z,x,-y 0.4936869844  0.4540840307  0.7416743588  31.3710872520  0.8500745254  -0.0720912203 -0.5217050481 -41.8601088313 -0.1834297215 0.8880374705  -0.4215957641 -13.8897224767 
# 
_pdbx_struct_special_symmetry.id              1 
_pdbx_struct_special_symmetry.PDB_model_num   1 
_pdbx_struct_special_symmetry.auth_asym_id    A 
_pdbx_struct_special_symmetry.auth_comp_id    HOH 
_pdbx_struct_special_symmetry.auth_seq_id     2006 
_pdbx_struct_special_symmetry.PDB_ins_code    ? 
_pdbx_struct_special_symmetry.label_asym_id   C 
_pdbx_struct_special_symmetry.label_comp_id   HOH 
_pdbx_struct_special_symmetry.label_seq_id    . 
# 
loop_
_pdbx_audit_revision_history.ordinal 
_pdbx_audit_revision_history.data_content_type 
_pdbx_audit_revision_history.major_revision 
_pdbx_audit_revision_history.minor_revision 
_pdbx_audit_revision_history.revision_date 
1 'Structure model' 1 0 2015-03-25 
2 'Structure model' 1 1 2018-01-24 
3 'Structure model' 1 2 2023-12-20 
# 
_pdbx_audit_revision_details.ordinal             1 
_pdbx_audit_revision_details.revision_ordinal    1 
_pdbx_audit_revision_details.data_content_type   'Structure model' 
_pdbx_audit_revision_details.provider            repository 
_pdbx_audit_revision_details.type                'Initial release' 
_pdbx_audit_revision_details.description         ? 
_pdbx_audit_revision_details.details             ? 
# 
loop_
_pdbx_audit_revision_group.ordinal 
_pdbx_audit_revision_group.revision_ordinal 
_pdbx_audit_revision_group.data_content_type 
_pdbx_audit_revision_group.group 
1 2 'Structure model' 'Database references'    
2 3 'Structure model' 'Data collection'        
3 3 'Structure model' 'Database references'    
4 3 'Structure model' 'Derived calculations'   
5 3 'Structure model' Other                    
6 3 'Structure model' 'Refinement description' 
# 
loop_
_pdbx_audit_revision_category.ordinal 
_pdbx_audit_revision_category.revision_ordinal 
_pdbx_audit_revision_category.data_content_type 
_pdbx_audit_revision_category.category 
1 2 'Structure model' citation_author               
2 3 'Structure model' chem_comp_atom                
3 3 'Structure model' chem_comp_bond                
4 3 'Structure model' database_2                    
5 3 'Structure model' pdbx_database_status          
6 3 'Structure model' pdbx_initial_refinement_model 
7 3 'Structure model' struct_site                   
# 
loop_
_pdbx_audit_revision_item.ordinal 
_pdbx_audit_revision_item.revision_ordinal 
_pdbx_audit_revision_item.data_content_type 
_pdbx_audit_revision_item.item 
1 2 'Structure model' '_citation_author.name'                
2 3 'Structure model' '_database_2.pdbx_DOI'                 
3 3 'Structure model' '_database_2.pdbx_database_accession'  
4 3 'Structure model' '_pdbx_database_status.status_code_sf' 
5 3 'Structure model' '_struct_site.pdbx_auth_asym_id'       
6 3 'Structure model' '_struct_site.pdbx_auth_comp_id'       
7 3 'Structure model' '_struct_site.pdbx_auth_seq_id'        
# 
loop_
_software.name 
_software.classification 
_software.version 
_software.citation_id 
_software.pdbx_ordinal 
REFMAC refinement       5.7.0029 ? 1 
XDS    'data reduction' .        ? 2 
SCALE  'data scaling'   .        ? 3 
MOLREP phasing          .        ? 4 
# 
loop_
_pdbx_database_remark.id 
_pdbx_database_remark.text 
650 
;
HELIX
DETERMINATION METHOD: AUTHOR PROVIDED.
;
700 
;
SHEET
DETERMINATION METHOD: AUTHOR PROVIDED.
;
# 
loop_
_pdbx_validate_torsion.id 
_pdbx_validate_torsion.PDB_model_num 
_pdbx_validate_torsion.auth_comp_id 
_pdbx_validate_torsion.auth_asym_id 
_pdbx_validate_torsion.auth_seq_id 
_pdbx_validate_torsion.PDB_ins_code 
_pdbx_validate_torsion.label_alt_id 
_pdbx_validate_torsion.phi 
_pdbx_validate_torsion.psi 
1 1 GLU A 20  ? ? -0.26   87.97   
2 1 GLU A 20  ? ? 11.29   79.30   
3 1 ARG A 108 ? ? -128.32 -154.65 
# 
loop_
_pdbx_unobs_or_zero_occ_atoms.id 
_pdbx_unobs_or_zero_occ_atoms.PDB_model_num 
_pdbx_unobs_or_zero_occ_atoms.polymer_flag 
_pdbx_unobs_or_zero_occ_atoms.occupancy_flag 
_pdbx_unobs_or_zero_occ_atoms.auth_asym_id 
_pdbx_unobs_or_zero_occ_atoms.auth_comp_id 
_pdbx_unobs_or_zero_occ_atoms.auth_seq_id 
_pdbx_unobs_or_zero_occ_atoms.PDB_ins_code 
_pdbx_unobs_or_zero_occ_atoms.auth_atom_id 
_pdbx_unobs_or_zero_occ_atoms.label_alt_id 
_pdbx_unobs_or_zero_occ_atoms.label_asym_id 
_pdbx_unobs_or_zero_occ_atoms.label_comp_id 
_pdbx_unobs_or_zero_occ_atoms.label_seq_id 
_pdbx_unobs_or_zero_occ_atoms.label_atom_id 
1  1 Y 1 A ARG 18 ? CG  ? A ARG 18 CG  
2  1 Y 1 A ARG 18 ? CD  ? A ARG 18 CD  
3  1 Y 1 A ARG 18 ? NE  ? A ARG 18 NE  
4  1 Y 1 A ARG 18 ? CZ  ? A ARG 18 CZ  
5  1 Y 1 A ARG 18 ? NH1 ? A ARG 18 NH1 
6  1 Y 1 A ARG 18 ? NH2 ? A ARG 18 NH2 
7  1 Y 1 A GLU 42 ? CG  ? A GLU 42 CG  
8  1 Y 1 A GLU 42 ? CD  ? A GLU 42 CD  
9  1 Y 1 A GLU 42 ? OE1 ? A GLU 42 OE1 
10 1 Y 1 A GLU 42 ? OE2 ? A GLU 42 OE2 
# 
loop_
_pdbx_unobs_or_zero_occ_residues.id 
_pdbx_unobs_or_zero_occ_residues.PDB_model_num 
_pdbx_unobs_or_zero_occ_residues.polymer_flag 
_pdbx_unobs_or_zero_occ_residues.occupancy_flag 
_pdbx_unobs_or_zero_occ_residues.auth_asym_id 
_pdbx_unobs_or_zero_occ_residues.auth_comp_id 
_pdbx_unobs_or_zero_occ_residues.auth_seq_id 
_pdbx_unobs_or_zero_occ_residues.PDB_ins_code 
_pdbx_unobs_or_zero_occ_residues.label_asym_id 
_pdbx_unobs_or_zero_occ_residues.label_comp_id 
_pdbx_unobs_or_zero_occ_residues.label_seq_id 
1 1 Y 1 A SER 1   ? A SER 1   
2 1 Y 1 A GLU 2   ? A GLU 2   
3 1 Y 1 A HIS 143 ? A HIS 143 
4 1 Y 1 A VAL 144 ? A VAL 144 
5 1 Y 1 A GLY 145 ? A GLY 145 
6 1 Y 1 A THR 146 ? A THR 146 
# 
loop_
_chem_comp_atom.comp_id 
_chem_comp_atom.atom_id 
_chem_comp_atom.type_symbol 
_chem_comp_atom.pdbx_aromatic_flag 
_chem_comp_atom.pdbx_stereo_config 
_chem_comp_atom.pdbx_ordinal 
9PY OAB  O N N 1   
9PY CAI  C N N 2   
9PY OAD  O N N 3   
9PY CAN  C N R 4   
9PY OAG  O N N 5   
9PY CAH  C N N 6   
9PY CAL  C N R 7   
9PY OAE  O N N 8   
9PY CAM  C N S 9   
9PY OAF  O N N 10  
9PY CAJ  C N N 11  
9PY OAC  O N N 12  
9PY CAK  C N R 13  
9PY CAA  C N N 14  
9PY HAD  H N N 15  
9PY HAG  H N N 16  
9PY HAH1 H N N 17  
9PY HAH2 H N N 18  
9PY HAK  H N N 19  
9PY HAL  H N N 20  
9PY HAE  H N N 21  
9PY HAM  H N N 22  
9PY HAF  H N N 23  
9PY HAA1 H N N 24  
9PY HAA2 H N N 25  
9PY HAA3 H N N 26  
ALA N    N N N 27  
ALA CA   C N S 28  
ALA C    C N N 29  
ALA O    O N N 30  
ALA CB   C N N 31  
ALA OXT  O N N 32  
ALA H    H N N 33  
ALA H2   H N N 34  
ALA HA   H N N 35  
ALA HB1  H N N 36  
ALA HB2  H N N 37  
ALA HB3  H N N 38  
ALA HXT  H N N 39  
ARG N    N N N 40  
ARG CA   C N S 41  
ARG C    C N N 42  
ARG O    O N N 43  
ARG CB   C N N 44  
ARG CG   C N N 45  
ARG CD   C N N 46  
ARG NE   N N N 47  
ARG CZ   C N N 48  
ARG NH1  N N N 49  
ARG NH2  N N N 50  
ARG OXT  O N N 51  
ARG H    H N N 52  
ARG H2   H N N 53  
ARG HA   H N N 54  
ARG HB2  H N N 55  
ARG HB3  H N N 56  
ARG HG2  H N N 57  
ARG HG3  H N N 58  
ARG HD2  H N N 59  
ARG HD3  H N N 60  
ARG HE   H N N 61  
ARG HH11 H N N 62  
ARG HH12 H N N 63  
ARG HH21 H N N 64  
ARG HH22 H N N 65  
ARG HXT  H N N 66  
ASN N    N N N 67  
ASN CA   C N S 68  
ASN C    C N N 69  
ASN O    O N N 70  
ASN CB   C N N 71  
ASN CG   C N N 72  
ASN OD1  O N N 73  
ASN ND2  N N N 74  
ASN OXT  O N N 75  
ASN H    H N N 76  
ASN H2   H N N 77  
ASN HA   H N N 78  
ASN HB2  H N N 79  
ASN HB3  H N N 80  
ASN HD21 H N N 81  
ASN HD22 H N N 82  
ASN HXT  H N N 83  
ASP N    N N N 84  
ASP CA   C N S 85  
ASP C    C N N 86  
ASP O    O N N 87  
ASP CB   C N N 88  
ASP CG   C N N 89  
ASP OD1  O N N 90  
ASP OD2  O N N 91  
ASP OXT  O N N 92  
ASP H    H N N 93  
ASP H2   H N N 94  
ASP HA   H N N 95  
ASP HB2  H N N 96  
ASP HB3  H N N 97  
ASP HD2  H N N 98  
ASP HXT  H N N 99  
CYS N    N N N 100 
CYS CA   C N R 101 
CYS C    C N N 102 
CYS O    O N N 103 
CYS CB   C N N 104 
CYS SG   S N N 105 
CYS OXT  O N N 106 
CYS H    H N N 107 
CYS H2   H N N 108 
CYS HA   H N N 109 
CYS HB2  H N N 110 
CYS HB3  H N N 111 
CYS HG   H N N 112 
CYS HXT  H N N 113 
GLN N    N N N 114 
GLN CA   C N S 115 
GLN C    C N N 116 
GLN O    O N N 117 
GLN CB   C N N 118 
GLN CG   C N N 119 
GLN CD   C N N 120 
GLN OE1  O N N 121 
GLN NE2  N N N 122 
GLN OXT  O N N 123 
GLN H    H N N 124 
GLN H2   H N N 125 
GLN HA   H N N 126 
GLN HB2  H N N 127 
GLN HB3  H N N 128 
GLN HG2  H N N 129 
GLN HG3  H N N 130 
GLN HE21 H N N 131 
GLN HE22 H N N 132 
GLN HXT  H N N 133 
GLU N    N N N 134 
GLU CA   C N S 135 
GLU C    C N N 136 
GLU O    O N N 137 
GLU CB   C N N 138 
GLU CG   C N N 139 
GLU CD   C N N 140 
GLU OE1  O N N 141 
GLU OE2  O N N 142 
GLU OXT  O N N 143 
GLU H    H N N 144 
GLU H2   H N N 145 
GLU HA   H N N 146 
GLU HB2  H N N 147 
GLU HB3  H N N 148 
GLU HG2  H N N 149 
GLU HG3  H N N 150 
GLU HE2  H N N 151 
GLU HXT  H N N 152 
GLY N    N N N 153 
GLY CA   C N N 154 
GLY C    C N N 155 
GLY O    O N N 156 
GLY OXT  O N N 157 
GLY H    H N N 158 
GLY H2   H N N 159 
GLY HA2  H N N 160 
GLY HA3  H N N 161 
GLY HXT  H N N 162 
HIS N    N N N 163 
HIS CA   C N S 164 
HIS C    C N N 165 
HIS O    O N N 166 
HIS CB   C N N 167 
HIS CG   C Y N 168 
HIS ND1  N Y N 169 
HIS CD2  C Y N 170 
HIS CE1  C Y N 171 
HIS NE2  N Y N 172 
HIS OXT  O N N 173 
HIS H    H N N 174 
HIS H2   H N N 175 
HIS HA   H N N 176 
HIS HB2  H N N 177 
HIS HB3  H N N 178 
HIS HD1  H N N 179 
HIS HD2  H N N 180 
HIS HE1  H N N 181 
HIS HE2  H N N 182 
HIS HXT  H N N 183 
HOH O    O N N 184 
HOH H1   H N N 185 
HOH H2   H N N 186 
ILE N    N N N 187 
ILE CA   C N S 188 
ILE C    C N N 189 
ILE O    O N N 190 
ILE CB   C N S 191 
ILE CG1  C N N 192 
ILE CG2  C N N 193 
ILE CD1  C N N 194 
ILE OXT  O N N 195 
ILE H    H N N 196 
ILE H2   H N N 197 
ILE HA   H N N 198 
ILE HB   H N N 199 
ILE HG12 H N N 200 
ILE HG13 H N N 201 
ILE HG21 H N N 202 
ILE HG22 H N N 203 
ILE HG23 H N N 204 
ILE HD11 H N N 205 
ILE HD12 H N N 206 
ILE HD13 H N N 207 
ILE HXT  H N N 208 
LEU N    N N N 209 
LEU CA   C N S 210 
LEU C    C N N 211 
LEU O    O N N 212 
LEU CB   C N N 213 
LEU CG   C N N 214 
LEU CD1  C N N 215 
LEU CD2  C N N 216 
LEU OXT  O N N 217 
LEU H    H N N 218 
LEU H2   H N N 219 
LEU HA   H N N 220 
LEU HB2  H N N 221 
LEU HB3  H N N 222 
LEU HG   H N N 223 
LEU HD11 H N N 224 
LEU HD12 H N N 225 
LEU HD13 H N N 226 
LEU HD21 H N N 227 
LEU HD22 H N N 228 
LEU HD23 H N N 229 
LEU HXT  H N N 230 
LYS N    N N N 231 
LYS CA   C N S 232 
LYS C    C N N 233 
LYS O    O N N 234 
LYS CB   C N N 235 
LYS CG   C N N 236 
LYS CD   C N N 237 
LYS CE   C N N 238 
LYS NZ   N N N 239 
LYS OXT  O N N 240 
LYS H    H N N 241 
LYS H2   H N N 242 
LYS HA   H N N 243 
LYS HB2  H N N 244 
LYS HB3  H N N 245 
LYS HG2  H N N 246 
LYS HG3  H N N 247 
LYS HD2  H N N 248 
LYS HD3  H N N 249 
LYS HE2  H N N 250 
LYS HE3  H N N 251 
LYS HZ1  H N N 252 
LYS HZ2  H N N 253 
LYS HZ3  H N N 254 
LYS HXT  H N N 255 
PHE N    N N N 256 
PHE CA   C N S 257 
PHE C    C N N 258 
PHE O    O N N 259 
PHE CB   C N N 260 
PHE CG   C Y N 261 
PHE CD1  C Y N 262 
PHE CD2  C Y N 263 
PHE CE1  C Y N 264 
PHE CE2  C Y N 265 
PHE CZ   C Y N 266 
PHE OXT  O N N 267 
PHE H    H N N 268 
PHE H2   H N N 269 
PHE HA   H N N 270 
PHE HB2  H N N 271 
PHE HB3  H N N 272 
PHE HD1  H N N 273 
PHE HD2  H N N 274 
PHE HE1  H N N 275 
PHE HE2  H N N 276 
PHE HZ   H N N 277 
PHE HXT  H N N 278 
PRO N    N N N 279 
PRO CA   C N S 280 
PRO C    C N N 281 
PRO O    O N N 282 
PRO CB   C N N 283 
PRO CG   C N N 284 
PRO CD   C N N 285 
PRO OXT  O N N 286 
PRO H    H N N 287 
PRO HA   H N N 288 
PRO HB2  H N N 289 
PRO HB3  H N N 290 
PRO HG2  H N N 291 
PRO HG3  H N N 292 
PRO HD2  H N N 293 
PRO HD3  H N N 294 
PRO HXT  H N N 295 
SER N    N N N 296 
SER CA   C N S 297 
SER C    C N N 298 
SER O    O N N 299 
SER CB   C N N 300 
SER OG   O N N 301 
SER OXT  O N N 302 
SER H    H N N 303 
SER H2   H N N 304 
SER HA   H N N 305 
SER HB2  H N N 306 
SER HB3  H N N 307 
SER HG   H N N 308 
SER HXT  H N N 309 
THR N    N N N 310 
THR CA   C N S 311 
THR C    C N N 312 
THR O    O N N 313 
THR CB   C N R 314 
THR OG1  O N N 315 
THR CG2  C N N 316 
THR OXT  O N N 317 
THR H    H N N 318 
THR H2   H N N 319 
THR HA   H N N 320 
THR HB   H N N 321 
THR HG1  H N N 322 
THR HG21 H N N 323 
THR HG22 H N N 324 
THR HG23 H N N 325 
THR HXT  H N N 326 
TRP N    N N N 327 
TRP CA   C N S 328 
TRP C    C N N 329 
TRP O    O N N 330 
TRP CB   C N N 331 
TRP CG   C Y N 332 
TRP CD1  C Y N 333 
TRP CD2  C Y N 334 
TRP NE1  N Y N 335 
TRP CE2  C Y N 336 
TRP CE3  C Y N 337 
TRP CZ2  C Y N 338 
TRP CZ3  C Y N 339 
TRP CH2  C Y N 340 
TRP OXT  O N N 341 
TRP H    H N N 342 
TRP H2   H N N 343 
TRP HA   H N N 344 
TRP HB2  H N N 345 
TRP HB3  H N N 346 
TRP HD1  H N N 347 
TRP HE1  H N N 348 
TRP HE3  H N N 349 
TRP HZ2  H N N 350 
TRP HZ3  H N N 351 
TRP HH2  H N N 352 
TRP HXT  H N N 353 
TYR N    N N N 354 
TYR CA   C N S 355 
TYR C    C N N 356 
TYR O    O N N 357 
TYR CB   C N N 358 
TYR CG   C Y N 359 
TYR CD1  C Y N 360 
TYR CD2  C Y N 361 
TYR CE1  C Y N 362 
TYR CE2  C Y N 363 
TYR CZ   C Y N 364 
TYR OH   O N N 365 
TYR OXT  O N N 366 
TYR H    H N N 367 
TYR H2   H N N 368 
TYR HA   H N N 369 
TYR HB2  H N N 370 
TYR HB3  H N N 371 
TYR HD1  H N N 372 
TYR HD2  H N N 373 
TYR HE1  H N N 374 
TYR HE2  H N N 375 
TYR HH   H N N 376 
TYR HXT  H N N 377 
VAL N    N N N 378 
VAL CA   C N S 379 
VAL C    C N N 380 
VAL O    O N N 381 
VAL CB   C N N 382 
VAL CG1  C N N 383 
VAL CG2  C N N 384 
VAL OXT  O N N 385 
VAL H    H N N 386 
VAL H2   H N N 387 
VAL HA   H N N 388 
VAL HB   H N N 389 
VAL HG11 H N N 390 
VAL HG12 H N N 391 
VAL HG13 H N N 392 
VAL HG21 H N N 393 
VAL HG22 H N N 394 
VAL HG23 H N N 395 
VAL HXT  H N N 396 
# 
loop_
_chem_comp_bond.comp_id 
_chem_comp_bond.atom_id_1 
_chem_comp_bond.atom_id_2 
_chem_comp_bond.value_order 
_chem_comp_bond.pdbx_aromatic_flag 
_chem_comp_bond.pdbx_stereo_config 
_chem_comp_bond.pdbx_ordinal 
9PY OAB CAI  doub N N 1   
9PY CAI OAD  sing N N 2   
9PY CAI CAN  sing N N 3   
9PY CAN OAG  sing N N 4   
9PY CAN CAH  sing N N 5   
9PY CAN CAK  sing N N 6   
9PY CAH CAL  sing N N 7   
9PY CAL OAE  sing N N 8   
9PY CAL CAM  sing N N 9   
9PY CAM OAF  sing N N 10  
9PY CAM CAJ  sing N N 11  
9PY CAJ OAC  doub N N 12  
9PY CAJ CAK  sing N N 13  
9PY CAK CAA  sing N N 14  
9PY OAD HAD  sing N N 15  
9PY OAG HAG  sing N N 16  
9PY CAH HAH1 sing N N 17  
9PY CAH HAH2 sing N N 18  
9PY CAK HAK  sing N N 19  
9PY CAL HAL  sing N N 20  
9PY OAE HAE  sing N N 21  
9PY CAM HAM  sing N N 22  
9PY OAF HAF  sing N N 23  
9PY CAA HAA1 sing N N 24  
9PY CAA HAA2 sing N N 25  
9PY CAA HAA3 sing N N 26  
ALA N   CA   sing N N 27  
ALA N   H    sing N N 28  
ALA N   H2   sing N N 29  
ALA CA  C    sing N N 30  
ALA CA  CB   sing N N 31  
ALA CA  HA   sing N N 32  
ALA C   O    doub N N 33  
ALA C   OXT  sing N N 34  
ALA CB  HB1  sing N N 35  
ALA CB  HB2  sing N N 36  
ALA CB  HB3  sing N N 37  
ALA OXT HXT  sing N N 38  
ARG N   CA   sing N N 39  
ARG N   H    sing N N 40  
ARG N   H2   sing N N 41  
ARG CA  C    sing N N 42  
ARG CA  CB   sing N N 43  
ARG CA  HA   sing N N 44  
ARG C   O    doub N N 45  
ARG C   OXT  sing N N 46  
ARG CB  CG   sing N N 47  
ARG CB  HB2  sing N N 48  
ARG CB  HB3  sing N N 49  
ARG CG  CD   sing N N 50  
ARG CG  HG2  sing N N 51  
ARG CG  HG3  sing N N 52  
ARG CD  NE   sing N N 53  
ARG CD  HD2  sing N N 54  
ARG CD  HD3  sing N N 55  
ARG NE  CZ   sing N N 56  
ARG NE  HE   sing N N 57  
ARG CZ  NH1  sing N N 58  
ARG CZ  NH2  doub N N 59  
ARG NH1 HH11 sing N N 60  
ARG NH1 HH12 sing N N 61  
ARG NH2 HH21 sing N N 62  
ARG NH2 HH22 sing N N 63  
ARG OXT HXT  sing N N 64  
ASN N   CA   sing N N 65  
ASN N   H    sing N N 66  
ASN N   H2   sing N N 67  
ASN CA  C    sing N N 68  
ASN CA  CB   sing N N 69  
ASN CA  HA   sing N N 70  
ASN C   O    doub N N 71  
ASN C   OXT  sing N N 72  
ASN CB  CG   sing N N 73  
ASN CB  HB2  sing N N 74  
ASN CB  HB3  sing N N 75  
ASN CG  OD1  doub N N 76  
ASN CG  ND2  sing N N 77  
ASN ND2 HD21 sing N N 78  
ASN ND2 HD22 sing N N 79  
ASN OXT HXT  sing N N 80  
ASP N   CA   sing N N 81  
ASP N   H    sing N N 82  
ASP N   H2   sing N N 83  
ASP CA  C    sing N N 84  
ASP CA  CB   sing N N 85  
ASP CA  HA   sing N N 86  
ASP C   O    doub N N 87  
ASP C   OXT  sing N N 88  
ASP CB  CG   sing N N 89  
ASP CB  HB2  sing N N 90  
ASP CB  HB3  sing N N 91  
ASP CG  OD1  doub N N 92  
ASP CG  OD2  sing N N 93  
ASP OD2 HD2  sing N N 94  
ASP OXT HXT  sing N N 95  
CYS N   CA   sing N N 96  
CYS N   H    sing N N 97  
CYS N   H2   sing N N 98  
CYS CA  C    sing N N 99  
CYS CA  CB   sing N N 100 
CYS CA  HA   sing N N 101 
CYS C   O    doub N N 102 
CYS C   OXT  sing N N 103 
CYS CB  SG   sing N N 104 
CYS CB  HB2  sing N N 105 
CYS CB  HB3  sing N N 106 
CYS SG  HG   sing N N 107 
CYS OXT HXT  sing N N 108 
GLN N   CA   sing N N 109 
GLN N   H    sing N N 110 
GLN N   H2   sing N N 111 
GLN CA  C    sing N N 112 
GLN CA  CB   sing N N 113 
GLN CA  HA   sing N N 114 
GLN C   O    doub N N 115 
GLN C   OXT  sing N N 116 
GLN CB  CG   sing N N 117 
GLN CB  HB2  sing N N 118 
GLN CB  HB3  sing N N 119 
GLN CG  CD   sing N N 120 
GLN CG  HG2  sing N N 121 
GLN CG  HG3  sing N N 122 
GLN CD  OE1  doub N N 123 
GLN CD  NE2  sing N N 124 
GLN NE2 HE21 sing N N 125 
GLN NE2 HE22 sing N N 126 
GLN OXT HXT  sing N N 127 
GLU N   CA   sing N N 128 
GLU N   H    sing N N 129 
GLU N   H2   sing N N 130 
GLU CA  C    sing N N 131 
GLU CA  CB   sing N N 132 
GLU CA  HA   sing N N 133 
GLU C   O    doub N N 134 
GLU C   OXT  sing N N 135 
GLU CB  CG   sing N N 136 
GLU CB  HB2  sing N N 137 
GLU CB  HB3  sing N N 138 
GLU CG  CD   sing N N 139 
GLU CG  HG2  sing N N 140 
GLU CG  HG3  sing N N 141 
GLU CD  OE1  doub N N 142 
GLU CD  OE2  sing N N 143 
GLU OE2 HE2  sing N N 144 
GLU OXT HXT  sing N N 145 
GLY N   CA   sing N N 146 
GLY N   H    sing N N 147 
GLY N   H2   sing N N 148 
GLY CA  C    sing N N 149 
GLY CA  HA2  sing N N 150 
GLY CA  HA3  sing N N 151 
GLY C   O    doub N N 152 
GLY C   OXT  sing N N 153 
GLY OXT HXT  sing N N 154 
HIS N   CA   sing N N 155 
HIS N   H    sing N N 156 
HIS N   H2   sing N N 157 
HIS CA  C    sing N N 158 
HIS CA  CB   sing N N 159 
HIS CA  HA   sing N N 160 
HIS C   O    doub N N 161 
HIS C   OXT  sing N N 162 
HIS CB  CG   sing N N 163 
HIS CB  HB2  sing N N 164 
HIS CB  HB3  sing N N 165 
HIS CG  ND1  sing Y N 166 
HIS CG  CD2  doub Y N 167 
HIS ND1 CE1  doub Y N 168 
HIS ND1 HD1  sing N N 169 
HIS CD2 NE2  sing Y N 170 
HIS CD2 HD2  sing N N 171 
HIS CE1 NE2  sing Y N 172 
HIS CE1 HE1  sing N N 173 
HIS NE2 HE2  sing N N 174 
HIS OXT HXT  sing N N 175 
HOH O   H1   sing N N 176 
HOH O   H2   sing N N 177 
ILE N   CA   sing N N 178 
ILE N   H    sing N N 179 
ILE N   H2   sing N N 180 
ILE CA  C    sing N N 181 
ILE CA  CB   sing N N 182 
ILE CA  HA   sing N N 183 
ILE C   O    doub N N 184 
ILE C   OXT  sing N N 185 
ILE CB  CG1  sing N N 186 
ILE CB  CG2  sing N N 187 
ILE CB  HB   sing N N 188 
ILE CG1 CD1  sing N N 189 
ILE CG1 HG12 sing N N 190 
ILE CG1 HG13 sing N N 191 
ILE CG2 HG21 sing N N 192 
ILE CG2 HG22 sing N N 193 
ILE CG2 HG23 sing N N 194 
ILE CD1 HD11 sing N N 195 
ILE CD1 HD12 sing N N 196 
ILE CD1 HD13 sing N N 197 
ILE OXT HXT  sing N N 198 
LEU N   CA   sing N N 199 
LEU N   H    sing N N 200 
LEU N   H2   sing N N 201 
LEU CA  C    sing N N 202 
LEU CA  CB   sing N N 203 
LEU CA  HA   sing N N 204 
LEU C   O    doub N N 205 
LEU C   OXT  sing N N 206 
LEU CB  CG   sing N N 207 
LEU CB  HB2  sing N N 208 
LEU CB  HB3  sing N N 209 
LEU CG  CD1  sing N N 210 
LEU CG  CD2  sing N N 211 
LEU CG  HG   sing N N 212 
LEU CD1 HD11 sing N N 213 
LEU CD1 HD12 sing N N 214 
LEU CD1 HD13 sing N N 215 
LEU CD2 HD21 sing N N 216 
LEU CD2 HD22 sing N N 217 
LEU CD2 HD23 sing N N 218 
LEU OXT HXT  sing N N 219 
LYS N   CA   sing N N 220 
LYS N   H    sing N N 221 
LYS N   H2   sing N N 222 
LYS CA  C    sing N N 223 
LYS CA  CB   sing N N 224 
LYS CA  HA   sing N N 225 
LYS C   O    doub N N 226 
LYS C   OXT  sing N N 227 
LYS CB  CG   sing N N 228 
LYS CB  HB2  sing N N 229 
LYS CB  HB3  sing N N 230 
LYS CG  CD   sing N N 231 
LYS CG  HG2  sing N N 232 
LYS CG  HG3  sing N N 233 
LYS CD  CE   sing N N 234 
LYS CD  HD2  sing N N 235 
LYS CD  HD3  sing N N 236 
LYS CE  NZ   sing N N 237 
LYS CE  HE2  sing N N 238 
LYS CE  HE3  sing N N 239 
LYS NZ  HZ1  sing N N 240 
LYS NZ  HZ2  sing N N 241 
LYS NZ  HZ3  sing N N 242 
LYS OXT HXT  sing N N 243 
PHE N   CA   sing N N 244 
PHE N   H    sing N N 245 
PHE N   H2   sing N N 246 
PHE CA  C    sing N N 247 
PHE CA  CB   sing N N 248 
PHE CA  HA   sing N N 249 
PHE C   O    doub N N 250 
PHE C   OXT  sing N N 251 
PHE CB  CG   sing N N 252 
PHE CB  HB2  sing N N 253 
PHE CB  HB3  sing N N 254 
PHE CG  CD1  doub Y N 255 
PHE CG  CD2  sing Y N 256 
PHE CD1 CE1  sing Y N 257 
PHE CD1 HD1  sing N N 258 
PHE CD2 CE2  doub Y N 259 
PHE CD2 HD2  sing N N 260 
PHE CE1 CZ   doub Y N 261 
PHE CE1 HE1  sing N N 262 
PHE CE2 CZ   sing Y N 263 
PHE CE2 HE2  sing N N 264 
PHE CZ  HZ   sing N N 265 
PHE OXT HXT  sing N N 266 
PRO N   CA   sing N N 267 
PRO N   CD   sing N N 268 
PRO N   H    sing N N 269 
PRO CA  C    sing N N 270 
PRO CA  CB   sing N N 271 
PRO CA  HA   sing N N 272 
PRO C   O    doub N N 273 
PRO C   OXT  sing N N 274 
PRO CB  CG   sing N N 275 
PRO CB  HB2  sing N N 276 
PRO CB  HB3  sing N N 277 
PRO CG  CD   sing N N 278 
PRO CG  HG2  sing N N 279 
PRO CG  HG3  sing N N 280 
PRO CD  HD2  sing N N 281 
PRO CD  HD3  sing N N 282 
PRO OXT HXT  sing N N 283 
SER N   CA   sing N N 284 
SER N   H    sing N N 285 
SER N   H2   sing N N 286 
SER CA  C    sing N N 287 
SER CA  CB   sing N N 288 
SER CA  HA   sing N N 289 
SER C   O    doub N N 290 
SER C   OXT  sing N N 291 
SER CB  OG   sing N N 292 
SER CB  HB2  sing N N 293 
SER CB  HB3  sing N N 294 
SER OG  HG   sing N N 295 
SER OXT HXT  sing N N 296 
THR N   CA   sing N N 297 
THR N   H    sing N N 298 
THR N   H2   sing N N 299 
THR CA  C    sing N N 300 
THR CA  CB   sing N N 301 
THR CA  HA   sing N N 302 
THR C   O    doub N N 303 
THR C   OXT  sing N N 304 
THR CB  OG1  sing N N 305 
THR CB  CG2  sing N N 306 
THR CB  HB   sing N N 307 
THR OG1 HG1  sing N N 308 
THR CG2 HG21 sing N N 309 
THR CG2 HG22 sing N N 310 
THR CG2 HG23 sing N N 311 
THR OXT HXT  sing N N 312 
TRP N   CA   sing N N 313 
TRP N   H    sing N N 314 
TRP N   H2   sing N N 315 
TRP CA  C    sing N N 316 
TRP CA  CB   sing N N 317 
TRP CA  HA   sing N N 318 
TRP C   O    doub N N 319 
TRP C   OXT  sing N N 320 
TRP CB  CG   sing N N 321 
TRP CB  HB2  sing N N 322 
TRP CB  HB3  sing N N 323 
TRP CG  CD1  doub Y N 324 
TRP CG  CD2  sing Y N 325 
TRP CD1 NE1  sing Y N 326 
TRP CD1 HD1  sing N N 327 
TRP CD2 CE2  doub Y N 328 
TRP CD2 CE3  sing Y N 329 
TRP NE1 CE2  sing Y N 330 
TRP NE1 HE1  sing N N 331 
TRP CE2 CZ2  sing Y N 332 
TRP CE3 CZ3  doub Y N 333 
TRP CE3 HE3  sing N N 334 
TRP CZ2 CH2  doub Y N 335 
TRP CZ2 HZ2  sing N N 336 
TRP CZ3 CH2  sing Y N 337 
TRP CZ3 HZ3  sing N N 338 
TRP CH2 HH2  sing N N 339 
TRP OXT HXT  sing N N 340 
TYR N   CA   sing N N 341 
TYR N   H    sing N N 342 
TYR N   H2   sing N N 343 
TYR CA  C    sing N N 344 
TYR CA  CB   sing N N 345 
TYR CA  HA   sing N N 346 
TYR C   O    doub N N 347 
TYR C   OXT  sing N N 348 
TYR CB  CG   sing N N 349 
TYR CB  HB2  sing N N 350 
TYR CB  HB3  sing N N 351 
TYR CG  CD1  doub Y N 352 
TYR CG  CD2  sing Y N 353 
TYR CD1 CE1  sing Y N 354 
TYR CD1 HD1  sing N N 355 
TYR CD2 CE2  doub Y N 356 
TYR CD2 HD2  sing N N 357 
TYR CE1 CZ   doub Y N 358 
TYR CE1 HE1  sing N N 359 
TYR CE2 CZ   sing Y N 360 
TYR CE2 HE2  sing N N 361 
TYR CZ  OH   sing N N 362 
TYR OH  HH   sing N N 363 
TYR OXT HXT  sing N N 364 
VAL N   CA   sing N N 365 
VAL N   H    sing N N 366 
VAL N   H2   sing N N 367 
VAL CA  C    sing N N 368 
VAL CA  CB   sing N N 369 
VAL CA  HA   sing N N 370 
VAL C   O    doub N N 371 
VAL C   OXT  sing N N 372 
VAL CB  CG1  sing N N 373 
VAL CB  CG2  sing N N 374 
VAL CB  HB   sing N N 375 
VAL CG1 HG11 sing N N 376 
VAL CG1 HG12 sing N N 377 
VAL CG1 HG13 sing N N 378 
VAL CG2 HG21 sing N N 379 
VAL CG2 HG22 sing N N 380 
VAL CG2 HG23 sing N N 381 
VAL OXT HXT  sing N N 382 
# 
loop_
_pdbx_entity_nonpoly.entity_id 
_pdbx_entity_nonpoly.name 
_pdbx_entity_nonpoly.comp_id 
2 '(2R)-2-METHYL-3-DEHYDROQUINIC ACID' 9PY 
3 water                                HOH 
# 
_pdbx_initial_refinement_model.id               1 
_pdbx_initial_refinement_model.entity_id_list   ? 
_pdbx_initial_refinement_model.type             'experimental model' 
_pdbx_initial_refinement_model.source_name      PDB 
_pdbx_initial_refinement_model.accession_code   2Y71 
_pdbx_initial_refinement_model.details          'PDB ENTRY 2Y71' 
# 
